data_8J8G
#
_entry.id   8J8G
#
_cell.length_a   1.00
_cell.length_b   1.00
_cell.length_c   1.00
_cell.angle_alpha   90.00
_cell.angle_beta   90.00
_cell.angle_gamma   90.00
#
_symmetry.space_group_name_H-M   'P 1'
#
loop_
_entity.id
_entity.type
_entity.pdbx_description
1 polymer 'DNA polymerase'
2 polymer E4R
3 polymer 'DNA polymerase processivity factor component A20'
4 polymer "DNA (5'-D(P*AP*GP*CP*TP*GP*CP*TP*AP*TP*GP*AP*GP*AP*TP*TP*AP*AP*GP*TP*TP*AP*T)-3')"
5 polymer "DNA (5'-D(P*GP*TP*TP*TP*TP*TP*TP*TP*TP*TP*TP*TP*TP*GP*AP*TP*AP*AP*CP*TP*TP*AP*AP*TP*CP*TP*CP*AP*CP*AP*TP*AP*GP*CP*AP*GP*CP*T)-3')"
6 non-polymer '[(2S)-1-(4-azanyl-2-oxidanylidene-pyrimidin-1-yl)-3-oxidanyl-propan-2-yl]oxymethyl-[oxidanyl(phosphonooxy)phosphoryl]oxy-phosphinic acid'
7 non-polymer 'CALCIUM ION'
#
loop_
_entity_poly.entity_id
_entity_poly.type
_entity_poly.pdbx_seq_one_letter_code
_entity_poly.pdbx_strand_id
1 'polypeptide(L)'
;MHHHHHHHHDYDIPTTENLYFQGMDVRCINWFESHGENRFLYLKSRCRNGETVFIRFPHYFYYVVTDEIYQSLSPPPFNA
RPMGKMRTIDIDETISYNLDIKDRKCSVADMWLIEEPKKRSIQNATMDEFFNISWFYISNGISPDGCYSLDEQYLTKINN
GCYHCDDPRNCFAKEIPRFDIPRSYLFLDIECHFDKKFPSVFINPISHTSYCYIDLSGKRLLFTLINEEMLTEQEIQEAV
DRGCLRIQSLMEMDYERELVLCSEIVLLRIAKQLLELTFDYVVTFNGHNFDLRYITNRLELLTGEKIIFRSPDKKEAVHL
CIYERNQSSHKGVCGMANTTFHVNNNNGTIFFDLYSFIQKSEKLDSYKLDSISKNAFSCMGKVLNRGVREMTFIGDDTTD
AKGKADTFAKVLTTGNYVTVDEDIICKVIRKDILENGFKVVLSCPTLPNDIYKLSFGKDDIDLAQMYKDYNLNIALDMAR
YCIHDACLCQYLWEYYGVETKTDAGAATYVLPQSMVFEYRASTIIKGPLLKLLLETKTILVRSETKQKFPYEGGKVFAPK
QKMFSNNVLIFDYNSLYPNVCIFGNLSPETLVGVVVSTNRLEEEINNQLLLQKYPPPRYITVHCEPRLPNLISEIAIFDR
SIEGTIPRLLRTFLAERARYKKMLKQATSSTEKAIYDSMQYTYKIVANSVYGLMGFRNSALYSYASAKSCTSIGRRMILY
LESVLNGAELSNGMLRFANTLSNPFYMDDRDINPIVKTSLPIDYRFRFRSVYGDTDSVFTEIDSQDVDKSIEIAKELERL
INSRVLFNNFKIEFEAVYKNLIMQSKKKYTTMKYSASSNSKSVPERINKGTSETRRDVSKFHKNMIKTYKTRLSEMLSEG
RMNSNQVCIDILRSLETDLRSEFDSRSSPLELFMLSRMHHSNYKSADNPNMYLVTEYNKNNPETIELGERYYFAYICPAN
VPWTKKLVNIKTYETIIDRSFKLGSNQRIFYEVYFKRLTSEIVNLLDNKVLCISFFQRMFGSRPTFYEA
;
A
2 'polypeptide(L)'
;MHHHHHHDYDIPTTENLYFQGASMNSVTISHAPYTITYHDDWEPVMSQLVEFYNEVASWLLRDETSPIPDKFFIQLKQPL
RNKRVCVCGIDPYPKDGTGVPFESPNFTKKSIKEIASSISRLTGVIDYKGYNLNIIDGVIPWNYYLSCKLGETKSHAIYW
DKISKLLLQHITKHVSVLYCLGKTDFSNIRAKLESPVTTIVGYHPAARDHQFEKDRSFEIINVLLELDNKTPINWAQGFI
Y
;
B
3 'polypeptide(L)'
;MTSSADLTNLKELLSLYKSLRFSDSVAIEKYNSLVEWGTSTYWKIGVQKVTNVETSISDYYDEVKNKPFNIDPGYYIFLP
VYFGSVFIYSKGKNMVELGSGNSFQIPDEIRSACNKVLDSDNGIDFLRFVLLNNRWIMEDAISKYQSPVNIFKLASEYGL
NIPNYLEIEIEEDTLFDDELYSIMERSFDDTFPKISISYIKLGELKRQVVDFFKFSFMYIESIKVDRIGDNIFIPSVITK
SGKKILVKDVDHLIRSKVREHTFVKVKKKNTFSILYDYDGNGTETRGEVIKRIIDTIGRDYYVNGKYFSKVGIAGLKQLT
NKLDINECATVDELVDEINKSGTVKRKIKNQSVFDLSRECLGYPEADFITLVNNMRFKIENCKVVNFNIENTNCLNNPSI
ETIYGNFNQFVSIFNTVTDVKKRLFE
;
C
4 'polydeoxyribonucleotide'
;(DA)(DG)(DC)(DT)(DG)(DC)(DT)(DA)(DT)(DG)(DT)(DG)(DA)(DG)(DA)(DT)(DT)(DA)(DA)(DG)
(DT)(DT)(DA)(DT)
;
P
5 'polydeoxyribonucleotide'
;(DG)(DT)(DT)(DT)(DT)(DT)(DT)(DT)(DT)(DT)(DT)(DT)(DT)(DG)(DA)(DT)(DA)(DA)(DC)(DT)
(DT)(DA)(DA)(DT)(DC)(DT)(DC)(DA)(DC)(DA)(DT)(DA)(DG)(DC)(DA)(DG)(DC)(DT)
;
T
#
# COMPACT_ATOMS: atom_id res chain seq x y z
N GLY A 23 30.34 -12.09 34.37
CA GLY A 23 29.82 -13.33 34.99
C GLY A 23 30.32 -14.58 34.29
N MET A 24 31.47 -14.52 33.62
CA MET A 24 31.93 -15.68 32.84
C MET A 24 30.72 -16.27 32.13
N ASP A 25 30.37 -17.54 32.39
CA ASP A 25 29.47 -18.25 31.43
C ASP A 25 28.04 -17.75 31.59
N VAL A 26 27.62 -16.86 30.69
CA VAL A 26 26.25 -16.31 30.73
C VAL A 26 25.54 -16.60 29.41
N ARG A 27 24.22 -16.62 29.40
CA ARG A 27 23.36 -16.80 28.24
C ARG A 27 22.38 -15.64 28.17
N CYS A 28 22.27 -15.03 26.99
CA CYS A 28 21.45 -13.84 26.82
C CYS A 28 19.97 -14.18 26.82
N ILE A 29 19.16 -13.27 27.37
CA ILE A 29 17.72 -13.42 27.44
C ILE A 29 17.00 -12.30 26.71
N ASN A 30 17.43 -11.05 26.94
CA ASN A 30 16.78 -9.91 26.32
C ASN A 30 17.76 -8.75 26.25
N TRP A 31 17.49 -7.83 25.33
CA TRP A 31 18.25 -6.59 25.18
C TRP A 31 17.30 -5.41 25.24
N PHE A 32 17.68 -4.37 25.98
CA PHE A 32 16.82 -3.21 26.15
C PHE A 32 17.68 -1.97 26.34
N GLU A 33 17.07 -0.81 26.10
CA GLU A 33 17.76 0.47 26.11
C GLU A 33 17.24 1.35 27.23
N SER A 34 18.06 2.32 27.62
CA SER A 34 17.68 3.32 28.60
C SER A 34 17.22 4.59 27.90
N HIS A 35 16.13 5.17 28.38
CA HIS A 35 15.50 6.31 27.74
C HIS A 35 15.62 7.59 28.58
N GLY A 36 16.70 7.72 29.33
CA GLY A 36 16.97 8.90 30.12
C GLY A 36 17.86 9.89 29.38
N GLU A 37 18.35 10.89 30.12
CA GLU A 37 19.26 11.86 29.55
C GLU A 37 20.62 11.24 29.23
N ASN A 38 21.07 10.29 30.05
CA ASN A 38 22.28 9.51 29.79
C ASN A 38 21.83 8.17 29.23
N ARG A 39 21.94 8.02 27.91
CA ARG A 39 21.37 6.87 27.21
C ARG A 39 22.33 5.70 27.25
N PHE A 40 21.82 4.54 27.67
CA PHE A 40 22.62 3.32 27.80
C PHE A 40 21.90 2.16 27.14
N LEU A 41 22.67 1.13 26.81
CA LEU A 41 22.16 -0.13 26.31
C LEU A 41 22.41 -1.20 27.37
N TYR A 42 21.47 -2.13 27.52
CA TYR A 42 21.57 -3.14 28.57
C TYR A 42 21.38 -4.53 27.99
N LEU A 43 22.01 -5.50 28.65
CA LEU A 43 21.86 -6.92 28.34
C LEU A 43 21.48 -7.67 29.61
N LYS A 44 20.45 -8.50 29.52
CA LYS A 44 20.06 -9.41 30.59
C LYS A 44 20.53 -10.81 30.25
N SER A 45 21.18 -11.46 31.20
CA SER A 45 21.72 -12.80 30.97
C SER A 45 21.55 -13.63 32.23
N ARG A 46 21.64 -14.95 32.05
CA ARG A 46 21.57 -15.88 33.16
C ARG A 46 22.79 -16.79 33.15
N CYS A 47 23.29 -17.10 34.35
CA CYS A 47 24.43 -17.99 34.50
C CYS A 47 23.95 -19.44 34.62
N ARG A 48 24.92 -20.36 34.65
CA ARG A 48 24.60 -21.78 34.76
C ARG A 48 23.89 -22.09 36.07
N ASN A 49 24.35 -21.48 37.18
CA ASN A 49 23.73 -21.75 38.47
C ASN A 49 22.30 -21.26 38.51
N GLY A 50 22.02 -20.08 37.94
CA GLY A 50 20.67 -19.57 37.91
C GLY A 50 20.52 -18.11 38.31
N GLU A 51 21.63 -17.43 38.52
CA GLU A 51 21.59 -16.02 38.90
C GLU A 51 21.57 -15.13 37.66
N THR A 52 20.95 -13.97 37.81
CA THR A 52 20.78 -13.02 36.72
C THR A 52 21.89 -11.97 36.74
N VAL A 53 22.41 -11.65 35.55
CA VAL A 53 23.47 -10.66 35.39
C VAL A 53 23.03 -9.63 34.37
N PHE A 54 23.14 -8.36 34.73
CA PHE A 54 22.85 -7.26 33.83
C PHE A 54 24.15 -6.57 33.45
N ILE A 55 24.33 -6.31 32.16
CA ILE A 55 25.53 -5.65 31.64
C ILE A 55 25.12 -4.37 30.93
N ARG A 56 25.90 -3.32 31.14
CA ARG A 56 25.61 -2.00 30.61
C ARG A 56 26.68 -1.56 29.62
N PHE A 57 26.26 -0.92 28.54
CA PHE A 57 27.12 -0.37 27.51
C PHE A 57 26.70 1.06 27.20
N PRO A 58 27.64 1.92 26.80
CA PRO A 58 27.26 3.23 26.26
C PRO A 58 26.86 3.08 24.79
N HIS A 59 25.65 3.51 24.46
CA HIS A 59 25.15 3.38 23.11
C HIS A 59 25.31 4.69 22.34
N TYR A 60 25.80 4.58 21.11
CA TYR A 60 26.15 5.73 20.28
C TYR A 60 25.22 5.80 19.07
N PHE A 61 25.50 6.78 18.22
CA PHE A 61 24.93 6.87 16.89
C PHE A 61 26.04 6.57 15.89
N TYR A 62 25.76 5.68 14.95
CA TYR A 62 26.76 5.16 14.04
C TYR A 62 26.58 5.78 12.65
N TYR A 63 27.67 6.29 12.08
CA TYR A 63 27.66 6.85 10.75
C TYR A 63 28.81 6.27 9.93
N VAL A 64 28.61 6.19 8.62
CA VAL A 64 29.61 5.68 7.69
C VAL A 64 30.02 6.84 6.78
N VAL A 65 31.32 7.13 6.74
CA VAL A 65 31.84 8.24 5.96
C VAL A 65 33.01 7.76 5.12
N THR A 66 33.38 8.56 4.13
CA THR A 66 34.55 8.30 3.31
C THR A 66 35.78 8.88 4.00
N ASP A 67 36.95 8.33 3.66
CA ASP A 67 38.21 8.79 4.25
C ASP A 67 38.40 10.28 4.04
N GLU A 68 38.07 10.79 2.84
CA GLU A 68 38.20 12.21 2.59
C GLU A 68 37.28 13.03 3.49
N ILE A 69 36.04 12.57 3.66
CA ILE A 69 35.10 13.27 4.53
C ILE A 69 35.54 13.19 5.98
N TYR A 70 36.26 12.13 6.35
CA TYR A 70 36.60 11.92 7.75
C TYR A 70 37.49 13.04 8.29
N GLN A 71 38.45 13.51 7.49
CA GLN A 71 39.32 14.60 7.95
C GLN A 71 38.67 15.97 7.82
N SER A 72 37.50 16.07 7.20
CA SER A 72 36.81 17.34 6.99
C SER A 72 35.67 17.55 7.97
N LEU A 73 35.84 17.03 9.19
CA LEU A 73 34.86 17.20 10.26
C LEU A 73 35.46 18.15 11.29
N SER A 74 34.88 19.36 11.41
CA SER A 74 35.45 20.35 12.30
C SER A 74 35.37 19.91 13.77
N PRO A 75 34.27 19.32 14.24
CA PRO A 75 34.32 18.66 15.54
C PRO A 75 34.83 17.24 15.40
N PRO A 76 35.97 16.91 15.99
CA PRO A 76 36.52 15.56 15.85
C PRO A 76 35.57 14.52 16.42
N PRO A 77 35.45 13.37 15.76
CA PRO A 77 34.52 12.34 16.26
C PRO A 77 35.01 11.75 17.57
N PHE A 78 34.04 11.32 18.39
CA PHE A 78 34.37 10.69 19.66
C PHE A 78 35.16 9.40 19.44
N ASN A 79 34.73 8.59 18.46
CA ASN A 79 35.41 7.35 18.14
C ASN A 79 35.22 7.07 16.66
N ALA A 80 36.21 6.42 16.06
CA ALA A 80 36.15 6.07 14.65
C ALA A 80 36.90 4.76 14.44
N ARG A 81 36.28 3.85 13.68
CA ARG A 81 36.87 2.56 13.37
C ARG A 81 36.95 2.39 11.87
N PRO A 82 38.10 1.99 11.33
CA PRO A 82 38.23 1.85 9.87
C PRO A 82 37.47 0.63 9.37
N MET A 83 36.65 0.83 8.34
CA MET A 83 35.88 -0.24 7.73
C MET A 83 36.57 -0.86 6.52
N GLY A 84 37.74 -0.36 6.14
CA GLY A 84 38.44 -0.87 4.98
C GLY A 84 37.95 -0.22 3.69
N LYS A 85 38.44 -0.78 2.58
CA LYS A 85 38.07 -0.30 1.25
C LYS A 85 36.77 -0.94 0.80
N MET A 86 35.80 -0.10 0.41
CA MET A 86 34.52 -0.56 -0.06
C MET A 86 34.16 0.19 -1.33
N ARG A 87 33.36 -0.45 -2.17
CA ARG A 87 32.93 0.13 -3.45
C ARG A 87 31.48 0.57 -3.35
N THR A 88 31.21 1.80 -3.80
CA THR A 88 29.87 2.36 -3.83
C THR A 88 29.37 2.34 -5.25
N ILE A 89 28.14 1.85 -5.45
CA ILE A 89 27.58 1.60 -6.76
C ILE A 89 26.23 2.28 -6.84
N ASP A 90 26.02 3.03 -7.93
CA ASP A 90 24.72 3.66 -8.20
C ASP A 90 23.79 2.63 -8.83
N ILE A 91 22.64 2.41 -8.21
CA ILE A 91 21.71 1.38 -8.69
C ILE A 91 20.50 2.03 -9.34
N ASP A 92 20.69 3.24 -9.86
CA ASP A 92 19.64 3.88 -10.65
C ASP A 92 19.52 3.21 -12.01
N GLU A 93 18.28 3.07 -12.48
CA GLU A 93 17.98 2.37 -13.72
C GLU A 93 17.58 3.37 -14.78
N THR A 94 18.18 3.26 -15.96
CA THR A 94 17.92 4.15 -17.07
C THR A 94 17.50 3.36 -18.30
N ILE A 95 16.79 4.04 -19.20
CA ILE A 95 16.25 3.44 -20.41
C ILE A 95 17.12 3.85 -21.60
N SER A 96 17.55 2.86 -22.37
CA SER A 96 18.38 3.10 -23.55
C SER A 96 17.60 2.77 -24.81
N TYR A 97 17.70 3.64 -25.81
CA TYR A 97 17.07 3.43 -27.10
C TYR A 97 18.02 2.81 -28.11
N ASN A 98 19.22 2.46 -27.70
CA ASN A 98 20.22 1.86 -28.60
C ASN A 98 21.15 1.00 -27.76
N LEU A 99 22.23 0.52 -28.38
CA LEU A 99 23.18 -0.37 -27.72
C LEU A 99 24.36 0.37 -27.11
N ASP A 100 24.39 1.70 -27.18
CA ASP A 100 25.45 2.49 -26.56
C ASP A 100 25.06 2.71 -25.09
N ILE A 101 25.35 1.69 -24.29
CA ILE A 101 25.03 1.69 -22.86
C ILE A 101 26.30 1.97 -22.08
N LYS A 102 26.28 3.04 -21.28
CA LYS A 102 27.41 3.40 -20.45
C LYS A 102 27.50 2.49 -19.24
N ASP A 103 28.73 2.18 -18.84
CA ASP A 103 28.95 1.29 -17.71
C ASP A 103 28.47 1.94 -16.41
N ARG A 104 28.09 1.09 -15.46
CA ARG A 104 27.56 1.56 -14.19
C ARG A 104 28.64 2.27 -13.39
N LYS A 105 28.24 3.31 -12.66
CA LYS A 105 29.18 4.14 -11.92
C LYS A 105 29.49 3.48 -10.57
N CYS A 106 30.76 3.08 -10.39
CA CYS A 106 31.22 2.49 -9.14
C CYS A 106 32.52 3.16 -8.73
N SER A 107 32.67 3.40 -7.42
CA SER A 107 33.83 4.10 -6.89
C SER A 107 34.31 3.40 -5.63
N VAL A 108 35.60 3.06 -5.58
CA VAL A 108 36.19 2.35 -4.46
C VAL A 108 36.92 3.36 -3.57
N ALA A 109 36.61 3.32 -2.28
CA ALA A 109 37.23 4.26 -1.33
C ALA A 109 37.29 3.62 0.05
N ASP A 110 38.17 4.16 0.88
CA ASP A 110 38.26 3.73 2.27
C ASP A 110 37.13 4.35 3.08
N MET A 111 36.51 3.54 3.93
CA MET A 111 35.36 3.97 4.72
C MET A 111 35.68 3.93 6.20
N TRP A 112 34.97 4.76 6.96
CA TRP A 112 35.11 4.88 8.40
C TRP A 112 33.75 4.78 9.07
N LEU A 113 33.69 3.99 10.13
CA LEU A 113 32.51 3.92 10.99
C LEU A 113 32.77 4.76 12.22
N ILE A 114 31.99 5.82 12.39
CA ILE A 114 32.18 6.80 13.46
C ILE A 114 31.03 6.69 14.43
N GLU A 115 31.35 6.77 15.73
CA GLU A 115 30.39 6.64 16.81
C GLU A 115 30.29 7.98 17.53
N GLU A 116 29.07 8.49 17.68
CA GLU A 116 28.84 9.79 18.27
C GLU A 116 27.91 9.67 19.47
N PRO A 117 28.28 10.21 20.64
CA PRO A 117 27.35 10.18 21.77
C PRO A 117 26.03 10.89 21.50
N LYS A 118 26.04 11.93 20.66
CA LYS A 118 24.84 12.65 20.29
C LYS A 118 24.71 12.68 18.78
N LYS A 119 23.49 12.87 18.30
CA LYS A 119 23.21 12.82 16.87
C LYS A 119 23.91 13.96 16.15
N ARG A 120 24.44 13.65 14.96
CA ARG A 120 25.05 14.64 14.07
C ARG A 120 24.23 14.73 12.79
N SER A 121 24.68 15.59 11.88
CA SER A 121 23.96 15.86 10.63
C SER A 121 24.93 15.88 9.45
N ILE A 122 25.78 14.84 9.36
CA ILE A 122 26.73 14.76 8.25
C ILE A 122 25.97 14.74 6.94
N GLN A 123 26.42 15.56 5.99
CA GLN A 123 25.70 15.72 4.73
C GLN A 123 25.83 14.48 3.85
N ASN A 124 27.07 14.16 3.46
CA ASN A 124 27.32 13.05 2.54
C ASN A 124 27.68 11.78 3.31
N ALA A 125 26.67 11.25 4.00
CA ALA A 125 26.80 10.02 4.77
C ALA A 125 25.99 8.92 4.10
N THR A 126 26.59 7.74 3.97
CA THR A 126 25.99 6.61 3.29
C THR A 126 25.58 5.54 4.30
N MET A 127 24.93 4.50 3.77
CA MET A 127 24.48 3.35 4.57
C MET A 127 23.61 3.78 5.74
N ASP A 128 22.66 4.69 5.47
CA ASP A 128 21.85 5.32 6.51
C ASP A 128 20.51 4.63 6.71
N GLU A 129 20.29 3.46 6.12
CA GLU A 129 19.03 2.75 6.26
C GLU A 129 19.07 1.66 7.33
N PHE A 130 20.18 1.53 8.05
CA PHE A 130 20.33 0.48 9.06
C PHE A 130 20.21 1.08 10.46
N PHE A 131 19.77 0.24 11.40
CA PHE A 131 19.53 0.68 12.77
C PHE A 131 20.85 0.79 13.53
N ASN A 132 20.79 1.48 14.67
CA ASN A 132 21.96 1.60 15.54
C ASN A 132 22.21 0.34 16.34
N ILE A 133 21.14 -0.35 16.76
CA ILE A 133 21.31 -1.61 17.48
C ILE A 133 21.86 -2.68 16.54
N SER A 134 21.42 -2.66 15.28
CA SER A 134 22.01 -3.54 14.28
C SER A 134 23.49 -3.26 14.10
N TRP A 135 23.86 -1.98 14.06
CA TRP A 135 25.27 -1.62 13.94
C TRP A 135 26.06 -2.11 15.15
N PHE A 136 25.51 -1.95 16.35
CA PHE A 136 26.16 -2.46 17.56
C PHE A 136 26.41 -3.96 17.44
N TYR A 137 25.37 -4.72 17.10
CA TYR A 137 25.50 -6.17 16.98
C TYR A 137 26.55 -6.56 15.94
N ILE A 138 26.44 -5.99 14.74
CA ILE A 138 27.30 -6.43 13.64
C ILE A 138 28.75 -5.99 13.86
N SER A 139 28.97 -4.75 14.29
CA SER A 139 30.33 -4.26 14.45
C SER A 139 31.02 -4.91 15.65
N ASN A 140 30.29 -5.16 16.73
CA ASN A 140 30.88 -5.79 17.89
C ASN A 140 30.93 -7.31 17.80
N GLY A 141 30.35 -7.89 16.75
CA GLY A 141 30.35 -9.34 16.60
C GLY A 141 29.59 -10.07 17.68
N ILE A 142 28.42 -9.56 18.05
CA ILE A 142 27.61 -10.13 19.13
C ILE A 142 26.27 -10.56 18.55
N SER A 143 25.93 -11.83 18.76
CA SER A 143 24.60 -12.30 18.40
C SER A 143 23.60 -11.95 19.49
N PRO A 144 22.39 -11.54 19.13
CA PRO A 144 21.39 -11.20 20.17
C PRO A 144 21.10 -12.36 21.12
N ASP A 145 21.07 -13.59 20.62
CA ASP A 145 20.90 -14.77 21.44
C ASP A 145 22.16 -15.63 21.35
N GLY A 146 22.63 -16.09 22.50
CA GLY A 146 23.84 -16.88 22.54
C GLY A 146 24.41 -16.92 23.94
N CYS A 147 25.47 -17.71 24.07
CA CYS A 147 26.17 -17.89 25.34
C CYS A 147 27.61 -17.45 25.18
N TYR A 148 28.10 -16.67 26.14
CA TYR A 148 29.43 -16.11 26.09
C TYR A 148 30.14 -16.32 27.42
N SER A 149 31.46 -16.14 27.39
CA SER A 149 32.31 -16.19 28.57
C SER A 149 32.84 -14.77 28.80
N LEU A 150 32.06 -13.96 29.52
CA LEU A 150 32.47 -12.60 29.80
C LEU A 150 33.62 -12.59 30.81
N ASP A 151 34.67 -11.85 30.47
CA ASP A 151 35.84 -11.71 31.33
C ASP A 151 35.72 -10.46 32.19
N GLU A 152 36.44 -10.48 33.32
CA GLU A 152 36.35 -9.41 34.30
C GLU A 152 37.30 -8.25 34.03
N GLN A 153 38.17 -8.35 33.02
CA GLN A 153 39.04 -7.23 32.69
C GLN A 153 38.24 -6.04 32.17
N TYR A 154 37.21 -6.30 31.36
CA TYR A 154 36.41 -5.25 30.75
C TYR A 154 35.12 -4.99 31.49
N LEU A 155 34.93 -5.58 32.66
CA LEU A 155 33.72 -5.42 33.45
C LEU A 155 34.06 -4.81 34.80
N THR A 156 33.26 -3.82 35.21
CA THR A 156 33.39 -3.20 36.52
C THR A 156 32.03 -3.18 37.20
N LYS A 157 32.03 -3.41 38.51
CA LYS A 157 30.79 -3.50 39.28
C LYS A 157 30.27 -2.10 39.60
N ILE A 158 29.02 -1.84 39.22
CA ILE A 158 28.34 -0.60 39.60
C ILE A 158 27.15 -0.84 40.51
N ASN A 159 26.73 -2.08 40.68
CA ASN A 159 25.58 -2.41 41.52
C ASN A 159 25.64 -3.90 41.83
N ASN A 160 24.74 -4.34 42.70
CA ASN A 160 24.66 -5.75 43.07
C ASN A 160 24.03 -6.51 41.91
N GLY A 161 24.87 -7.08 41.04
CA GLY A 161 24.40 -7.81 39.87
C GLY A 161 24.51 -7.05 38.57
N CYS A 162 24.70 -5.74 38.61
CA CYS A 162 24.83 -4.91 37.41
C CYS A 162 26.29 -4.56 37.20
N TYR A 163 26.75 -4.68 35.95
CA TYR A 163 28.13 -4.44 35.58
C TYR A 163 28.18 -3.44 34.44
N HIS A 164 29.32 -2.78 34.28
CA HIS A 164 29.54 -1.81 33.21
C HIS A 164 30.65 -2.31 32.30
N CYS A 165 30.46 -2.13 31.00
CA CYS A 165 31.45 -2.51 30.00
C CYS A 165 31.64 -1.36 29.03
N ASP A 166 32.91 -1.02 28.76
CA ASP A 166 33.23 0.03 27.82
C ASP A 166 33.67 -0.48 26.46
N ASP A 167 34.07 -1.75 26.37
CA ASP A 167 34.51 -2.34 25.10
C ASP A 167 33.77 -3.67 24.92
N PRO A 168 32.52 -3.62 24.44
CA PRO A 168 31.77 -4.88 24.21
C PRO A 168 32.40 -5.78 23.16
N ARG A 169 33.25 -5.25 22.28
CA ARG A 169 33.89 -6.08 21.28
C ARG A 169 34.84 -7.10 21.92
N ASN A 170 35.69 -6.65 22.83
CA ASN A 170 36.64 -7.53 23.48
C ASN A 170 36.01 -8.40 24.57
N CYS A 171 34.95 -7.91 25.22
CA CYS A 171 34.32 -8.70 26.28
C CYS A 171 33.63 -9.93 25.73
N PHE A 172 33.04 -9.84 24.55
CA PHE A 172 32.27 -10.93 23.95
C PHE A 172 33.07 -11.71 22.92
N ALA A 173 34.40 -11.74 23.07
CA ALA A 173 35.24 -12.42 22.09
C ALA A 173 35.14 -13.93 22.18
N LYS A 174 34.68 -14.48 23.30
CA LYS A 174 34.59 -15.92 23.51
C LYS A 174 33.13 -16.33 23.51
N GLU A 175 32.80 -17.27 22.62
CA GLU A 175 31.44 -17.82 22.53
C GLU A 175 31.48 -19.31 22.83
N ILE A 176 30.48 -19.78 23.56
CA ILE A 176 30.46 -21.16 24.04
C ILE A 176 29.17 -21.80 23.55
N PRO A 177 29.13 -23.13 23.47
CA PRO A 177 27.90 -23.81 23.03
C PRO A 177 26.73 -23.53 23.95
N ARG A 178 25.53 -23.56 23.36
CA ARG A 178 24.31 -23.25 24.10
C ARG A 178 24.08 -24.26 25.23
N PHE A 179 23.65 -23.75 26.37
CA PHE A 179 23.28 -24.58 27.51
C PHE A 179 21.92 -24.14 28.03
N ASP A 180 21.16 -25.09 28.58
CA ASP A 180 19.83 -24.79 29.07
C ASP A 180 19.88 -24.00 30.38
N ILE A 181 18.92 -23.10 30.53
CA ILE A 181 18.83 -22.26 31.74
C ILE A 181 17.39 -22.25 32.23
N PRO A 182 17.21 -22.08 33.54
CA PRO A 182 15.86 -21.91 34.08
C PRO A 182 15.28 -20.57 33.66
N ARG A 183 13.94 -20.51 33.61
CA ARG A 183 13.23 -19.31 33.22
C ARG A 183 12.07 -19.06 34.17
N SER A 184 11.70 -17.79 34.30
CA SER A 184 10.61 -17.36 35.16
C SER A 184 9.44 -16.93 34.28
N TYR A 185 8.25 -17.39 34.63
CA TYR A 185 7.04 -17.13 33.86
C TYR A 185 5.95 -16.60 34.78
N LEU A 186 5.19 -15.63 34.28
CA LEU A 186 4.00 -15.14 34.97
C LEU A 186 2.85 -15.12 33.96
N PHE A 187 2.06 -16.19 33.92
CA PHE A 187 0.87 -16.22 33.07
C PHE A 187 -0.30 -15.72 33.90
N LEU A 188 -0.86 -14.57 33.52
CA LEU A 188 -1.89 -13.99 34.39
C LEU A 188 -3.17 -13.69 33.63
N ASP A 189 -4.29 -13.80 34.36
CA ASP A 189 -5.60 -13.43 33.85
C ASP A 189 -6.40 -12.78 34.96
N ILE A 190 -7.35 -11.92 34.59
CA ILE A 190 -8.21 -11.26 35.55
C ILE A 190 -9.65 -11.35 35.08
N GLU A 191 -10.57 -11.28 36.04
CA GLU A 191 -12.01 -11.26 35.80
C GLU A 191 -12.59 -10.07 36.54
N CYS A 192 -13.19 -9.15 35.79
CA CYS A 192 -13.75 -7.91 36.33
C CYS A 192 -15.27 -7.99 36.28
N HIS A 193 -15.91 -7.53 37.35
CA HIS A 193 -17.37 -7.49 37.38
C HIS A 193 -17.89 -6.50 36.34
N PHE A 194 -18.94 -6.91 35.62
CA PHE A 194 -19.63 -6.03 34.70
C PHE A 194 -21.12 -6.21 34.86
N ASP A 195 -21.86 -5.10 34.80
CA ASP A 195 -23.30 -5.13 35.10
C ASP A 195 -24.14 -5.34 33.84
N LYS A 196 -24.06 -4.41 32.90
CA LYS A 196 -24.90 -4.46 31.70
C LYS A 196 -24.10 -4.52 30.41
N LYS A 197 -23.08 -3.67 30.26
CA LYS A 197 -22.43 -3.48 28.97
C LYS A 197 -20.98 -3.98 28.95
N PHE A 198 -20.13 -3.47 29.84
CA PHE A 198 -18.71 -3.75 29.80
C PHE A 198 -18.06 -3.26 31.09
N PRO A 199 -16.99 -3.90 31.55
CA PRO A 199 -16.29 -3.40 32.74
C PRO A 199 -15.77 -1.98 32.51
N SER A 200 -16.08 -1.10 33.46
CA SER A 200 -15.58 0.28 33.46
C SER A 200 -14.65 0.45 34.65
N VAL A 201 -13.44 0.95 34.39
CA VAL A 201 -12.44 1.04 35.44
C VAL A 201 -12.83 2.05 36.51
N PHE A 202 -13.79 2.93 36.21
CA PHE A 202 -14.22 3.94 37.17
C PHE A 202 -15.35 3.47 38.06
N ILE A 203 -16.16 2.51 37.63
CA ILE A 203 -17.31 2.06 38.41
C ILE A 203 -17.35 0.55 38.62
N ASN A 204 -16.52 -0.25 37.94
CA ASN A 204 -16.59 -1.69 38.08
C ASN A 204 -15.29 -2.23 38.65
N PRO A 205 -15.35 -3.05 39.71
CA PRO A 205 -14.11 -3.54 40.34
C PRO A 205 -13.58 -4.82 39.70
N ILE A 206 -12.44 -5.27 40.20
CA ILE A 206 -11.85 -6.55 39.80
C ILE A 206 -12.29 -7.61 40.80
N SER A 207 -12.85 -8.72 40.30
CA SER A 207 -13.35 -9.78 41.16
C SER A 207 -12.34 -10.91 41.36
N HIS A 208 -11.73 -11.38 40.28
CA HIS A 208 -10.81 -12.51 40.35
C HIS A 208 -9.50 -12.17 39.68
N THR A 209 -8.40 -12.70 40.22
CA THR A 209 -7.08 -12.52 39.61
C THR A 209 -6.32 -13.84 39.74
N SER A 210 -6.09 -14.50 38.62
CA SER A 210 -5.48 -15.83 38.60
C SER A 210 -4.06 -15.75 38.04
N TYR A 211 -3.12 -16.37 38.75
CA TYR A 211 -1.70 -16.36 38.40
C TYR A 211 -1.19 -17.78 38.28
N CYS A 212 -0.46 -18.05 37.20
CA CYS A 212 0.41 -19.20 37.07
C CYS A 212 1.84 -18.68 37.17
N TYR A 213 2.51 -19.03 38.26
CA TYR A 213 3.78 -18.44 38.67
C TYR A 213 4.85 -19.52 38.60
N ILE A 214 5.89 -19.27 37.81
CA ILE A 214 7.01 -20.19 37.67
C ILE A 214 8.29 -19.42 37.99
N ASP A 215 9.02 -19.89 39.00
CA ASP A 215 10.24 -19.23 39.43
C ASP A 215 11.46 -19.95 38.85
N LEU A 216 12.65 -19.47 39.23
CA LEU A 216 13.89 -20.06 38.75
C LEU A 216 14.15 -21.43 39.35
N SER A 217 13.43 -21.83 40.39
CA SER A 217 13.58 -23.14 40.99
C SER A 217 12.74 -24.21 40.31
N GLY A 218 11.95 -23.83 39.30
CA GLY A 218 11.08 -24.76 38.60
C GLY A 218 9.72 -24.97 39.23
N LYS A 219 9.47 -24.38 40.40
CA LYS A 219 8.17 -24.53 41.04
C LYS A 219 7.09 -23.85 40.23
N ARG A 220 5.96 -24.54 40.07
CA ARG A 220 4.82 -24.05 39.31
C ARG A 220 3.65 -23.90 40.28
N LEU A 221 3.34 -22.67 40.67
CA LEU A 221 2.30 -22.39 41.64
C LEU A 221 1.11 -21.74 40.93
N LEU A 222 -0.07 -22.29 41.15
CA LEU A 222 -1.31 -21.75 40.62
C LEU A 222 -2.10 -21.15 41.78
N PHE A 223 -2.39 -19.85 41.71
CA PHE A 223 -3.16 -19.26 42.79
C PHE A 223 -4.10 -18.19 42.27
N THR A 224 -5.29 -18.13 42.87
CA THR A 224 -6.33 -17.18 42.49
C THR A 224 -6.69 -16.34 43.70
N LEU A 225 -6.69 -15.02 43.51
CA LEU A 225 -7.11 -14.08 44.53
C LEU A 225 -8.52 -13.61 44.23
N ILE A 226 -9.38 -13.62 45.25
CA ILE A 226 -10.79 -13.26 45.13
C ILE A 226 -11.04 -12.03 45.98
N ASN A 227 -11.63 -11.00 45.38
CA ASN A 227 -12.02 -9.81 46.12
C ASN A 227 -13.15 -10.16 47.07
N GLU A 228 -12.90 -9.99 48.37
CA GLU A 228 -13.87 -10.37 49.39
C GLU A 228 -14.99 -9.36 49.58
N GLU A 229 -14.82 -8.14 49.06
CA GLU A 229 -15.86 -7.11 49.21
C GLU A 229 -17.12 -7.43 48.42
N MET A 230 -17.07 -8.38 47.49
CA MET A 230 -18.25 -8.85 46.79
C MET A 230 -18.92 -10.02 47.50
N LEU A 231 -18.34 -10.51 48.59
CA LEU A 231 -18.85 -11.67 49.31
C LEU A 231 -19.36 -11.25 50.69
N THR A 232 -20.42 -11.91 51.13
CA THR A 232 -21.02 -11.63 52.43
C THR A 232 -20.16 -12.24 53.54
N GLU A 233 -20.35 -11.74 54.76
CA GLU A 233 -19.54 -12.20 55.89
C GLU A 233 -19.74 -13.70 56.14
N GLN A 234 -20.98 -14.17 56.07
CA GLN A 234 -21.24 -15.60 56.22
C GLN A 234 -20.56 -16.40 55.11
N GLU A 235 -20.56 -15.86 53.89
CA GLU A 235 -19.87 -16.53 52.79
C GLU A 235 -18.37 -16.58 53.03
N ILE A 236 -17.80 -15.50 53.58
CA ILE A 236 -16.38 -15.50 53.90
C ILE A 236 -16.06 -16.55 54.97
N GLN A 237 -16.92 -16.65 55.98
CA GLN A 237 -16.72 -17.65 57.02
C GLN A 237 -16.81 -19.07 56.43
N GLU A 238 -17.79 -19.31 55.56
CA GLU A 238 -17.91 -20.61 54.92
C GLU A 238 -16.68 -20.94 54.09
N ALA A 239 -16.17 -19.96 53.33
CA ALA A 239 -14.99 -20.20 52.52
C ALA A 239 -13.76 -20.48 53.38
N VAL A 240 -13.58 -19.73 54.47
CA VAL A 240 -12.40 -19.95 55.31
C VAL A 240 -12.51 -21.29 56.04
N ASP A 241 -13.73 -21.72 56.35
CA ASP A 241 -13.90 -23.07 56.90
C ASP A 241 -13.59 -24.14 55.85
N ARG A 242 -13.97 -23.89 54.60
CA ARG A 242 -13.67 -24.81 53.52
C ARG A 242 -12.18 -24.86 53.20
N GLY A 243 -11.44 -23.81 53.54
CA GLY A 243 -10.00 -23.82 53.32
C GLY A 243 -9.47 -22.69 52.47
N CYS A 244 -10.16 -21.56 52.46
CA CYS A 244 -9.73 -20.38 51.73
C CYS A 244 -9.10 -19.40 52.70
N LEU A 245 -7.85 -19.01 52.43
CA LEU A 245 -7.14 -18.10 53.31
C LEU A 245 -7.70 -16.69 53.19
N ARG A 246 -7.93 -16.05 54.33
CA ARG A 246 -8.45 -14.68 54.40
C ARG A 246 -7.36 -13.82 55.00
N ILE A 247 -6.56 -13.19 54.15
CA ILE A 247 -5.45 -12.37 54.59
C ILE A 247 -5.94 -10.95 54.84
N GLN A 248 -5.13 -10.18 55.58
CA GLN A 248 -5.47 -8.80 55.90
C GLN A 248 -4.47 -7.78 55.38
N SER A 249 -3.27 -8.21 54.97
CA SER A 249 -2.25 -7.27 54.53
C SER A 249 -1.35 -7.96 53.50
N LEU A 250 -0.42 -7.18 52.94
CA LEU A 250 0.48 -7.69 51.92
C LEU A 250 1.41 -8.77 52.48
N MET A 251 1.91 -8.57 53.70
CA MET A 251 2.94 -9.44 54.26
C MET A 251 2.39 -10.81 54.67
N GLU A 252 1.07 -11.00 54.69
CA GLU A 252 0.47 -12.24 55.14
C GLU A 252 0.11 -13.17 53.98
N MET A 253 0.58 -12.87 52.78
CA MET A 253 0.20 -13.61 51.58
C MET A 253 1.28 -14.64 51.25
N ASP A 254 0.84 -15.88 50.99
CA ASP A 254 1.71 -16.95 50.55
C ASP A 254 1.20 -17.50 49.22
N TYR A 255 2.13 -17.78 48.31
CA TYR A 255 1.78 -18.26 46.98
C TYR A 255 1.58 -19.76 46.92
N GLU A 256 1.76 -20.46 48.04
CA GLU A 256 1.63 -21.91 48.05
C GLU A 256 0.19 -22.39 48.23
N ARG A 257 -0.76 -21.49 48.38
CA ARG A 257 -2.17 -21.85 48.46
C ARG A 257 -2.85 -21.62 47.11
N GLU A 258 -4.03 -22.22 46.94
CA GLU A 258 -4.76 -22.16 45.68
C GLU A 258 -5.78 -21.04 45.62
N LEU A 259 -6.45 -20.73 46.73
CA LEU A 259 -7.47 -19.68 46.76
C LEU A 259 -7.18 -18.76 47.93
N VAL A 260 -7.11 -17.45 47.66
CA VAL A 260 -6.85 -16.46 48.70
C VAL A 260 -7.94 -15.39 48.62
N LEU A 261 -8.67 -15.21 49.71
CA LEU A 261 -9.68 -14.17 49.81
C LEU A 261 -9.04 -12.90 50.38
N CYS A 262 -9.27 -11.77 49.73
CA CYS A 262 -8.66 -10.53 50.19
C CYS A 262 -9.49 -9.35 49.70
N SER A 263 -9.11 -8.16 50.14
CA SER A 263 -9.74 -6.93 49.69
C SER A 263 -9.14 -6.49 48.36
N GLU A 264 -9.81 -5.53 47.71
CA GLU A 264 -9.36 -5.06 46.41
C GLU A 264 -8.04 -4.33 46.51
N ILE A 265 -7.84 -3.55 47.58
CA ILE A 265 -6.58 -2.81 47.73
C ILE A 265 -5.41 -3.78 47.91
N VAL A 266 -5.58 -4.79 48.76
CA VAL A 266 -4.53 -5.77 48.95
C VAL A 266 -4.30 -6.59 47.69
N LEU A 267 -5.39 -6.90 46.97
CA LEU A 267 -5.27 -7.60 45.70
C LEU A 267 -4.42 -6.80 44.71
N LEU A 268 -4.70 -5.50 44.59
CA LEU A 268 -3.95 -4.65 43.68
C LEU A 268 -2.51 -4.48 44.13
N ARG A 269 -2.27 -4.42 45.44
CA ARG A 269 -0.90 -4.30 45.92
C ARG A 269 -0.10 -5.58 45.63
N ILE A 270 -0.73 -6.74 45.79
CA ILE A 270 -0.07 -8.00 45.45
C ILE A 270 0.20 -8.06 43.96
N ALA A 271 -0.75 -7.61 43.14
CA ALA A 271 -0.55 -7.57 41.69
C ALA A 271 0.62 -6.66 41.32
N LYS A 272 0.70 -5.49 41.96
CA LYS A 272 1.79 -4.56 41.70
C LYS A 272 3.13 -5.15 42.13
N GLN A 273 3.15 -5.82 43.28
CA GLN A 273 4.38 -6.45 43.75
C GLN A 273 4.85 -7.55 42.79
N LEU A 274 3.91 -8.35 42.29
CA LEU A 274 4.26 -9.39 41.33
C LEU A 274 4.74 -8.80 40.00
N LEU A 275 4.09 -7.72 39.55
CA LEU A 275 4.45 -7.11 38.27
C LEU A 275 5.78 -6.39 38.31
N GLU A 276 6.26 -5.99 39.49
CA GLU A 276 7.54 -5.31 39.60
C GLU A 276 8.72 -6.25 39.65
N LEU A 277 8.49 -7.56 39.77
CA LEU A 277 9.59 -8.51 39.81
C LEU A 277 10.20 -8.69 38.43
N THR A 278 11.46 -9.13 38.41
CA THR A 278 12.21 -9.29 37.17
C THR A 278 11.94 -10.67 36.56
N PHE A 279 10.70 -10.88 36.16
CA PHE A 279 10.32 -12.09 35.44
C PHE A 279 10.94 -12.09 34.05
N ASP A 280 11.24 -13.28 33.54
CA ASP A 280 11.65 -13.40 32.15
C ASP A 280 10.50 -13.07 31.21
N TYR A 281 9.30 -13.54 31.52
CA TYR A 281 8.13 -13.36 30.67
C TYR A 281 6.90 -13.11 31.52
N VAL A 282 6.11 -12.12 31.10
CA VAL A 282 4.79 -11.85 31.69
C VAL A 282 3.79 -11.98 30.55
N VAL A 283 2.96 -13.01 30.60
CA VAL A 283 2.15 -13.43 29.45
C VAL A 283 0.68 -13.23 29.75
N THR A 284 -0.01 -12.56 28.82
CA THR A 284 -1.45 -12.36 28.85
C THR A 284 -2.03 -12.72 27.48
N PHE A 285 -3.36 -12.74 27.43
CA PHE A 285 -4.11 -12.80 26.17
C PHE A 285 -4.98 -11.56 26.12
N ASN A 286 -4.64 -10.63 25.22
CA ASN A 286 -5.29 -9.31 25.15
C ASN A 286 -5.22 -8.60 26.50
N GLY A 287 -4.06 -8.67 27.14
CA GLY A 287 -3.86 -8.06 28.43
C GLY A 287 -3.23 -6.70 28.37
N HIS A 288 -2.46 -6.43 27.31
CA HIS A 288 -1.87 -5.11 27.13
C HIS A 288 -2.94 -4.06 26.88
N ASN A 289 -4.08 -4.46 26.34
CA ASN A 289 -5.18 -3.53 26.08
C ASN A 289 -6.23 -3.53 27.18
N PHE A 290 -6.42 -4.65 27.87
CA PHE A 290 -7.44 -4.74 28.91
C PHE A 290 -6.87 -5.00 30.30
N ASP A 291 -6.12 -6.09 30.48
CA ASP A 291 -5.80 -6.54 31.83
C ASP A 291 -4.85 -5.59 32.54
N LEU A 292 -3.66 -5.36 31.97
CA LEU A 292 -2.66 -4.53 32.62
C LEU A 292 -3.15 -3.10 32.80
N ARG A 293 -3.82 -2.56 31.77
CA ARG A 293 -4.36 -1.21 31.86
C ARG A 293 -5.38 -1.09 32.99
N TYR A 294 -6.27 -2.08 33.09
CA TYR A 294 -7.28 -2.08 34.14
C TYR A 294 -6.63 -2.14 35.51
N ILE A 295 -5.67 -3.06 35.68
CA ILE A 295 -5.02 -3.22 36.98
C ILE A 295 -4.33 -1.93 37.38
N THR A 296 -3.57 -1.33 36.46
CA THR A 296 -2.90 -0.06 36.74
C THR A 296 -3.92 1.00 37.13
N ASN A 297 -4.84 1.32 36.22
CA ASN A 297 -5.78 2.41 36.47
C ASN A 297 -6.51 2.23 37.80
N ARG A 298 -6.89 1.01 38.14
CA ARG A 298 -7.50 0.78 39.45
C ARG A 298 -6.51 1.07 40.58
N LEU A 299 -5.24 0.70 40.40
CA LEU A 299 -4.25 0.94 41.44
C LEU A 299 -4.07 2.43 41.71
N GLU A 300 -3.97 3.24 40.65
CA GLU A 300 -3.87 4.69 40.87
C GLU A 300 -5.20 5.31 41.32
N LEU A 301 -6.34 4.69 41.00
CA LEU A 301 -7.60 5.27 41.43
C LEU A 301 -7.85 5.04 42.91
N LEU A 302 -7.78 3.78 43.36
CA LEU A 302 -8.16 3.47 44.73
C LEU A 302 -7.12 3.96 45.73
N THR A 303 -5.84 3.73 45.45
CA THR A 303 -4.76 4.07 46.37
C THR A 303 -3.92 5.26 45.92
N GLY A 304 -3.59 5.33 44.63
CA GLY A 304 -2.72 6.38 44.12
C GLY A 304 -1.28 5.98 43.94
N GLU A 305 -0.93 4.73 44.21
CA GLU A 305 0.43 4.25 44.04
C GLU A 305 0.73 4.00 42.56
N LYS A 306 2.00 3.69 42.27
CA LYS A 306 2.45 3.48 40.91
C LYS A 306 3.24 2.17 40.83
N ILE A 307 3.17 1.53 39.68
CA ILE A 307 3.97 0.33 39.40
C ILE A 307 5.30 0.83 38.85
N ILE A 308 6.35 0.74 39.67
CA ILE A 308 7.64 1.36 39.38
C ILE A 308 8.54 0.33 38.72
N PHE A 309 9.02 0.65 37.52
CA PHE A 309 10.06 -0.12 36.86
C PHE A 309 11.38 0.64 36.98
N ARG A 310 12.47 -0.10 37.19
CA ARG A 310 13.77 0.49 37.43
C ARG A 310 14.81 -0.13 36.53
N SER A 311 15.77 0.69 36.11
CA SER A 311 16.89 0.20 35.33
C SER A 311 17.78 -0.68 36.21
N PRO A 312 18.56 -1.58 35.60
CA PRO A 312 19.39 -2.48 36.41
C PRO A 312 20.37 -1.76 37.34
N ASP A 313 20.80 -0.55 36.98
CA ASP A 313 21.74 0.20 37.78
C ASP A 313 21.08 1.11 38.81
N LYS A 314 19.74 1.11 38.87
CA LYS A 314 18.98 1.95 39.79
C LYS A 314 19.33 3.43 39.59
N LYS A 315 19.12 3.90 38.36
CA LYS A 315 19.49 5.26 37.99
C LYS A 315 18.30 6.00 37.37
N GLU A 316 17.43 5.27 36.70
CA GLU A 316 16.28 5.87 36.03
C GLU A 316 15.06 4.99 36.26
N ALA A 317 13.98 5.59 36.76
CA ALA A 317 12.77 4.87 37.08
C ALA A 317 11.59 5.44 36.29
N VAL A 318 10.72 4.54 35.82
CA VAL A 318 9.56 4.92 35.03
C VAL A 318 8.32 4.29 35.67
N HIS A 319 7.17 4.86 35.33
CA HIS A 319 5.88 4.35 35.76
C HIS A 319 5.23 3.58 34.62
N LEU A 320 4.37 2.63 34.98
CA LEU A 320 3.71 1.82 33.97
C LEU A 320 2.74 2.69 33.17
N CYS A 321 2.91 2.68 31.85
CA CYS A 321 2.04 3.46 30.96
C CYS A 321 1.99 2.73 29.62
N ILE A 322 0.86 2.12 29.32
CA ILE A 322 0.70 1.37 28.08
C ILE A 322 0.57 2.33 26.91
N TYR A 323 1.40 2.14 25.90
CA TYR A 323 1.44 3.02 24.74
C TYR A 323 1.00 2.29 23.48
N GLU A 324 0.39 3.04 22.57
CA GLU A 324 -0.20 2.50 21.36
C GLU A 324 0.76 2.71 20.18
N ARG A 325 0.86 1.69 19.34
CA ARG A 325 1.69 1.72 18.14
C ARG A 325 0.79 1.41 16.95
N ASN A 326 0.72 2.36 16.01
CA ASN A 326 -0.15 2.24 14.84
C ASN A 326 0.69 1.94 13.61
N GLN A 327 0.30 0.91 12.88
CA GLN A 327 0.95 0.51 11.64
C GLN A 327 0.05 0.82 10.46
N SER A 328 0.58 1.55 9.49
CA SER A 328 -0.18 1.98 8.33
C SER A 328 0.03 1.02 7.17
N SER A 329 -0.89 1.08 6.21
CA SER A 329 -0.86 0.21 5.05
C SER A 329 0.12 0.76 4.02
N HIS A 330 0.18 0.13 2.84
CA HIS A 330 1.08 0.57 1.79
C HIS A 330 0.45 0.47 0.40
N LYS A 331 -0.87 0.47 0.30
CA LYS A 331 -1.55 0.33 -0.99
C LYS A 331 -2.69 1.33 -1.07
N GLY A 332 -2.73 2.11 -2.16
CA GLY A 332 -3.85 2.97 -2.47
C GLY A 332 -4.27 3.90 -1.36
N VAL A 333 -3.44 4.90 -1.04
CA VAL A 333 -3.63 5.78 0.10
C VAL A 333 -3.52 4.95 1.37
N CYS A 334 -2.38 5.04 2.05
CA CYS A 334 -2.02 4.11 3.11
C CYS A 334 -3.07 4.03 4.22
N GLY A 335 -3.24 5.10 4.98
CA GLY A 335 -4.16 5.10 6.09
C GLY A 335 -3.76 4.15 7.20
N MET A 336 -4.40 4.26 8.36
CA MET A 336 -4.12 3.34 9.45
C MET A 336 -4.67 1.95 9.13
N ALA A 337 -3.88 0.92 9.42
CA ALA A 337 -4.25 -0.45 9.09
C ALA A 337 -4.28 -1.39 10.28
N ASN A 338 -3.44 -1.16 11.30
CA ASN A 338 -3.41 -2.04 12.46
C ASN A 338 -2.94 -1.25 13.66
N THR A 339 -3.30 -1.74 14.85
CA THR A 339 -2.88 -1.11 16.10
C THR A 339 -2.45 -2.18 17.10
N THR A 340 -1.43 -1.85 17.89
CA THR A 340 -0.94 -2.73 18.94
C THR A 340 -0.71 -1.91 20.19
N PHE A 341 -0.67 -2.59 21.34
CA PHE A 341 -0.48 -1.95 22.62
C PHE A 341 0.70 -2.60 23.33
N HIS A 342 1.60 -1.76 23.87
CA HIS A 342 2.83 -2.23 24.48
C HIS A 342 3.01 -1.60 25.84
N VAL A 343 3.86 -2.23 26.66
CA VAL A 343 4.13 -1.81 28.03
C VAL A 343 5.56 -1.27 28.10
N ASN A 344 5.71 -0.09 28.69
CA ASN A 344 7.03 0.51 28.88
C ASN A 344 7.65 -0.03 30.16
N ASN A 345 8.85 -0.58 30.05
CA ASN A 345 9.58 -1.04 31.22
C ASN A 345 11.06 -1.08 30.88
N ASN A 346 11.90 -0.75 31.85
CA ASN A 346 13.34 -0.69 31.67
C ASN A 346 14.07 -1.66 32.58
N ASN A 347 13.46 -2.82 32.84
CA ASN A 347 14.04 -3.83 33.72
C ASN A 347 14.36 -5.13 32.99
N GLY A 348 14.16 -5.20 31.68
CA GLY A 348 14.50 -6.39 30.93
C GLY A 348 13.41 -7.44 30.85
N THR A 349 12.26 -7.20 31.46
CA THR A 349 11.16 -8.17 31.39
C THR A 349 10.38 -8.00 30.09
N ILE A 350 10.07 -9.12 29.45
CA ILE A 350 9.29 -9.12 28.22
C ILE A 350 7.82 -9.35 28.57
N PHE A 351 6.98 -8.39 28.24
CA PHE A 351 5.53 -8.51 28.38
C PHE A 351 4.98 -8.96 27.04
N PHE A 352 4.33 -10.13 27.02
CA PHE A 352 3.87 -10.75 25.80
C PHE A 352 2.35 -10.87 25.80
N ASP A 353 1.75 -10.49 24.68
CA ASP A 353 0.32 -10.64 24.43
C ASP A 353 0.15 -11.68 23.33
N LEU A 354 -0.57 -12.76 23.64
CA LEU A 354 -0.75 -13.84 22.67
C LEU A 354 -1.73 -13.45 21.57
N TYR A 355 -2.64 -12.53 21.85
CA TYR A 355 -3.63 -12.11 20.86
C TYR A 355 -2.96 -11.56 19.62
N SER A 356 -2.02 -10.62 19.79
CA SER A 356 -1.35 -10.02 18.65
C SER A 356 -0.53 -11.03 17.88
N PHE A 357 0.19 -11.91 18.59
CA PHE A 357 1.01 -12.91 17.93
C PHE A 357 0.17 -13.87 17.09
N ILE A 358 -0.95 -14.33 17.65
CA ILE A 358 -1.80 -15.27 16.93
C ILE A 358 -2.48 -14.57 15.75
N GLN A 359 -2.91 -13.32 15.94
CA GLN A 359 -3.59 -12.61 14.87
C GLN A 359 -2.65 -12.30 13.71
N LYS A 360 -1.38 -12.00 14.01
CA LYS A 360 -0.44 -11.66 12.95
C LYS A 360 0.00 -12.90 12.15
N SER A 361 0.05 -14.06 12.80
CA SER A 361 0.65 -15.24 12.19
C SER A 361 -0.36 -16.25 11.65
N GLU A 362 -1.63 -16.11 11.99
CA GLU A 362 -2.65 -17.09 11.58
C GLU A 362 -3.81 -16.40 10.90
N LYS A 363 -4.53 -17.17 10.08
CA LYS A 363 -5.74 -16.72 9.42
C LYS A 363 -6.90 -17.57 9.92
N LEU A 364 -7.91 -16.91 10.50
CA LEU A 364 -9.03 -17.63 11.10
C LEU A 364 -10.29 -16.81 10.90
N ASP A 365 -11.44 -17.50 11.02
CA ASP A 365 -12.73 -16.80 11.00
C ASP A 365 -12.86 -15.84 12.16
N SER A 366 -12.44 -16.27 13.35
CA SER A 366 -12.49 -15.44 14.54
C SER A 366 -11.20 -15.60 15.31
N TYR A 367 -10.86 -14.59 16.11
CA TYR A 367 -9.61 -14.57 16.88
C TYR A 367 -9.88 -14.49 18.38
N LYS A 368 -11.03 -14.99 18.82
CA LYS A 368 -11.30 -15.08 20.24
C LYS A 368 -10.59 -16.28 20.84
N LEU A 369 -10.50 -16.28 22.18
CA LEU A 369 -9.80 -17.36 22.87
C LEU A 369 -10.48 -18.71 22.63
N ASP A 370 -11.82 -18.73 22.63
CA ASP A 370 -12.55 -19.97 22.42
C ASP A 370 -12.27 -20.55 21.04
N SER A 371 -12.26 -19.69 20.01
CA SER A 371 -12.03 -20.16 18.65
C SER A 371 -10.64 -20.77 18.50
N ILE A 372 -9.62 -20.08 19.03
CA ILE A 372 -8.25 -20.56 18.91
C ILE A 372 -8.08 -21.85 19.71
N SER A 373 -8.67 -21.92 20.90
CA SER A 373 -8.57 -23.14 21.70
C SER A 373 -9.25 -24.31 21.01
N LYS A 374 -10.42 -24.08 20.41
CA LYS A 374 -11.10 -25.15 19.69
C LYS A 374 -10.30 -25.59 18.47
N ASN A 375 -9.70 -24.64 17.76
CA ASN A 375 -8.90 -24.99 16.58
C ASN A 375 -7.64 -25.74 16.95
N ALA A 376 -7.05 -25.45 18.11
CA ALA A 376 -5.77 -26.04 18.49
C ALA A 376 -5.92 -27.31 19.30
N PHE A 377 -6.86 -27.35 20.24
CA PHE A 377 -6.98 -28.46 21.19
C PHE A 377 -8.17 -29.33 20.78
N SER A 378 -7.89 -30.34 19.96
CA SER A 378 -8.91 -31.28 19.50
C SER A 378 -8.31 -32.67 19.42
N CYS A 379 -9.17 -33.68 19.54
CA CYS A 379 -8.74 -35.07 19.50
C CYS A 379 -9.92 -35.93 19.08
N MET A 380 -9.64 -37.21 18.87
CA MET A 380 -10.66 -38.20 18.52
C MET A 380 -10.87 -39.14 19.70
N GLY A 381 -12.13 -39.32 20.08
CA GLY A 381 -12.49 -40.16 21.21
C GLY A 381 -13.29 -41.38 20.77
N LYS A 382 -13.03 -42.50 21.43
CA LYS A 382 -13.71 -43.76 21.17
C LYS A 382 -14.73 -44.01 22.26
N VAL A 383 -15.96 -44.37 21.86
CA VAL A 383 -17.02 -44.64 22.81
C VAL A 383 -16.68 -45.88 23.62
N LEU A 384 -16.80 -45.77 24.95
CA LEU A 384 -16.50 -46.88 25.84
C LEU A 384 -17.64 -47.19 26.80
N ASN A 385 -18.46 -46.21 27.15
CA ASN A 385 -19.64 -46.43 27.98
C ASN A 385 -20.75 -45.46 27.57
N ARG A 386 -21.97 -45.81 27.95
CA ARG A 386 -23.14 -44.97 27.77
C ARG A 386 -23.77 -44.68 29.13
N GLY A 387 -24.89 -43.96 29.12
CA GLY A 387 -25.57 -43.62 30.34
C GLY A 387 -26.89 -42.95 30.03
N VAL A 388 -27.67 -42.74 31.10
CA VAL A 388 -28.97 -42.09 30.94
C VAL A 388 -28.80 -40.66 30.44
N ARG A 389 -27.80 -39.95 30.98
CA ARG A 389 -27.46 -38.62 30.50
C ARG A 389 -25.97 -38.37 30.40
N GLU A 390 -25.14 -39.37 30.71
CA GLU A 390 -23.69 -39.23 30.67
C GLU A 390 -23.13 -39.95 29.44
N MET A 391 -21.82 -39.81 29.25
CA MET A 391 -21.16 -40.38 28.08
C MET A 391 -19.67 -40.45 28.37
N THR A 392 -19.11 -41.65 28.42
CA THR A 392 -17.70 -41.85 28.73
C THR A 392 -16.90 -42.02 27.44
N PHE A 393 -15.84 -41.22 27.30
CA PHE A 393 -14.94 -41.29 26.16
C PHE A 393 -13.56 -41.76 26.60
N ILE A 394 -12.65 -41.85 25.63
CA ILE A 394 -11.28 -42.26 25.90
C ILE A 394 -10.42 -41.81 24.72
N GLY A 395 -9.14 -41.62 24.97
CA GLY A 395 -8.22 -41.21 23.93
C GLY A 395 -6.85 -41.79 24.17
N ASP A 396 -6.13 -42.05 23.08
CA ASP A 396 -4.78 -42.61 23.13
C ASP A 396 -4.19 -42.51 21.73
N ASP A 397 -2.98 -43.06 21.57
CA ASP A 397 -2.33 -43.04 20.27
C ASP A 397 -3.00 -43.95 19.26
N THR A 398 -3.80 -44.92 19.72
CA THR A 398 -4.50 -45.81 18.79
C THR A 398 -5.70 -45.14 18.15
N THR A 399 -6.37 -44.24 18.87
CA THR A 399 -7.58 -43.62 18.35
C THR A 399 -7.26 -42.49 17.37
N ASP A 400 -6.40 -41.56 17.78
CA ASP A 400 -6.04 -40.41 16.97
C ASP A 400 -4.54 -40.43 16.69
N ALA A 401 -4.04 -39.37 16.06
CA ALA A 401 -2.63 -39.27 15.75
C ALA A 401 -1.81 -39.12 17.04
N LYS A 402 -0.54 -39.48 16.94
CA LYS A 402 0.34 -39.44 18.10
C LYS A 402 0.52 -38.01 18.59
N GLY A 403 0.36 -37.81 19.89
CA GLY A 403 0.54 -36.52 20.52
C GLY A 403 -0.74 -35.75 20.77
N LYS A 404 -1.82 -36.06 20.05
CA LYS A 404 -3.07 -35.35 20.27
C LYS A 404 -3.67 -35.66 21.63
N ALA A 405 -3.64 -36.94 22.02
CA ALA A 405 -4.21 -37.35 23.30
C ALA A 405 -3.45 -36.73 24.47
N ASP A 406 -2.11 -36.65 24.37
CA ASP A 406 -1.33 -36.05 25.44
C ASP A 406 -1.67 -34.57 25.60
N THR A 407 -1.79 -33.84 24.50
CA THR A 407 -2.16 -32.43 24.58
C THR A 407 -3.56 -32.27 25.15
N PHE A 408 -4.50 -33.13 24.73
CA PHE A 408 -5.85 -33.05 25.27
C PHE A 408 -5.86 -33.33 26.77
N ALA A 409 -5.07 -34.29 27.22
CA ALA A 409 -4.98 -34.57 28.65
C ALA A 409 -4.36 -33.39 29.41
N LYS A 410 -3.33 -32.77 28.83
CA LYS A 410 -2.69 -31.64 29.49
C LYS A 410 -3.66 -30.47 29.64
N VAL A 411 -4.44 -30.18 28.59
CA VAL A 411 -5.42 -29.10 28.69
C VAL A 411 -6.57 -29.49 29.61
N LEU A 412 -6.89 -30.79 29.69
CA LEU A 412 -8.01 -31.28 30.48
C LEU A 412 -7.77 -31.14 31.98
N THR A 413 -6.54 -30.85 32.42
CA THR A 413 -6.27 -30.70 33.84
C THR A 413 -7.08 -29.55 34.43
N THR A 414 -7.21 -28.45 33.69
CA THR A 414 -8.01 -27.31 34.13
C THR A 414 -9.27 -27.12 33.30
N GLY A 415 -9.47 -27.92 32.25
CA GLY A 415 -10.64 -27.75 31.41
C GLY A 415 -11.93 -28.12 32.13
N ASN A 416 -13.01 -27.44 31.75
CA ASN A 416 -14.31 -27.63 32.36
C ASN A 416 -15.40 -28.06 31.38
N TYR A 417 -15.34 -27.61 30.13
CA TYR A 417 -16.37 -27.92 29.14
C TYR A 417 -15.71 -28.45 27.87
N VAL A 418 -16.40 -29.39 27.22
CA VAL A 418 -15.90 -30.04 26.02
C VAL A 418 -16.96 -29.95 24.93
N THR A 419 -16.52 -29.74 23.70
CA THR A 419 -17.41 -29.67 22.54
C THR A 419 -17.30 -30.97 21.75
N VAL A 420 -18.45 -31.56 21.46
CA VAL A 420 -18.56 -32.82 20.72
C VAL A 420 -19.20 -32.53 19.38
N ASP A 421 -18.59 -33.04 18.31
CA ASP A 421 -19.07 -32.89 16.94
C ASP A 421 -19.24 -31.42 16.55
N GLU A 422 -18.42 -30.56 17.16
CA GLU A 422 -18.41 -29.12 16.89
C GLU A 422 -19.79 -28.47 17.09
N ASP A 423 -20.72 -29.15 17.75
CA ASP A 423 -22.04 -28.57 17.97
C ASP A 423 -22.60 -28.76 19.38
N ILE A 424 -22.14 -29.73 20.17
CA ILE A 424 -22.70 -30.00 21.49
C ILE A 424 -21.70 -29.55 22.54
N ILE A 425 -22.13 -28.68 23.45
CA ILE A 425 -21.30 -28.19 24.54
C ILE A 425 -21.71 -28.93 25.81
N CYS A 426 -20.75 -29.60 26.45
CA CYS A 426 -21.05 -30.49 27.55
C CYS A 426 -20.11 -30.23 28.72
N LYS A 427 -20.67 -30.18 29.92
CA LYS A 427 -19.88 -30.02 31.14
C LYS A 427 -19.17 -31.31 31.48
N VAL A 428 -17.93 -31.20 31.95
CA VAL A 428 -17.16 -32.36 32.35
C VAL A 428 -17.63 -32.84 33.71
N ILE A 429 -17.99 -34.11 33.81
CA ILE A 429 -18.43 -34.70 35.07
C ILE A 429 -17.26 -35.23 35.87
N ARG A 430 -16.37 -35.98 35.23
CA ARG A 430 -15.21 -36.55 35.90
C ARG A 430 -14.10 -36.75 34.87
N LYS A 431 -12.86 -36.61 35.32
CA LYS A 431 -11.70 -36.74 34.45
C LYS A 431 -10.67 -37.65 35.11
N ASP A 432 -9.88 -38.32 34.27
CA ASP A 432 -8.87 -39.26 34.76
C ASP A 432 -7.72 -39.27 33.76
N ILE A 433 -6.58 -38.72 34.15
CA ILE A 433 -5.42 -38.64 33.27
C ILE A 433 -4.68 -39.98 33.33
N LEU A 434 -4.49 -40.60 32.17
CA LEU A 434 -3.80 -41.88 32.07
C LEU A 434 -2.34 -41.66 31.68
N GLU A 435 -1.62 -42.77 31.51
CA GLU A 435 -0.23 -42.71 31.10
C GLU A 435 -0.05 -42.60 29.59
N ASN A 436 -1.12 -42.77 28.82
CA ASN A 436 -1.05 -42.63 27.36
C ASN A 436 -2.07 -41.64 26.80
N GLY A 437 -3.14 -41.33 27.53
CA GLY A 437 -4.15 -40.44 27.03
C GLY A 437 -5.06 -39.91 28.11
N PHE A 438 -6.36 -39.84 27.83
CA PHE A 438 -7.33 -39.29 28.76
C PHE A 438 -8.53 -40.23 28.86
N LYS A 439 -9.31 -40.04 29.92
CA LYS A 439 -10.54 -40.81 30.14
C LYS A 439 -11.52 -39.88 30.84
N VAL A 440 -12.41 -39.25 30.08
CA VAL A 440 -13.31 -38.23 30.58
C VAL A 440 -14.74 -38.65 30.30
N VAL A 441 -15.63 -38.38 31.26
CA VAL A 441 -17.07 -38.64 31.11
C VAL A 441 -17.79 -37.30 31.04
N LEU A 442 -18.67 -37.17 30.06
CA LEU A 442 -19.36 -35.93 29.77
C LEU A 442 -20.84 -36.05 30.17
N SER A 443 -21.61 -35.01 29.84
CA SER A 443 -23.06 -34.98 30.11
C SER A 443 -23.77 -34.64 28.81
N CYS A 444 -24.04 -35.65 28.01
CA CYS A 444 -24.72 -35.51 26.74
C CYS A 444 -25.59 -36.74 26.50
N PRO A 445 -26.59 -36.64 25.62
CA PRO A 445 -27.40 -37.81 25.29
C PRO A 445 -26.56 -38.91 24.65
N THR A 446 -27.21 -40.06 24.43
CA THR A 446 -26.54 -41.23 23.86
C THR A 446 -26.38 -41.03 22.36
N LEU A 447 -25.22 -40.54 21.96
CA LEU A 447 -24.90 -40.40 20.55
C LEU A 447 -24.64 -41.78 19.96
N PRO A 448 -25.36 -42.19 18.92
CA PRO A 448 -25.30 -43.58 18.44
C PRO A 448 -24.20 -43.83 17.42
N ASN A 449 -22.96 -43.48 17.78
CA ASN A 449 -21.82 -43.79 16.93
C ASN A 449 -20.70 -44.44 17.75
N ASP A 450 -19.52 -44.60 17.15
CA ASP A 450 -18.39 -45.22 17.82
C ASP A 450 -17.18 -44.31 17.95
N ILE A 451 -16.97 -43.38 17.02
CA ILE A 451 -15.82 -42.47 17.04
C ILE A 451 -16.36 -41.05 16.92
N TYR A 452 -15.87 -40.16 17.78
CA TYR A 452 -16.30 -38.77 17.75
C TYR A 452 -15.09 -37.86 17.91
N LYS A 453 -15.32 -36.56 17.79
CA LYS A 453 -14.27 -35.56 17.94
C LYS A 453 -14.57 -34.69 19.15
N LEU A 454 -13.58 -34.56 20.03
CA LEU A 454 -13.69 -33.75 21.24
C LEU A 454 -12.77 -32.55 21.13
N SER A 455 -13.29 -31.37 21.42
CA SER A 455 -12.53 -30.13 21.32
C SER A 455 -12.71 -29.31 22.59
N PHE A 456 -11.75 -28.42 22.84
CA PHE A 456 -11.79 -27.49 23.97
C PHE A 456 -12.16 -26.12 23.41
N GLY A 457 -13.43 -25.77 23.47
CA GLY A 457 -13.88 -24.54 22.84
C GLY A 457 -14.84 -23.71 23.67
N LYS A 458 -15.98 -23.37 23.09
CA LYS A 458 -16.93 -22.48 23.74
C LYS A 458 -17.56 -23.13 24.96
N ASP A 459 -18.05 -22.29 25.86
CA ASP A 459 -18.74 -22.72 27.07
C ASP A 459 -20.21 -22.29 27.00
N ASP A 460 -20.96 -22.67 28.01
CA ASP A 460 -22.37 -22.31 28.13
C ASP A 460 -22.63 -21.59 29.45
N ILE A 461 -21.75 -20.66 29.81
CA ILE A 461 -21.83 -19.91 31.05
C ILE A 461 -22.13 -18.46 30.72
N ASP A 462 -23.11 -17.87 31.41
CA ASP A 462 -23.50 -16.48 31.22
C ASP A 462 -22.88 -15.66 32.34
N LEU A 463 -21.75 -15.03 32.06
CA LEU A 463 -21.04 -14.25 33.09
C LEU A 463 -21.89 -13.10 33.59
N ALA A 464 -22.72 -12.50 32.73
CA ALA A 464 -23.59 -11.42 33.17
C ALA A 464 -24.60 -11.90 34.20
N GLN A 465 -25.18 -13.09 33.98
CA GLN A 465 -26.15 -13.62 34.94
C GLN A 465 -25.48 -14.07 36.22
N MET A 466 -24.29 -14.67 36.12
CA MET A 466 -23.59 -15.15 37.31
C MET A 466 -23.20 -13.99 38.23
N TYR A 467 -22.75 -12.88 37.65
CA TYR A 467 -22.37 -11.72 38.47
C TYR A 467 -23.59 -11.11 39.15
N LYS A 468 -24.78 -11.22 38.55
CA LYS A 468 -25.97 -10.66 39.15
C LYS A 468 -26.43 -11.48 40.36
N ASP A 469 -26.13 -12.77 40.37
CA ASP A 469 -26.47 -13.67 41.47
C ASP A 469 -25.21 -14.22 42.13
N TYR A 470 -24.23 -13.34 42.35
CA TYR A 470 -22.94 -13.75 42.88
C TYR A 470 -23.09 -14.44 44.23
N ASN A 471 -22.44 -15.60 44.37
CA ASN A 471 -22.49 -16.38 45.59
C ASN A 471 -21.10 -16.97 45.83
N LEU A 472 -20.99 -17.81 46.85
CA LEU A 472 -19.71 -18.48 47.12
C LEU A 472 -19.40 -19.51 46.04
N ASN A 473 -20.39 -20.34 45.70
CA ASN A 473 -20.17 -21.38 44.69
C ASN A 473 -19.88 -20.76 43.33
N ILE A 474 -20.59 -19.69 42.97
CA ILE A 474 -20.33 -19.01 41.71
C ILE A 474 -18.95 -18.35 41.74
N ALA A 475 -18.54 -17.86 42.91
CA ALA A 475 -17.18 -17.32 43.03
C ALA A 475 -16.14 -18.40 42.79
N LEU A 476 -16.35 -19.60 43.34
CA LEU A 476 -15.41 -20.70 43.11
C LEU A 476 -15.40 -21.11 41.64
N ASP A 477 -16.57 -21.14 41.01
CA ASP A 477 -16.65 -21.48 39.60
C ASP A 477 -15.90 -20.46 38.74
N MET A 478 -16.08 -19.17 39.05
CA MET A 478 -15.36 -18.13 38.32
C MET A 478 -13.86 -18.23 38.55
N ALA A 479 -13.44 -18.57 39.77
CA ALA A 479 -12.02 -18.77 40.04
C ALA A 479 -11.47 -19.92 39.20
N ARG A 480 -12.24 -21.02 39.09
CA ARG A 480 -11.80 -22.14 38.27
C ARG A 480 -11.70 -21.75 36.80
N TYR A 481 -12.69 -21.00 36.29
CA TYR A 481 -12.63 -20.55 34.90
C TYR A 481 -11.44 -19.62 34.67
N CYS A 482 -11.18 -18.71 35.61
CA CYS A 482 -10.09 -17.75 35.46
C CYS A 482 -8.74 -18.45 35.47
N ILE A 483 -8.56 -19.42 36.38
CA ILE A 483 -7.30 -20.16 36.40
C ILE A 483 -7.18 -21.01 35.13
N HIS A 484 -8.32 -21.50 34.60
CA HIS A 484 -8.27 -22.21 33.33
C HIS A 484 -7.79 -21.31 32.20
N ASP A 485 -8.25 -20.06 32.16
CA ASP A 485 -7.79 -19.14 31.13
C ASP A 485 -6.31 -18.80 31.31
N ALA A 486 -5.89 -18.58 32.55
CA ALA A 486 -4.48 -18.30 32.81
C ALA A 486 -3.60 -19.46 32.37
N CYS A 487 -4.05 -20.70 32.57
CA CYS A 487 -3.30 -21.86 32.11
C CYS A 487 -3.42 -22.08 30.61
N LEU A 488 -4.54 -21.65 30.01
CA LEU A 488 -4.66 -21.69 28.56
C LEU A 488 -3.64 -20.78 27.90
N CYS A 489 -3.31 -19.67 28.55
CA CYS A 489 -2.21 -18.84 28.08
C CYS A 489 -0.93 -19.65 27.95
N GLN A 490 -0.61 -20.45 28.98
CA GLN A 490 0.59 -21.28 28.94
C GLN A 490 0.47 -22.39 27.91
N TYR A 491 -0.73 -22.98 27.78
CA TYR A 491 -0.93 -24.04 26.80
C TYR A 491 -0.71 -23.53 25.38
N LEU A 492 -1.20 -22.34 25.07
CA LEU A 492 -0.97 -21.75 23.76
C LEU A 492 0.48 -21.30 23.59
N TRP A 493 1.11 -20.88 24.68
CA TRP A 493 2.54 -20.53 24.63
C TRP A 493 3.37 -21.73 24.24
N GLU A 494 3.07 -22.89 24.82
CA GLU A 494 3.80 -24.12 24.49
C GLU A 494 3.41 -24.69 23.13
N TYR A 495 2.13 -24.54 22.75
CA TYR A 495 1.64 -25.14 21.52
C TYR A 495 2.21 -24.43 20.30
N TYR A 496 2.34 -23.11 20.35
CA TYR A 496 2.80 -22.33 19.22
C TYR A 496 4.31 -22.18 19.15
N GLY A 497 5.04 -22.71 20.13
CA GLY A 497 6.49 -22.64 20.13
C GLY A 497 7.01 -21.22 20.12
N VAL A 498 6.43 -20.36 20.96
CA VAL A 498 6.78 -18.94 20.94
C VAL A 498 8.22 -18.73 21.38
N GLU A 499 8.71 -19.53 22.34
CA GLU A 499 10.09 -19.39 22.77
C GLU A 499 11.06 -19.80 21.67
N THR A 500 10.79 -20.94 21.02
CA THR A 500 11.63 -21.39 19.91
C THR A 500 11.59 -20.40 18.75
N LYS A 501 10.40 -19.91 18.42
CA LYS A 501 10.26 -18.94 17.34
C LYS A 501 11.00 -17.65 17.68
N THR A 502 10.92 -17.21 18.94
CA THR A 502 11.64 -15.99 19.35
C THR A 502 13.14 -16.18 19.23
N ASP A 503 13.66 -17.33 19.67
CA ASP A 503 15.09 -17.57 19.55
C ASP A 503 15.52 -17.61 18.09
N ALA A 504 14.74 -18.29 17.24
CA ALA A 504 15.09 -18.36 15.82
C ALA A 504 15.05 -16.98 15.17
N GLY A 505 14.02 -16.18 15.48
CA GLY A 505 13.94 -14.85 14.92
C GLY A 505 15.06 -13.94 15.37
N ALA A 506 15.42 -14.00 16.65
CA ALA A 506 16.54 -13.20 17.13
C ALA A 506 17.84 -13.62 16.47
N ALA A 507 18.04 -14.93 16.28
CA ALA A 507 19.26 -15.40 15.64
C ALA A 507 19.33 -14.98 14.18
N THR A 508 18.20 -15.05 13.46
CA THR A 508 18.22 -14.83 12.02
C THR A 508 18.17 -13.35 11.67
N TYR A 509 17.24 -12.60 12.26
CA TYR A 509 17.04 -11.20 11.92
C TYR A 509 18.06 -10.28 12.56
N VAL A 510 18.86 -10.77 13.51
CA VAL A 510 19.83 -9.98 14.27
C VAL A 510 19.07 -8.84 14.94
N LEU A 511 18.20 -9.18 15.89
CA LEU A 511 17.37 -8.20 16.59
C LEU A 511 17.22 -8.63 18.03
N PRO A 512 16.95 -7.68 18.93
CA PRO A 512 16.66 -8.05 20.32
C PRO A 512 15.41 -8.92 20.40
N GLN A 513 15.38 -9.78 21.42
CA GLN A 513 14.29 -10.74 21.57
C GLN A 513 12.95 -10.06 21.77
N SER A 514 12.93 -8.83 22.23
CA SER A 514 11.68 -8.13 22.52
C SER A 514 11.03 -7.50 21.29
N MET A 515 11.69 -7.56 20.13
CA MET A 515 11.16 -6.95 18.92
C MET A 515 11.24 -7.89 17.72
N VAL A 516 11.22 -9.20 17.97
CA VAL A 516 11.28 -10.16 16.87
C VAL A 516 9.98 -10.15 16.08
N PHE A 517 8.84 -10.14 16.78
CA PHE A 517 7.53 -10.18 16.13
C PHE A 517 6.89 -8.81 16.02
N GLU A 518 7.69 -7.76 15.84
CA GLU A 518 7.17 -6.40 15.80
C GLU A 518 7.37 -5.68 14.48
N TYR A 519 8.12 -6.26 13.55
CA TYR A 519 8.45 -5.59 12.30
C TYR A 519 8.10 -6.50 11.12
N ARG A 520 7.84 -5.87 9.98
CA ARG A 520 7.51 -6.59 8.76
C ARG A 520 8.78 -6.90 7.96
N ALA A 521 8.61 -7.34 6.71
CA ALA A 521 9.74 -7.80 5.92
C ALA A 521 10.72 -6.69 5.62
N SER A 522 10.26 -5.44 5.58
CA SER A 522 11.16 -4.33 5.25
C SER A 522 12.25 -4.13 6.28
N THR A 523 12.01 -4.52 7.53
CA THR A 523 12.96 -4.32 8.62
C THR A 523 13.70 -5.58 9.02
N ILE A 524 13.03 -6.74 9.01
CA ILE A 524 13.65 -7.97 9.47
C ILE A 524 14.73 -8.50 8.55
N ILE A 525 14.87 -7.93 7.35
CA ILE A 525 15.92 -8.35 6.41
C ILE A 525 17.13 -7.45 6.45
N LYS A 526 17.10 -6.37 7.24
CA LYS A 526 18.20 -5.41 7.22
C LYS A 526 19.44 -5.94 7.94
N GLY A 527 19.26 -6.82 8.92
CA GLY A 527 20.38 -7.41 9.61
C GLY A 527 21.24 -8.29 8.72
N PRO A 528 20.63 -9.34 8.16
CA PRO A 528 21.36 -10.16 7.18
C PRO A 528 21.83 -9.37 5.96
N LEU A 529 21.06 -8.37 5.51
CA LEU A 529 21.50 -7.55 4.40
C LEU A 529 22.76 -6.77 4.74
N LEU A 530 22.82 -6.19 5.94
CA LEU A 530 24.01 -5.47 6.37
C LEU A 530 25.20 -6.42 6.53
N LYS A 531 24.95 -7.62 7.05
CA LYS A 531 26.03 -8.60 7.14
C LYS A 531 26.57 -8.96 5.77
N LEU A 532 25.67 -9.18 4.80
CA LEU A 532 26.10 -9.51 3.45
C LEU A 532 26.85 -8.35 2.80
N LEU A 533 26.38 -7.12 3.01
CA LEU A 533 27.05 -5.96 2.43
C LEU A 533 28.43 -5.77 3.02
N LEU A 534 28.59 -6.01 4.33
CA LEU A 534 29.91 -5.89 4.94
C LEU A 534 30.83 -7.02 4.49
N GLU A 535 30.29 -8.22 4.29
CA GLU A 535 31.12 -9.33 3.83
C GLU A 535 31.57 -9.12 2.39
N THR A 536 30.69 -8.60 1.54
CA THR A 536 31.02 -8.34 0.15
C THR A 536 31.65 -6.97 -0.07
N LYS A 537 31.66 -6.11 0.95
CA LYS A 537 32.29 -4.79 0.88
C LYS A 537 31.69 -3.94 -0.24
N THR A 538 30.37 -3.79 -0.18
CA THR A 538 29.62 -3.08 -1.21
C THR A 538 28.61 -2.14 -0.56
N ILE A 539 28.44 -0.96 -1.15
CA ILE A 539 27.44 0.01 -0.75
C ILE A 539 26.60 0.36 -1.98
N LEU A 540 25.28 0.41 -1.81
CA LEU A 540 24.36 0.72 -2.89
C LEU A 540 23.73 2.07 -2.64
N VAL A 541 23.77 2.95 -3.64
CA VAL A 541 23.20 4.28 -3.52
C VAL A 541 22.29 4.56 -4.72
N ARG A 542 21.25 5.35 -4.49
CA ARG A 542 20.36 5.81 -5.55
C ARG A 542 20.11 7.30 -5.38
N SER A 543 20.01 8.00 -6.51
CA SER A 543 19.80 9.45 -6.50
C SER A 543 18.52 9.85 -7.20
N GLU A 544 18.26 9.33 -8.40
CA GLU A 544 17.10 9.74 -9.17
C GLU A 544 15.81 9.24 -8.53
N THR A 545 14.71 9.91 -8.88
CA THR A 545 13.41 9.50 -8.38
C THR A 545 12.98 8.17 -9.01
N LYS A 546 11.97 7.55 -8.40
CA LYS A 546 11.50 6.23 -8.81
C LYS A 546 10.09 6.35 -9.35
N GLN A 547 9.97 6.35 -10.68
CA GLN A 547 8.66 6.32 -11.33
C GLN A 547 8.10 4.90 -11.28
N LYS A 548 6.77 4.81 -11.15
CA LYS A 548 6.09 3.54 -10.97
C LYS A 548 5.33 3.17 -12.23
N PHE A 549 5.48 1.92 -12.67
CA PHE A 549 4.74 1.37 -13.79
C PHE A 549 4.21 0.00 -13.43
N PRO A 550 2.99 -0.34 -13.83
CA PRO A 550 2.50 -1.70 -13.64
C PRO A 550 3.25 -2.69 -14.50
N TYR A 551 3.31 -3.94 -14.04
CA TYR A 551 3.93 -5.01 -14.80
C TYR A 551 3.09 -6.28 -14.69
N GLU A 552 3.17 -7.11 -15.72
CA GLU A 552 2.39 -8.33 -15.79
C GLU A 552 2.92 -9.37 -14.81
N GLY A 553 2.01 -10.16 -14.27
CA GLY A 553 2.33 -11.22 -13.32
C GLY A 553 2.35 -12.60 -13.95
N GLY A 554 2.00 -13.61 -13.15
CA GLY A 554 2.06 -14.98 -13.60
C GLY A 554 0.97 -15.32 -14.58
N LYS A 555 1.12 -16.49 -15.20
CA LYS A 555 0.19 -16.98 -16.22
C LYS A 555 -0.65 -18.12 -15.64
N VAL A 556 -1.96 -18.02 -15.84
CA VAL A 556 -2.91 -19.04 -15.40
C VAL A 556 -3.60 -19.59 -16.63
N PHE A 557 -3.53 -20.92 -16.81
CA PHE A 557 -4.18 -21.56 -17.94
C PHE A 557 -5.67 -21.73 -17.69
N ALA A 558 -6.46 -21.55 -18.73
CA ALA A 558 -7.91 -21.73 -18.62
C ALA A 558 -8.23 -23.21 -18.51
N PRO A 559 -9.08 -23.62 -17.58
CA PRO A 559 -9.45 -25.03 -17.49
C PRO A 559 -10.21 -25.49 -18.72
N LYS A 560 -10.01 -26.76 -19.08
CA LYS A 560 -10.66 -27.33 -20.26
C LYS A 560 -11.98 -28.00 -19.94
N GLN A 561 -12.09 -28.63 -18.78
CA GLN A 561 -13.31 -29.33 -18.38
C GLN A 561 -13.64 -28.98 -16.93
N LYS A 562 -14.91 -29.18 -16.57
CA LYS A 562 -15.34 -29.02 -15.20
C LYS A 562 -15.21 -30.32 -14.41
N MET A 563 -15.74 -31.41 -14.95
CA MET A 563 -15.58 -32.74 -14.36
C MET A 563 -14.72 -33.59 -15.28
N PHE A 564 -13.78 -34.33 -14.69
CA PHE A 564 -12.79 -35.08 -15.44
C PHE A 564 -12.97 -36.58 -15.37
N SER A 565 -13.28 -37.12 -14.20
CA SER A 565 -13.46 -38.56 -13.98
C SER A 565 -12.20 -39.36 -14.32
N ASN A 566 -11.05 -38.69 -14.38
CA ASN A 566 -9.78 -39.34 -14.64
C ASN A 566 -8.74 -38.80 -13.66
N ASN A 567 -7.71 -39.61 -13.40
CA ASN A 567 -6.65 -39.19 -12.51
C ASN A 567 -5.87 -38.04 -13.13
N VAL A 568 -5.60 -37.01 -12.32
CA VAL A 568 -4.86 -35.83 -12.75
C VAL A 568 -3.58 -35.77 -11.94
N LEU A 569 -2.45 -35.61 -12.64
CA LEU A 569 -1.14 -35.58 -12.01
C LEU A 569 -0.68 -34.14 -11.89
N ILE A 570 -0.18 -33.78 -10.70
CA ILE A 570 0.16 -32.40 -10.37
C ILE A 570 1.67 -32.30 -10.21
N PHE A 571 2.28 -31.39 -10.97
CA PHE A 571 3.71 -31.14 -10.88
C PHE A 571 3.95 -29.68 -10.52
N ASP A 572 4.73 -29.44 -9.46
CA ASP A 572 4.88 -28.11 -8.89
C ASP A 572 6.35 -27.73 -8.79
N TYR A 573 6.67 -26.52 -9.23
CA TYR A 573 8.01 -25.98 -9.07
C TYR A 573 8.31 -25.70 -7.60
N ASN A 574 9.56 -25.90 -7.21
CA ASN A 574 10.01 -25.67 -5.85
C ASN A 574 10.66 -24.29 -5.76
N SER A 575 10.08 -23.41 -4.96
CA SER A 575 10.58 -22.05 -4.74
C SER A 575 10.86 -21.36 -6.07
N LEU A 576 9.77 -21.14 -6.82
CA LEU A 576 9.90 -20.70 -8.21
C LEU A 576 10.61 -19.37 -8.33
N TYR A 577 10.16 -18.35 -7.60
CA TYR A 577 10.68 -17.00 -7.81
C TYR A 577 12.08 -16.81 -7.23
N PRO A 578 12.37 -17.28 -6.02
CA PRO A 578 13.77 -17.23 -5.56
C PRO A 578 14.73 -17.98 -6.49
N ASN A 579 14.31 -19.13 -7.01
CA ASN A 579 15.18 -19.88 -7.91
C ASN A 579 15.32 -19.19 -9.26
N VAL A 580 14.27 -18.51 -9.73
CA VAL A 580 14.39 -17.72 -10.95
C VAL A 580 15.37 -16.58 -10.75
N CYS A 581 15.30 -15.90 -9.60
CA CYS A 581 16.24 -14.82 -9.33
C CYS A 581 17.67 -15.35 -9.24
N ILE A 582 17.85 -16.52 -8.63
CA ILE A 582 19.18 -17.11 -8.55
C ILE A 582 19.69 -17.48 -9.94
N PHE A 583 18.83 -18.08 -10.77
CA PHE A 583 19.23 -18.51 -12.11
C PHE A 583 19.58 -17.34 -13.00
N GLY A 584 18.79 -16.27 -12.94
CA GLY A 584 19.02 -15.12 -13.78
C GLY A 584 19.93 -14.06 -13.21
N ASN A 585 20.37 -14.21 -11.95
CA ASN A 585 21.23 -13.22 -11.29
C ASN A 585 20.57 -11.84 -11.28
N LEU A 586 19.29 -11.81 -10.96
CA LEU A 586 18.50 -10.57 -11.02
C LEU A 586 18.76 -9.75 -9.76
N SER A 587 19.58 -8.72 -9.90
CA SER A 587 19.89 -7.78 -8.82
C SER A 587 19.97 -6.38 -9.40
N PRO A 588 19.65 -5.35 -8.61
CA PRO A 588 19.75 -3.98 -9.13
C PRO A 588 21.14 -3.58 -9.60
N GLU A 589 22.19 -4.12 -8.98
CA GLU A 589 23.55 -3.75 -9.37
C GLU A 589 24.10 -4.60 -10.50
N THR A 590 23.44 -5.70 -10.86
CA THR A 590 23.87 -6.55 -11.95
C THR A 590 23.11 -6.30 -13.24
N LEU A 591 22.17 -5.35 -13.24
CA LEU A 591 21.41 -5.02 -14.44
C LEU A 591 22.27 -4.21 -15.39
N VAL A 592 22.57 -4.78 -16.56
CA VAL A 592 23.39 -4.06 -17.53
C VAL A 592 22.62 -2.89 -18.13
N GLY A 593 21.36 -3.10 -18.48
CA GLY A 593 20.56 -2.01 -19.01
C GLY A 593 19.23 -2.51 -19.53
N VAL A 594 18.44 -1.55 -20.01
CA VAL A 594 17.14 -1.79 -20.61
C VAL A 594 17.13 -1.13 -21.97
N VAL A 595 16.79 -1.90 -23.01
CA VAL A 595 16.76 -1.42 -24.38
C VAL A 595 15.32 -1.48 -24.88
N VAL A 596 14.80 -0.34 -25.34
CA VAL A 596 13.42 -0.26 -25.81
C VAL A 596 13.42 0.21 -27.26
N SER A 597 12.33 -0.11 -27.95
CA SER A 597 12.18 0.23 -29.35
C SER A 597 10.79 0.77 -29.60
N THR A 598 10.67 1.64 -30.61
CA THR A 598 9.40 2.23 -31.00
C THR A 598 8.84 1.63 -32.30
N ASN A 599 9.70 1.14 -33.18
CA ASN A 599 9.28 0.60 -34.47
C ASN A 599 10.02 -0.71 -34.71
N ARG A 600 9.64 -1.39 -35.80
CA ARG A 600 10.21 -2.70 -36.10
C ARG A 600 11.62 -2.61 -36.68
N LEU A 601 11.93 -1.56 -37.42
CA LEU A 601 13.29 -1.41 -37.97
C LEU A 601 14.31 -1.30 -36.86
N GLU A 602 14.09 -0.37 -35.93
CA GLU A 602 15.02 -0.20 -34.81
C GLU A 602 15.03 -1.44 -33.92
N GLU A 603 13.89 -2.08 -33.74
CA GLU A 603 13.84 -3.29 -32.93
C GLU A 603 14.70 -4.39 -33.53
N GLU A 604 14.59 -4.60 -34.85
CA GLU A 604 15.38 -5.63 -35.51
C GLU A 604 16.87 -5.28 -35.49
N ILE A 605 17.21 -4.01 -35.72
CA ILE A 605 18.62 -3.62 -35.68
C ILE A 605 19.19 -3.83 -34.28
N ASN A 606 18.45 -3.44 -33.25
CA ASN A 606 18.90 -3.61 -31.89
C ASN A 606 19.03 -5.08 -31.53
N ASN A 607 18.09 -5.91 -31.98
CA ASN A 607 18.19 -7.34 -31.72
C ASN A 607 19.42 -7.94 -32.38
N GLN A 608 19.70 -7.56 -33.62
CA GLN A 608 20.88 -8.07 -34.31
C GLN A 608 22.16 -7.64 -33.59
N LEU A 609 22.22 -6.39 -33.14
CA LEU A 609 23.40 -5.93 -32.40
C LEU A 609 23.52 -6.64 -31.06
N LEU A 610 22.40 -6.85 -30.38
CA LEU A 610 22.38 -7.39 -29.03
C LEU A 610 22.73 -8.87 -28.98
N LEU A 611 22.28 -9.64 -29.98
CA LEU A 611 22.56 -11.07 -29.97
C LEU A 611 24.06 -11.35 -30.04
N GLN A 612 24.84 -10.44 -30.61
CA GLN A 612 26.28 -10.63 -30.72
C GLN A 612 27.08 -9.82 -29.72
N LYS A 613 26.55 -8.69 -29.23
CA LYS A 613 27.29 -7.90 -28.26
C LYS A 613 27.37 -8.60 -26.90
N TYR A 614 26.29 -9.28 -26.50
CA TYR A 614 26.20 -9.93 -25.20
C TYR A 614 25.86 -11.41 -25.40
N PRO A 615 26.86 -12.26 -25.59
CA PRO A 615 26.58 -13.68 -25.77
C PRO A 615 26.10 -14.31 -24.47
N PRO A 616 25.26 -15.33 -24.54
CA PRO A 616 24.68 -15.90 -23.32
C PRO A 616 25.43 -17.11 -22.79
N PRO A 617 26.76 -17.03 -22.58
CA PRO A 617 27.34 -17.82 -21.48
C PRO A 617 27.44 -17.00 -20.20
N ARG A 618 27.39 -15.68 -20.34
CA ARG A 618 27.60 -14.75 -19.24
C ARG A 618 26.43 -13.79 -19.03
N TYR A 619 25.85 -13.27 -20.10
CA TYR A 619 24.72 -12.36 -20.00
C TYR A 619 23.42 -13.09 -20.28
N ILE A 620 22.33 -12.59 -19.71
CA ILE A 620 21.00 -13.12 -19.97
C ILE A 620 20.08 -11.97 -20.35
N THR A 621 19.29 -12.17 -21.40
CA THR A 621 18.39 -11.15 -21.91
C THR A 621 16.95 -11.61 -21.73
N VAL A 622 16.13 -10.73 -21.14
CA VAL A 622 14.74 -11.04 -20.83
C VAL A 622 13.85 -10.12 -21.64
N HIS A 623 12.90 -10.71 -22.36
CA HIS A 623 11.94 -9.96 -23.16
C HIS A 623 10.72 -9.66 -22.29
N CYS A 624 10.57 -8.39 -21.90
CA CYS A 624 9.49 -7.96 -21.04
C CYS A 624 8.49 -7.14 -21.84
N GLU A 625 7.31 -6.95 -21.26
CA GLU A 625 6.30 -6.10 -21.89
C GLU A 625 6.74 -4.64 -21.80
N PRO A 626 6.44 -3.85 -22.82
CA PRO A 626 6.80 -2.42 -22.78
C PRO A 626 6.14 -1.72 -21.61
N ARG A 627 6.88 -0.78 -20.99
CA ARG A 627 6.37 0.00 -19.88
C ARG A 627 5.60 1.23 -20.31
N LEU A 628 5.64 1.59 -21.60
CA LEU A 628 4.92 2.74 -22.13
C LEU A 628 4.18 2.33 -23.38
N PRO A 629 3.03 2.96 -23.66
CA PRO A 629 2.26 2.59 -24.86
C PRO A 629 3.02 2.83 -26.16
N ASN A 630 3.86 3.85 -26.23
CA ASN A 630 4.57 4.17 -27.46
C ASN A 630 5.66 3.16 -27.80
N LEU A 631 6.06 2.31 -26.84
CA LEU A 631 7.09 1.31 -27.06
C LEU A 631 6.45 -0.02 -27.42
N ILE A 632 7.11 -0.77 -28.30
CA ILE A 632 6.64 -2.08 -28.71
C ILE A 632 7.57 -3.19 -28.24
N SER A 633 8.70 -2.87 -27.63
CA SER A 633 9.64 -3.87 -27.18
C SER A 633 10.39 -3.34 -25.96
N GLU A 634 10.90 -4.26 -25.15
CA GLU A 634 11.69 -3.91 -23.98
C GLU A 634 12.51 -5.14 -23.57
N ILE A 635 13.83 -5.00 -23.61
CA ILE A 635 14.75 -6.09 -23.31
C ILE A 635 15.60 -5.67 -22.12
N ALA A 636 15.65 -6.51 -21.09
CA ALA A 636 16.47 -6.27 -19.92
C ALA A 636 17.68 -7.20 -19.95
N ILE A 637 18.88 -6.63 -19.81
CA ILE A 637 20.12 -7.39 -19.89
C ILE A 637 20.70 -7.50 -18.49
N PHE A 638 21.10 -8.72 -18.10
CA PHE A 638 21.68 -8.98 -16.79
C PHE A 638 23.01 -9.69 -16.94
N ASP A 639 23.94 -9.38 -16.04
CA ASP A 639 25.27 -9.97 -16.04
C ASP A 639 25.34 -11.06 -14.98
N ARG A 640 25.73 -12.26 -15.39
CA ARG A 640 25.83 -13.40 -14.50
C ARG A 640 27.28 -13.74 -14.13
N SER A 641 28.23 -12.86 -14.44
CA SER A 641 29.62 -13.12 -14.10
C SER A 641 29.85 -13.04 -12.60
N ILE A 642 29.23 -12.07 -11.94
CA ILE A 642 29.40 -11.84 -10.51
C ILE A 642 28.04 -12.00 -9.83
N GLU A 643 28.01 -12.78 -8.75
CA GLU A 643 26.77 -13.04 -8.04
C GLU A 643 26.22 -11.75 -7.43
N GLY A 644 24.90 -11.57 -7.54
CA GLY A 644 24.27 -10.37 -7.04
C GLY A 644 23.97 -10.41 -5.56
N THR A 645 23.50 -9.27 -5.05
CA THR A 645 23.18 -9.17 -3.63
C THR A 645 21.91 -9.94 -3.28
N ILE A 646 20.86 -9.79 -4.09
CA ILE A 646 19.62 -10.51 -3.83
C ILE A 646 19.78 -12.02 -3.90
N PRO A 647 20.46 -12.59 -4.91
CA PRO A 647 20.61 -14.05 -4.93
C PRO A 647 21.30 -14.62 -3.70
N ARG A 648 22.25 -13.91 -3.09
CA ARG A 648 22.90 -14.44 -1.89
C ARG A 648 21.95 -14.50 -0.71
N LEU A 649 21.14 -13.45 -0.51
CA LEU A 649 20.12 -13.50 0.52
C LEU A 649 19.13 -14.62 0.26
N LEU A 650 18.73 -14.80 -1.00
CA LEU A 650 17.80 -15.87 -1.32
C LEU A 650 18.41 -17.23 -1.05
N ARG A 651 19.70 -17.41 -1.36
CA ARG A 651 20.37 -18.67 -1.05
C ARG A 651 20.40 -18.92 0.44
N THR A 652 20.68 -17.88 1.23
CA THR A 652 20.66 -18.02 2.69
C THR A 652 19.30 -18.47 3.19
N PHE A 653 18.24 -17.83 2.69
CA PHE A 653 16.90 -18.16 3.17
C PHE A 653 16.45 -19.54 2.71
N LEU A 654 16.81 -19.95 1.49
CA LEU A 654 16.52 -21.32 1.07
C LEU A 654 17.27 -22.35 1.91
N ALA A 655 18.52 -22.06 2.29
CA ALA A 655 19.23 -22.97 3.17
C ALA A 655 18.54 -23.06 4.53
N GLU A 656 18.10 -21.92 5.07
CA GLU A 656 17.37 -21.93 6.34
C GLU A 656 16.09 -22.76 6.23
N ARG A 657 15.34 -22.57 5.15
CA ARG A 657 14.09 -23.30 4.98
C ARG A 657 14.35 -24.79 4.82
N ALA A 658 15.42 -25.17 4.11
CA ALA A 658 15.75 -26.58 3.96
C ALA A 658 16.12 -27.20 5.32
N ARG A 659 16.88 -26.47 6.13
CA ARG A 659 17.21 -26.98 7.46
C ARG A 659 15.95 -27.17 8.31
N TYR A 660 15.02 -26.22 8.25
CA TYR A 660 13.81 -26.34 9.04
C TYR A 660 12.89 -27.43 8.51
N LYS A 661 12.87 -27.66 7.19
CA LYS A 661 12.12 -28.79 6.65
C LYS A 661 12.72 -30.12 7.11
N LYS A 662 14.05 -30.22 7.12
CA LYS A 662 14.70 -31.42 7.62
C LYS A 662 14.36 -31.65 9.09
N MET A 663 14.34 -30.57 9.87
CA MET A 663 13.94 -30.68 11.28
C MET A 663 12.50 -31.13 11.40
N LEU A 664 11.63 -30.66 10.50
CA LEU A 664 10.23 -31.06 10.52
C LEU A 664 10.07 -32.55 10.21
N LYS A 665 10.77 -33.04 9.20
CA LYS A 665 10.58 -34.43 8.77
C LYS A 665 11.07 -35.45 9.78
N GLN A 666 11.82 -35.04 10.79
CA GLN A 666 12.33 -35.93 11.83
C GLN A 666 11.60 -35.71 13.16
N ALA A 667 10.30 -35.42 13.10
CA ALA A 667 9.49 -35.17 14.27
C ALA A 667 8.34 -36.16 14.33
N THR A 668 8.00 -36.60 15.54
CA THR A 668 6.92 -37.55 15.76
C THR A 668 5.72 -36.95 16.48
N SER A 669 5.94 -35.99 17.38
CA SER A 669 4.85 -35.35 18.09
C SER A 669 4.10 -34.39 17.17
N SER A 670 2.81 -34.19 17.47
CA SER A 670 2.00 -33.29 16.67
C SER A 670 2.40 -31.83 16.87
N THR A 671 2.68 -31.44 18.13
CA THR A 671 3.03 -30.06 18.41
C THR A 671 4.34 -29.66 17.74
N GLU A 672 5.35 -30.54 17.81
CA GLU A 672 6.62 -30.23 17.16
C GLU A 672 6.47 -30.12 15.66
N LYS A 673 5.67 -31.02 15.06
CA LYS A 673 5.43 -30.96 13.62
C LYS A 673 4.73 -29.65 13.24
N ALA A 674 3.73 -29.24 14.03
CA ALA A 674 3.04 -27.99 13.74
C ALA A 674 3.99 -26.80 13.84
N ILE A 675 4.82 -26.78 14.88
CA ILE A 675 5.76 -25.66 15.05
C ILE A 675 6.74 -25.60 13.89
N TYR A 676 7.29 -26.75 13.49
CA TYR A 676 8.26 -26.76 12.40
C TYR A 676 7.61 -26.38 11.07
N ASP A 677 6.38 -26.83 10.83
CA ASP A 677 5.68 -26.43 9.62
C ASP A 677 5.43 -24.93 9.60
N SER A 678 5.04 -24.35 10.75
CA SER A 678 4.83 -22.91 10.82
C SER A 678 6.12 -22.15 10.56
N MET A 679 7.24 -22.63 11.13
CA MET A 679 8.51 -21.95 10.92
C MET A 679 8.97 -22.02 9.47
N GLN A 680 8.83 -23.18 8.84
CA GLN A 680 9.25 -23.30 7.44
C GLN A 680 8.35 -22.46 6.53
N TYR A 681 7.04 -22.38 6.85
CA TYR A 681 6.16 -21.49 6.10
C TYR A 681 6.58 -20.04 6.26
N THR A 682 6.95 -19.65 7.49
CA THR A 682 7.40 -18.27 7.72
C THR A 682 8.65 -17.96 6.91
N TYR A 683 9.60 -18.89 6.87
CA TYR A 683 10.82 -18.66 6.10
C TYR A 683 10.55 -18.63 4.60
N LYS A 684 9.62 -19.45 4.11
CA LYS A 684 9.22 -19.38 2.70
C LYS A 684 8.60 -18.03 2.39
N ILE A 685 7.74 -17.53 3.28
CA ILE A 685 7.12 -16.22 3.08
C ILE A 685 8.16 -15.12 3.12
N VAL A 686 9.19 -15.27 3.97
CA VAL A 686 10.27 -14.29 4.00
C VAL A 686 11.03 -14.28 2.67
N ALA A 687 11.34 -15.47 2.15
CA ALA A 687 12.02 -15.55 0.86
C ALA A 687 11.19 -14.93 -0.25
N ASN A 688 9.87 -15.15 -0.22
CA ASN A 688 8.99 -14.52 -1.21
C ASN A 688 8.94 -13.01 -1.01
N SER A 689 8.97 -12.56 0.23
CA SER A 689 8.91 -11.12 0.52
C SER A 689 10.17 -10.42 0.06
N VAL A 690 11.30 -11.13 0.02
CA VAL A 690 12.51 -10.53 -0.56
C VAL A 690 12.27 -10.13 -2.01
N TYR A 691 11.71 -11.05 -2.79
CA TYR A 691 11.29 -10.72 -4.16
C TYR A 691 10.26 -9.62 -4.19
N GLY A 692 9.24 -9.69 -3.34
CA GLY A 692 8.21 -8.66 -3.35
C GLY A 692 8.76 -7.28 -3.05
N LEU A 693 9.75 -7.20 -2.16
CA LEU A 693 10.39 -5.93 -1.84
C LEU A 693 11.32 -5.49 -2.96
N MET A 694 11.87 -6.43 -3.73
CA MET A 694 12.65 -6.04 -4.90
C MET A 694 11.80 -5.30 -5.92
N GLY A 695 10.48 -5.42 -5.85
CA GLY A 695 9.60 -4.67 -6.72
C GLY A 695 8.70 -3.72 -5.97
N PHE A 696 9.13 -3.30 -4.79
CA PHE A 696 8.38 -2.35 -3.96
C PHE A 696 9.02 -0.97 -4.08
N ARG A 697 8.21 0.03 -4.45
CA ARG A 697 8.74 1.35 -4.77
C ARG A 697 9.39 2.00 -3.56
N ASN A 698 8.77 1.88 -2.39
CA ASN A 698 9.25 2.54 -1.18
C ASN A 698 10.37 1.77 -0.49
N SER A 699 11.03 0.85 -1.18
CA SER A 699 12.11 0.06 -0.61
C SER A 699 13.45 0.52 -1.17
N ALA A 700 14.51 0.23 -0.40
CA ALA A 700 15.86 0.52 -0.85
C ALA A 700 16.34 -0.45 -1.92
N LEU A 701 15.80 -1.68 -1.95
CA LEU A 701 16.16 -2.68 -2.93
C LEU A 701 15.24 -2.66 -4.15
N TYR A 702 14.63 -1.51 -4.44
CA TYR A 702 13.70 -1.40 -5.55
C TYR A 702 14.40 -1.72 -6.86
N SER A 703 13.76 -2.58 -7.66
CA SER A 703 14.29 -2.94 -8.97
C SER A 703 13.10 -3.36 -9.84
N TYR A 704 12.63 -2.42 -10.67
CA TYR A 704 11.50 -2.71 -11.56
C TYR A 704 11.89 -3.75 -12.60
N ALA A 705 13.08 -3.60 -13.20
CA ALA A 705 13.53 -4.52 -14.23
C ALA A 705 13.72 -5.93 -13.69
N SER A 706 14.24 -6.05 -12.47
CA SER A 706 14.47 -7.37 -11.89
C SER A 706 13.15 -8.11 -11.65
N ALA A 707 12.15 -7.41 -11.12
CA ALA A 707 10.86 -8.03 -10.89
C ALA A 707 10.21 -8.44 -12.21
N LYS A 708 10.26 -7.56 -13.21
CA LYS A 708 9.70 -7.91 -14.52
C LYS A 708 10.41 -9.13 -15.11
N SER A 709 11.74 -9.18 -15.00
CA SER A 709 12.49 -10.30 -15.55
C SER A 709 12.16 -11.59 -14.84
N CYS A 710 12.02 -11.55 -13.51
CA CYS A 710 11.68 -12.76 -12.77
C CYS A 710 10.31 -13.27 -13.17
N THR A 711 9.33 -12.38 -13.27
CA THR A 711 7.99 -12.81 -13.69
C THR A 711 8.01 -13.39 -15.11
N SER A 712 8.73 -12.74 -16.03
CA SER A 712 8.80 -13.24 -17.39
C SER A 712 9.45 -14.61 -17.46
N ILE A 713 10.52 -14.82 -16.68
CA ILE A 713 11.20 -16.12 -16.68
C ILE A 713 10.29 -17.19 -16.09
N GLY A 714 9.54 -16.85 -15.04
CA GLY A 714 8.59 -17.81 -14.50
C GLY A 714 7.51 -18.20 -15.50
N ARG A 715 6.99 -17.22 -16.24
CA ARG A 715 6.00 -17.51 -17.27
C ARG A 715 6.59 -18.39 -18.36
N ARG A 716 7.82 -18.11 -18.77
CA ARG A 716 8.46 -18.95 -19.78
C ARG A 716 8.62 -20.38 -19.27
N MET A 717 8.98 -20.53 -17.99
CA MET A 717 9.18 -21.87 -17.44
C MET A 717 7.86 -22.65 -17.40
N ILE A 718 6.78 -22.02 -16.95
CA ILE A 718 5.50 -22.73 -16.89
C ILE A 718 5.01 -23.05 -18.29
N LEU A 719 5.20 -22.14 -19.24
CA LEU A 719 4.82 -22.42 -20.62
C LEU A 719 5.61 -23.59 -21.19
N TYR A 720 6.91 -23.65 -20.89
CA TYR A 720 7.75 -24.75 -21.37
C TYR A 720 7.28 -26.07 -20.79
N LEU A 721 6.99 -26.11 -19.48
CA LEU A 721 6.51 -27.34 -18.87
C LEU A 721 5.18 -27.78 -19.47
N GLU A 722 4.24 -26.83 -19.65
CA GLU A 722 2.95 -27.18 -20.22
C GLU A 722 3.09 -27.69 -21.66
N SER A 723 3.95 -27.05 -22.45
CA SER A 723 4.14 -27.47 -23.83
C SER A 723 4.76 -28.87 -23.90
N VAL A 724 5.74 -29.14 -23.04
CA VAL A 724 6.41 -30.43 -23.12
C VAL A 724 5.55 -31.55 -22.54
N LEU A 725 4.62 -31.22 -21.64
CA LEU A 725 3.83 -32.27 -21.00
C LEU A 725 2.54 -32.56 -21.77
N ASN A 726 2.01 -31.60 -22.52
CA ASN A 726 0.73 -31.79 -23.19
C ASN A 726 0.88 -32.76 -24.37
N GLY A 727 0.08 -33.82 -24.36
CA GLY A 727 0.11 -34.79 -25.43
C GLY A 727 1.39 -35.60 -25.52
N ALA A 728 1.93 -36.05 -24.40
CA ALA A 728 3.17 -36.80 -24.35
C ALA A 728 2.85 -38.24 -23.92
N GLU A 729 2.57 -39.09 -24.92
CA GLU A 729 2.20 -40.47 -24.65
C GLU A 729 3.42 -41.30 -24.29
N LEU A 730 3.16 -42.47 -23.70
CA LEU A 730 4.19 -43.46 -23.45
C LEU A 730 3.69 -44.82 -23.89
N SER A 731 4.63 -45.65 -24.37
CA SER A 731 4.32 -47.00 -24.78
C SER A 731 5.60 -47.83 -24.75
N ASN A 732 5.48 -49.08 -24.33
CA ASN A 732 6.62 -50.01 -24.20
C ASN A 732 7.62 -49.37 -23.23
N GLY A 733 8.92 -49.44 -23.51
CA GLY A 733 9.94 -48.87 -22.66
C GLY A 733 10.35 -47.46 -23.00
N MET A 734 9.66 -46.79 -23.91
CA MET A 734 9.99 -45.44 -24.35
C MET A 734 8.93 -44.47 -23.88
N LEU A 735 9.32 -43.22 -23.69
CA LEU A 735 8.40 -42.12 -23.42
C LEU A 735 8.66 -41.02 -24.42
N ARG A 736 7.60 -40.53 -25.06
CA ARG A 736 7.69 -39.55 -26.13
C ARG A 736 7.10 -38.23 -25.64
N PHE A 737 7.93 -37.21 -25.54
CA PHE A 737 7.46 -35.88 -25.20
C PHE A 737 6.94 -35.16 -26.43
N ALA A 738 6.07 -34.18 -26.21
CA ALA A 738 5.45 -33.47 -27.32
C ALA A 738 6.50 -32.68 -28.11
N ASN A 739 7.31 -31.89 -27.43
CA ASN A 739 8.28 -31.02 -28.06
C ASN A 739 9.70 -31.42 -27.66
N THR A 740 10.67 -30.87 -28.37
CA THR A 740 12.06 -31.14 -28.08
C THR A 740 12.46 -30.55 -26.74
N LEU A 741 13.38 -31.23 -26.06
CA LEU A 741 13.88 -30.77 -24.76
C LEU A 741 14.97 -29.72 -24.98
N SER A 742 14.53 -28.55 -25.40
CA SER A 742 15.43 -27.44 -25.72
C SER A 742 15.25 -26.32 -24.71
N ASN A 743 16.36 -25.70 -24.33
CA ASN A 743 16.32 -24.61 -23.35
C ASN A 743 15.55 -23.43 -23.94
N PRO A 744 14.56 -22.88 -23.23
CA PRO A 744 13.76 -21.78 -23.77
C PRO A 744 14.43 -20.42 -23.70
N PHE A 745 15.72 -20.34 -23.40
CA PHE A 745 16.41 -19.05 -23.34
C PHE A 745 17.63 -18.98 -24.24
N TYR A 746 18.41 -20.05 -24.33
CA TYR A 746 19.62 -20.06 -25.15
C TYR A 746 20.04 -21.51 -25.38
N MET A 747 20.92 -21.72 -26.34
CA MET A 747 21.43 -23.05 -26.62
C MET A 747 22.29 -23.53 -25.46
N ASP A 748 22.12 -24.79 -25.08
CA ASP A 748 22.87 -25.40 -24.00
C ASP A 748 23.34 -26.79 -24.42
N ASP A 749 24.20 -27.38 -23.58
CA ASP A 749 24.81 -28.68 -23.89
C ASP A 749 23.98 -29.82 -23.29
N ARG A 750 22.77 -29.97 -23.83
CA ARG A 750 21.87 -31.04 -23.43
C ARG A 750 21.24 -31.67 -24.66
N ASP A 751 20.87 -32.94 -24.53
CA ASP A 751 20.19 -33.64 -25.61
C ASP A 751 18.73 -33.20 -25.66
N ILE A 752 18.28 -32.84 -26.86
CA ILE A 752 16.92 -32.33 -27.05
C ILE A 752 15.96 -33.39 -27.56
N ASN A 753 16.42 -34.64 -27.64
CA ASN A 753 15.57 -35.71 -28.16
C ASN A 753 14.45 -36.02 -27.18
N PRO A 754 13.19 -35.95 -27.58
CA PRO A 754 12.07 -36.22 -26.67
C PRO A 754 11.77 -37.69 -26.43
N ILE A 755 12.59 -38.60 -26.96
CA ILE A 755 12.43 -40.03 -26.72
C ILE A 755 13.32 -40.39 -25.55
N VAL A 756 12.72 -40.80 -24.44
CA VAL A 756 13.45 -41.04 -23.20
C VAL A 756 13.19 -42.48 -22.75
N LYS A 757 14.26 -43.20 -22.42
CA LYS A 757 14.14 -44.52 -21.84
C LYS A 757 13.54 -44.43 -20.45
N THR A 758 12.57 -45.30 -20.16
CA THR A 758 11.89 -45.33 -18.87
C THR A 758 12.02 -46.72 -18.27
N SER A 759 11.98 -46.77 -16.94
CA SER A 759 12.09 -48.03 -16.20
C SER A 759 10.76 -48.73 -16.02
N LEU A 760 9.67 -48.17 -16.54
CA LEU A 760 8.38 -48.81 -16.42
C LEU A 760 8.33 -50.08 -17.27
N PRO A 761 7.54 -51.08 -16.87
CA PRO A 761 7.43 -52.31 -17.64
C PRO A 761 6.91 -52.07 -19.05
N ILE A 762 6.97 -53.12 -19.86
CA ILE A 762 6.71 -53.00 -21.29
C ILE A 762 5.23 -52.98 -21.64
N ASP A 763 4.36 -53.36 -20.71
CA ASP A 763 2.93 -53.50 -20.99
C ASP A 763 2.13 -52.25 -20.65
N TYR A 764 2.78 -51.11 -20.45
CA TYR A 764 2.10 -49.88 -20.07
C TYR A 764 1.94 -48.98 -21.28
N ARG A 765 0.71 -48.49 -21.49
CA ARG A 765 0.39 -47.61 -22.60
C ARG A 765 -0.66 -46.62 -22.14
N PHE A 766 -0.28 -45.34 -22.05
CA PHE A 766 -1.17 -44.29 -21.59
C PHE A 766 -0.86 -43.01 -22.35
N ARG A 767 -1.80 -42.07 -22.30
CA ARG A 767 -1.64 -40.77 -22.95
C ARG A 767 -1.98 -39.67 -21.95
N PHE A 768 -1.32 -38.52 -22.12
CA PHE A 768 -1.47 -37.39 -21.21
C PHE A 768 -1.97 -36.16 -21.96
N ARG A 769 -2.63 -35.28 -21.22
CA ARG A 769 -3.16 -34.04 -21.78
C ARG A 769 -3.17 -32.98 -20.68
N SER A 770 -2.46 -31.88 -20.91
CA SER A 770 -2.45 -30.78 -19.97
C SER A 770 -3.83 -30.12 -19.93
N VAL A 771 -4.30 -29.83 -18.71
CA VAL A 771 -5.64 -29.28 -18.54
C VAL A 771 -5.67 -27.97 -17.76
N TYR A 772 -4.63 -27.65 -16.99
CA TYR A 772 -4.65 -26.44 -16.17
C TYR A 772 -3.22 -26.07 -15.79
N GLY A 773 -3.06 -24.81 -15.36
CA GLY A 773 -1.78 -24.34 -14.86
C GLY A 773 -1.98 -23.07 -14.07
N ASP A 774 -1.07 -22.84 -13.12
CA ASP A 774 -1.16 -21.66 -12.26
C ASP A 774 0.25 -21.31 -11.78
N THR A 775 0.83 -20.25 -12.36
CA THR A 775 2.14 -19.72 -11.97
C THR A 775 3.24 -20.76 -12.16
N ASP A 776 3.20 -21.84 -11.46
CA ASP A 776 4.22 -22.87 -11.58
C ASP A 776 3.67 -24.29 -11.48
N SER A 777 2.37 -24.47 -11.26
CA SER A 777 1.77 -25.80 -11.13
C SER A 777 1.19 -26.23 -12.47
N VAL A 778 1.39 -27.49 -12.81
CA VAL A 778 0.85 -28.07 -14.04
C VAL A 778 0.02 -29.28 -13.68
N PHE A 779 -1.23 -29.30 -14.15
CA PHE A 779 -2.14 -30.42 -13.93
C PHE A 779 -2.19 -31.25 -15.20
N THR A 780 -1.69 -32.48 -15.13
CA THR A 780 -1.65 -33.38 -16.27
C THR A 780 -2.52 -34.59 -15.99
N GLU A 781 -3.49 -34.84 -16.85
CA GLU A 781 -4.40 -35.97 -16.69
C GLU A 781 -3.86 -37.19 -17.42
N ILE A 782 -4.27 -38.36 -16.97
CA ILE A 782 -3.88 -39.64 -17.56
C ILE A 782 -5.13 -40.44 -17.85
N ASP A 783 -5.15 -41.11 -19.00
CA ASP A 783 -6.28 -41.95 -19.41
C ASP A 783 -6.22 -43.27 -18.62
N SER A 784 -6.42 -43.15 -17.32
CA SER A 784 -6.37 -44.30 -16.43
C SER A 784 -7.17 -44.00 -15.18
N GLN A 785 -7.50 -45.07 -14.45
CA GLN A 785 -8.23 -44.96 -13.19
C GLN A 785 -7.56 -45.69 -12.04
N ASP A 786 -6.68 -46.66 -12.31
CA ASP A 786 -5.98 -47.36 -11.24
C ASP A 786 -5.08 -46.38 -10.49
N VAL A 787 -5.27 -46.30 -9.17
CA VAL A 787 -4.55 -45.31 -8.38
C VAL A 787 -3.08 -45.66 -8.27
N ASP A 788 -2.78 -46.93 -8.00
CA ASP A 788 -1.38 -47.35 -7.90
C ASP A 788 -0.65 -47.15 -9.22
N LYS A 789 -1.31 -47.48 -10.33
CA LYS A 789 -0.71 -47.28 -11.65
C LYS A 789 -0.42 -45.81 -11.89
N SER A 790 -1.39 -44.94 -11.59
CA SER A 790 -1.19 -43.51 -11.80
C SER A 790 -0.06 -42.97 -10.93
N ILE A 791 0.00 -43.41 -9.67
CA ILE A 791 1.04 -42.93 -8.76
C ILE A 791 2.41 -43.39 -9.24
N GLU A 792 2.53 -44.65 -9.67
CA GLU A 792 3.81 -45.14 -10.15
C GLU A 792 4.25 -44.39 -11.41
N ILE A 793 3.32 -44.16 -12.34
CA ILE A 793 3.66 -43.44 -13.56
C ILE A 793 4.05 -42.01 -13.24
N ALA A 794 3.36 -41.38 -12.28
CA ALA A 794 3.69 -40.02 -11.89
C ALA A 794 5.07 -39.94 -11.26
N LYS A 795 5.41 -40.90 -10.40
CA LYS A 795 6.74 -40.90 -9.80
C LYS A 795 7.81 -41.06 -10.87
N GLU A 796 7.60 -41.99 -11.81
CA GLU A 796 8.58 -42.18 -12.87
C GLU A 796 8.71 -40.93 -13.74
N LEU A 797 7.59 -40.28 -14.06
CA LEU A 797 7.64 -39.07 -14.88
C LEU A 797 8.34 -37.94 -14.15
N GLU A 798 8.05 -37.77 -12.85
CA GLU A 798 8.70 -36.73 -12.07
C GLU A 798 10.20 -36.97 -11.97
N ARG A 799 10.61 -38.23 -11.85
CA ARG A 799 12.03 -38.54 -11.92
C ARG A 799 12.60 -38.19 -13.29
N LEU A 800 11.84 -38.45 -14.35
CA LEU A 800 12.36 -38.25 -15.70
C LEU A 800 12.40 -36.79 -16.13
N ILE A 801 11.45 -35.97 -15.67
CA ILE A 801 11.37 -34.59 -16.12
C ILE A 801 12.11 -33.64 -15.17
N ASN A 802 12.99 -34.18 -14.33
CA ASN A 802 13.89 -33.38 -13.51
C ASN A 802 15.34 -33.44 -13.96
N SER A 803 15.72 -34.45 -14.73
CA SER A 803 17.08 -34.63 -15.21
C SER A 803 17.22 -34.40 -16.71
N ARG A 804 16.19 -34.74 -17.49
CA ARG A 804 16.24 -34.59 -18.94
C ARG A 804 15.51 -33.35 -19.45
N VAL A 805 14.48 -32.90 -18.75
CA VAL A 805 13.67 -31.77 -19.18
C VAL A 805 14.17 -30.46 -18.59
N LEU A 806 14.36 -30.42 -17.28
CA LEU A 806 14.78 -29.19 -16.60
C LEU A 806 16.29 -29.09 -16.57
N PHE A 807 16.78 -27.95 -16.07
CA PHE A 807 18.21 -27.64 -16.11
C PHE A 807 18.55 -26.71 -14.95
N ASN A 808 19.83 -26.66 -14.63
CA ASN A 808 20.39 -25.76 -13.62
C ASN A 808 19.69 -26.04 -12.28
N ASN A 809 19.12 -25.04 -11.62
CA ASN A 809 18.50 -25.20 -10.31
C ASN A 809 16.99 -25.31 -10.38
N PHE A 810 16.42 -25.53 -11.56
CA PHE A 810 14.97 -25.68 -11.70
C PHE A 810 14.60 -27.12 -11.40
N LYS A 811 13.85 -27.33 -10.34
CA LYS A 811 13.41 -28.66 -9.92
C LYS A 811 11.94 -28.62 -9.57
N ILE A 812 11.21 -29.67 -9.98
CA ILE A 812 9.79 -29.79 -9.66
C ILE A 812 9.60 -31.05 -8.83
N GLU A 813 8.45 -31.10 -8.16
CA GLU A 813 8.06 -32.24 -7.36
C GLU A 813 6.62 -32.62 -7.67
N PHE A 814 6.35 -33.93 -7.58
CA PHE A 814 4.99 -34.44 -7.76
C PHE A 814 4.20 -34.22 -6.49
N GLU A 815 3.16 -33.40 -6.56
CA GLU A 815 2.40 -33.04 -5.37
C GLU A 815 1.52 -34.19 -4.90
N ALA A 816 0.55 -34.58 -5.74
CA ALA A 816 -0.44 -35.57 -5.33
C ALA A 816 -1.23 -36.00 -6.56
N VAL A 817 -2.19 -36.91 -6.34
CA VAL A 817 -3.13 -37.34 -7.35
C VAL A 817 -4.50 -36.81 -6.98
N TYR A 818 -5.18 -36.18 -7.94
CA TYR A 818 -6.49 -35.58 -7.74
C TYR A 818 -7.56 -36.47 -8.35
N LYS A 819 -8.62 -36.72 -7.58
CA LYS A 819 -9.78 -37.47 -8.07
C LYS A 819 -11.04 -36.67 -7.86
N ASN A 820 -12.02 -36.90 -8.73
CA ASN A 820 -13.29 -36.18 -8.71
C ASN A 820 -13.06 -34.67 -8.76
N LEU A 821 -12.14 -34.25 -9.62
CA LEU A 821 -11.78 -32.84 -9.73
C LEU A 821 -12.94 -32.05 -10.34
N ILE A 822 -13.42 -31.05 -9.60
CA ILE A 822 -14.50 -30.18 -10.05
C ILE A 822 -13.93 -28.76 -10.07
N MET A 823 -13.56 -28.29 -11.25
CA MET A 823 -12.93 -26.98 -11.39
C MET A 823 -13.99 -25.95 -11.76
N GLN A 824 -14.38 -25.13 -10.79
CA GLN A 824 -15.41 -24.13 -11.02
C GLN A 824 -14.89 -22.98 -11.87
N SER A 825 -13.65 -22.54 -11.63
CA SER A 825 -13.10 -21.38 -12.30
C SER A 825 -11.59 -21.59 -12.46
N LYS A 826 -10.87 -20.50 -12.76
CA LYS A 826 -9.44 -20.58 -12.97
C LYS A 826 -8.63 -20.61 -11.67
N LYS A 827 -9.26 -20.40 -10.53
CA LYS A 827 -8.55 -20.49 -9.25
C LYS A 827 -9.37 -21.17 -8.17
N LYS A 828 -10.48 -21.82 -8.50
CA LYS A 828 -11.33 -22.49 -7.53
C LYS A 828 -11.57 -23.92 -8.00
N TYR A 829 -11.23 -24.89 -7.16
CA TYR A 829 -11.47 -26.28 -7.52
C TYR A 829 -11.43 -27.14 -6.25
N THR A 830 -12.28 -28.17 -6.23
CA THR A 830 -12.33 -29.13 -5.14
C THR A 830 -12.02 -30.52 -5.67
N THR A 831 -11.37 -31.33 -4.85
CA THR A 831 -11.02 -32.68 -5.26
C THR A 831 -10.67 -33.54 -4.06
N MET A 832 -10.43 -34.81 -4.32
CA MET A 832 -9.90 -35.75 -3.33
C MET A 832 -8.43 -35.97 -3.63
N LYS A 833 -7.61 -35.90 -2.58
CA LYS A 833 -6.16 -35.88 -2.72
C LYS A 833 -5.58 -37.19 -2.21
N TYR A 834 -4.77 -37.83 -3.05
CA TYR A 834 -3.91 -38.95 -2.68
C TYR A 834 -2.48 -38.44 -2.65
N SER A 835 -1.85 -38.48 -1.48
CA SER A 835 -0.49 -37.99 -1.34
C SER A 835 0.48 -38.87 -2.13
N ALA A 836 1.73 -38.43 -2.20
CA ALA A 836 2.75 -39.17 -2.94
C ALA A 836 2.98 -40.54 -2.33
N SER A 837 3.01 -40.63 -1.00
CA SER A 837 3.18 -41.90 -0.29
C SER A 837 1.80 -42.41 0.12
N SER A 838 1.11 -43.02 -0.84
CA SER A 838 -0.23 -43.54 -0.62
C SER A 838 -0.51 -44.63 -1.64
N ASN A 839 -1.67 -45.27 -1.49
CA ASN A 839 -2.09 -46.34 -2.39
C ASN A 839 -3.60 -46.28 -2.52
N SER A 840 -4.17 -47.29 -3.18
CA SER A 840 -5.61 -47.32 -3.41
C SER A 840 -6.39 -47.41 -2.10
N LYS A 841 -5.92 -48.23 -1.17
CA LYS A 841 -6.60 -48.38 0.11
C LYS A 841 -6.40 -47.18 1.04
N SER A 842 -5.47 -46.28 0.72
CA SER A 842 -5.25 -45.12 1.56
C SER A 842 -6.44 -44.17 1.49
N VAL A 843 -6.75 -43.56 2.63
CA VAL A 843 -7.89 -42.64 2.70
C VAL A 843 -7.53 -41.31 2.04
N PRO A 844 -8.33 -40.81 1.10
CA PRO A 844 -8.04 -39.49 0.50
C PRO A 844 -8.22 -38.37 1.50
N GLU A 845 -7.87 -37.14 1.10
CA GLU A 845 -8.22 -35.96 1.86
C GLU A 845 -8.92 -34.97 0.94
N ARG A 846 -10.09 -34.48 1.37
CA ARG A 846 -10.85 -33.57 0.54
C ARG A 846 -10.26 -32.17 0.64
N ILE A 847 -9.85 -31.61 -0.50
CA ILE A 847 -9.22 -30.30 -0.54
C ILE A 847 -10.00 -29.38 -1.45
N ASN A 848 -10.19 -28.13 -1.00
CA ASN A 848 -10.85 -27.09 -1.75
C ASN A 848 -9.90 -25.90 -1.87
N LYS A 849 -9.80 -25.33 -3.06
CA LYS A 849 -8.92 -24.19 -3.32
C LYS A 849 -9.75 -23.07 -3.94
N GLY A 850 -10.07 -22.06 -3.13
CA GLY A 850 -10.75 -20.88 -3.60
C GLY A 850 -12.26 -20.99 -3.69
N THR A 851 -12.82 -22.17 -3.44
CA THR A 851 -14.27 -22.35 -3.57
C THR A 851 -14.99 -21.69 -2.40
N SER A 852 -16.32 -21.78 -2.41
CA SER A 852 -17.10 -21.21 -1.33
C SER A 852 -17.17 -22.18 -0.15
N GLU A 853 -16.01 -22.70 0.25
CA GLU A 853 -15.87 -23.51 1.45
C GLU A 853 -14.67 -23.13 2.30
N THR A 854 -13.64 -22.52 1.72
CA THR A 854 -12.51 -21.97 2.46
C THR A 854 -12.65 -20.47 2.68
N ARG A 855 -13.56 -19.81 1.97
CA ARG A 855 -13.77 -18.38 2.15
C ARG A 855 -14.31 -18.10 3.54
N ARG A 856 -13.83 -17.03 4.16
CA ARG A 856 -14.17 -16.72 5.55
C ARG A 856 -15.40 -15.84 5.68
N ASP A 857 -16.02 -15.42 4.58
CA ASP A 857 -17.14 -14.50 4.63
C ASP A 857 -18.27 -14.93 3.70
N VAL A 858 -18.53 -16.23 3.60
CA VAL A 858 -19.64 -16.69 2.77
C VAL A 858 -20.81 -17.07 3.65
N SER A 859 -20.65 -18.14 4.43
CA SER A 859 -21.61 -18.56 5.45
C SER A 859 -21.14 -19.86 6.09
N LYS A 860 -21.85 -20.32 7.11
CA LYS A 860 -21.70 -21.70 7.59
C LYS A 860 -22.81 -22.60 7.07
N PHE A 861 -24.03 -22.06 6.92
CA PHE A 861 -25.12 -22.81 6.31
C PHE A 861 -24.85 -23.10 4.84
N HIS A 862 -24.08 -22.22 4.18
CA HIS A 862 -23.80 -22.37 2.75
C HIS A 862 -22.89 -23.56 2.48
N LYS A 863 -21.80 -23.67 3.26
CA LYS A 863 -20.75 -24.63 2.94
C LYS A 863 -21.20 -26.07 3.08
N ASN A 864 -22.03 -26.37 4.10
CA ASN A 864 -22.49 -27.74 4.27
C ASN A 864 -23.35 -28.18 3.09
N MET A 865 -24.28 -27.33 2.65
CA MET A 865 -25.09 -27.66 1.49
C MET A 865 -24.24 -27.76 0.23
N ILE A 866 -23.24 -26.89 0.09
CA ILE A 866 -22.36 -26.98 -1.07
C ILE A 866 -21.64 -28.32 -1.08
N LYS A 867 -21.12 -28.75 0.07
CA LYS A 867 -20.43 -30.03 0.14
C LYS A 867 -21.36 -31.19 -0.20
N THR A 868 -22.56 -31.19 0.37
CA THR A 868 -23.50 -32.27 0.12
C THR A 868 -23.90 -32.33 -1.35
N TYR A 869 -24.21 -31.17 -1.95
CA TYR A 869 -24.64 -31.16 -3.34
C TYR A 869 -23.51 -31.52 -4.28
N LYS A 870 -22.28 -31.06 -4.00
CA LYS A 870 -21.15 -31.42 -4.83
C LYS A 870 -20.86 -32.91 -4.76
N THR A 871 -20.93 -33.50 -3.56
CA THR A 871 -20.73 -34.94 -3.43
C THR A 871 -21.81 -35.71 -4.18
N ARG A 872 -23.07 -35.28 -4.05
CA ARG A 872 -24.16 -35.95 -4.76
C ARG A 872 -23.97 -35.85 -6.27
N LEU A 873 -23.59 -34.67 -6.76
CA LEU A 873 -23.37 -34.50 -8.19
C LEU A 873 -22.22 -35.36 -8.68
N SER A 874 -21.13 -35.44 -7.91
CA SER A 874 -20.00 -36.26 -8.31
C SER A 874 -20.40 -37.73 -8.39
N GLU A 875 -21.12 -38.23 -7.37
CA GLU A 875 -21.56 -39.61 -7.39
C GLU A 875 -22.52 -39.87 -8.55
N MET A 876 -23.45 -38.95 -8.78
CA MET A 876 -24.47 -39.15 -9.81
C MET A 876 -23.87 -39.10 -11.20
N LEU A 877 -22.83 -38.28 -11.40
CA LEU A 877 -22.13 -38.28 -12.68
C LEU A 877 -21.24 -39.50 -12.82
N SER A 878 -20.69 -40.01 -11.71
CA SER A 878 -19.84 -41.19 -11.78
C SER A 878 -20.63 -42.44 -12.15
N GLU A 879 -21.83 -42.60 -11.57
CA GLU A 879 -22.61 -43.80 -11.86
C GLU A 879 -23.10 -43.79 -13.31
N GLY A 880 -23.51 -42.64 -13.82
CA GLY A 880 -23.98 -42.52 -15.20
C GLY A 880 -25.39 -41.99 -15.29
N ARG A 881 -25.56 -40.85 -15.94
CA ARG A 881 -26.83 -40.14 -15.99
C ARG A 881 -26.90 -39.38 -17.32
N MET A 882 -27.79 -38.37 -17.36
CA MET A 882 -27.95 -37.47 -18.50
C MET A 882 -28.56 -38.19 -19.71
N ASN A 883 -29.64 -38.92 -19.45
CA ASN A 883 -30.51 -39.38 -20.53
C ASN A 883 -31.51 -38.31 -20.95
N SER A 884 -31.67 -37.26 -20.16
CA SER A 884 -32.58 -36.15 -20.40
C SER A 884 -32.07 -34.96 -19.60
N ASN A 885 -32.93 -33.96 -19.40
CA ASN A 885 -32.60 -32.89 -18.46
C ASN A 885 -32.19 -33.47 -17.12
N GLN A 886 -33.01 -34.36 -16.58
CA GLN A 886 -32.60 -35.29 -15.53
C GLN A 886 -32.05 -34.61 -14.28
N VAL A 887 -30.72 -34.47 -14.23
CA VAL A 887 -30.05 -34.03 -13.00
C VAL A 887 -30.58 -32.67 -12.54
N CYS A 888 -30.81 -31.75 -13.49
CA CYS A 888 -31.26 -30.41 -13.13
C CYS A 888 -32.61 -30.46 -12.44
N ILE A 889 -33.54 -31.29 -12.94
CA ILE A 889 -34.88 -31.32 -12.37
C ILE A 889 -34.83 -31.74 -10.91
N ASP A 890 -34.16 -32.86 -10.62
CA ASP A 890 -34.12 -33.36 -9.25
C ASP A 890 -33.32 -32.43 -8.34
N ILE A 891 -32.21 -31.88 -8.84
CA ILE A 891 -31.39 -31.00 -8.02
C ILE A 891 -32.17 -29.73 -7.66
N LEU A 892 -32.87 -29.14 -8.63
CA LEU A 892 -33.65 -27.95 -8.34
C LEU A 892 -34.85 -28.26 -7.45
N ARG A 893 -35.47 -29.43 -7.60
CA ARG A 893 -36.54 -29.81 -6.69
C ARG A 893 -36.03 -29.94 -5.26
N SER A 894 -34.86 -30.57 -5.09
CA SER A 894 -34.27 -30.68 -3.75
C SER A 894 -33.93 -29.31 -3.19
N LEU A 895 -33.39 -28.41 -4.04
CA LEU A 895 -33.08 -27.06 -3.59
C LEU A 895 -34.33 -26.35 -3.13
N GLU A 896 -35.42 -26.45 -3.90
CA GLU A 896 -36.67 -25.80 -3.54
C GLU A 896 -37.21 -26.33 -2.22
N THR A 897 -37.20 -27.67 -2.06
CA THR A 897 -37.72 -28.26 -0.83
C THR A 897 -36.89 -27.83 0.37
N ASP A 898 -35.56 -27.88 0.25
CA ASP A 898 -34.70 -27.48 1.36
C ASP A 898 -34.89 -26.01 1.70
N LEU A 899 -34.96 -25.14 0.69
CA LEU A 899 -35.11 -23.71 0.93
C LEU A 899 -36.45 -23.41 1.60
N ARG A 900 -37.53 -24.02 1.13
CA ARG A 900 -38.82 -23.75 1.75
C ARG A 900 -38.89 -24.32 3.16
N SER A 901 -38.28 -25.47 3.41
CA SER A 901 -38.23 -26.01 4.76
C SER A 901 -37.46 -25.09 5.69
N GLU A 902 -36.32 -24.56 5.22
CA GLU A 902 -35.55 -23.64 6.05
C GLU A 902 -36.32 -22.34 6.30
N PHE A 903 -37.00 -21.83 5.28
CA PHE A 903 -37.74 -20.59 5.45
C PHE A 903 -38.93 -20.75 6.38
N ASP A 904 -39.57 -21.93 6.38
CA ASP A 904 -40.73 -22.13 7.24
C ASP A 904 -40.33 -22.49 8.65
N SER A 905 -39.55 -23.57 8.82
CA SER A 905 -39.20 -24.04 10.15
C SER A 905 -38.33 -23.02 10.89
N ARG A 906 -37.35 -22.44 10.20
CA ARG A 906 -36.39 -21.51 10.81
C ARG A 906 -35.71 -22.13 12.02
N SER A 907 -35.36 -23.42 11.90
CA SER A 907 -34.72 -24.14 13.00
C SER A 907 -33.22 -23.91 13.08
N SER A 908 -32.62 -23.34 12.05
CA SER A 908 -31.18 -23.09 12.08
C SER A 908 -30.88 -21.92 13.02
N PRO A 909 -29.78 -21.98 13.77
CA PRO A 909 -29.43 -20.88 14.67
C PRO A 909 -28.83 -19.70 13.92
N LEU A 910 -28.71 -18.58 14.64
CA LEU A 910 -28.14 -17.38 14.05
C LEU A 910 -26.67 -17.58 13.68
N GLU A 911 -25.97 -18.48 14.37
CA GLU A 911 -24.55 -18.67 14.10
C GLU A 911 -24.29 -19.19 12.69
N LEU A 912 -25.24 -19.95 12.13
CA LEU A 912 -25.06 -20.48 10.79
C LEU A 912 -25.17 -19.41 9.71
N PHE A 913 -25.59 -18.20 10.05
CA PHE A 913 -25.77 -17.11 9.10
C PHE A 913 -24.98 -15.89 9.53
N MET A 914 -23.71 -16.10 9.89
CA MET A 914 -22.84 -15.05 10.37
C MET A 914 -21.70 -14.82 9.39
N LEU A 915 -21.35 -13.55 9.18
CA LEU A 915 -20.27 -13.16 8.28
C LEU A 915 -19.19 -12.45 9.07
N SER A 916 -17.94 -12.56 8.59
CA SER A 916 -16.80 -11.97 9.26
C SER A 916 -16.14 -10.94 8.36
N ARG A 917 -15.72 -9.82 8.94
CA ARG A 917 -15.02 -8.79 8.18
C ARG A 917 -14.03 -8.07 9.09
N MET A 918 -12.93 -7.62 8.49
CA MET A 918 -11.86 -6.94 9.21
C MET A 918 -12.05 -5.43 9.11
N HIS A 919 -11.93 -4.75 10.25
CA HIS A 919 -12.05 -3.31 10.30
C HIS A 919 -10.71 -2.66 9.97
N HIS A 920 -10.74 -1.62 9.14
CA HIS A 920 -9.55 -0.88 8.77
C HIS A 920 -9.98 0.50 8.27
N SER A 921 -9.02 1.41 8.21
CA SER A 921 -9.26 2.79 7.81
C SER A 921 -8.55 3.13 6.51
N ASN A 922 -8.59 2.21 5.55
CA ASN A 922 -7.99 2.41 4.23
C ASN A 922 -9.13 2.39 3.21
N TYR A 923 -9.72 3.56 2.97
CA TYR A 923 -10.84 3.68 2.04
C TYR A 923 -10.68 4.94 1.22
N LYS A 924 -11.18 4.90 -0.02
CA LYS A 924 -11.07 6.03 -0.91
C LYS A 924 -11.96 7.19 -0.48
N SER A 925 -13.12 6.90 0.10
CA SER A 925 -14.07 7.92 0.51
C SER A 925 -14.44 7.74 1.98
N ALA A 926 -14.76 8.84 2.63
CA ALA A 926 -15.16 8.82 4.03
C ALA A 926 -16.62 8.46 4.23
N ASP A 927 -17.40 8.33 3.15
CA ASP A 927 -18.80 7.96 3.23
C ASP A 927 -19.02 6.47 3.01
N ASN A 928 -17.95 5.67 3.07
CA ASN A 928 -18.09 4.24 2.82
C ASN A 928 -18.96 3.60 3.90
N PRO A 929 -19.87 2.70 3.54
CA PRO A 929 -20.72 2.06 4.55
C PRO A 929 -19.94 1.26 5.58
N ASN A 930 -18.78 0.70 5.21
CA ASN A 930 -17.97 -0.03 6.18
C ASN A 930 -17.47 0.88 7.28
N MET A 931 -17.04 2.09 6.94
CA MET A 931 -16.68 3.08 7.94
C MET A 931 -17.88 3.39 8.85
N TYR A 932 -19.04 3.65 8.25
CA TYR A 932 -20.20 4.10 9.01
C TYR A 932 -20.67 3.02 9.99
N LEU A 933 -20.68 1.77 9.56
CA LEU A 933 -21.16 0.69 10.42
C LEU A 933 -20.30 0.57 11.67
N VAL A 934 -18.99 0.50 11.50
CA VAL A 934 -18.10 0.35 12.66
C VAL A 934 -18.12 1.59 13.52
N THR A 935 -18.16 2.78 12.90
CA THR A 935 -18.19 4.01 13.70
C THR A 935 -19.46 4.09 14.53
N GLU A 936 -20.61 3.77 13.95
CA GLU A 936 -21.85 3.81 14.70
C GLU A 936 -21.88 2.74 15.80
N TYR A 937 -21.33 1.56 15.53
CA TYR A 937 -21.23 0.55 16.57
C TYR A 937 -20.36 1.03 17.73
N ASN A 938 -19.23 1.67 17.41
CA ASN A 938 -18.32 2.15 18.45
C ASN A 938 -18.95 3.28 19.26
N LYS A 939 -19.74 4.16 18.62
CA LYS A 939 -20.29 5.31 19.33
C LYS A 939 -21.40 4.92 20.29
N ASN A 940 -21.96 3.72 20.19
CA ASN A 940 -23.06 3.31 21.06
C ASN A 940 -22.78 2.01 21.79
N ASN A 941 -21.52 1.55 21.82
CA ASN A 941 -21.17 0.33 22.52
C ASN A 941 -19.81 0.51 23.21
N PRO A 942 -19.72 0.20 24.51
CA PRO A 942 -18.42 0.33 25.19
C PRO A 942 -17.33 -0.54 24.59
N GLU A 943 -17.67 -1.70 24.06
CA GLU A 943 -16.69 -2.53 23.38
C GLU A 943 -16.28 -1.86 22.07
N THR A 944 -15.00 -1.49 21.97
CA THR A 944 -14.50 -0.75 20.83
C THR A 944 -13.72 -1.68 19.91
N ILE A 945 -14.12 -1.70 18.63
CA ILE A 945 -13.40 -2.48 17.63
C ILE A 945 -12.18 -1.71 17.18
N GLU A 946 -11.01 -2.33 17.28
CA GLU A 946 -9.75 -1.65 16.98
C GLU A 946 -9.57 -1.52 15.47
N LEU A 947 -8.41 -1.03 15.06
CA LEU A 947 -8.14 -0.75 13.65
C LEU A 947 -7.70 -1.98 12.87
N GLY A 948 -7.55 -3.13 13.52
CA GLY A 948 -7.21 -4.36 12.82
C GLY A 948 -8.00 -5.53 13.35
N GLU A 949 -9.09 -5.25 14.07
CA GLU A 949 -9.90 -6.28 14.70
C GLU A 949 -10.92 -6.82 13.71
N ARG A 950 -11.10 -8.14 13.71
CA ARG A 950 -12.07 -8.81 12.86
C ARG A 950 -13.36 -9.00 13.65
N TYR A 951 -14.48 -8.60 13.06
CA TYR A 951 -15.78 -8.61 13.74
C TYR A 951 -16.79 -9.40 12.91
N TYR A 952 -17.97 -9.58 13.52
CA TYR A 952 -19.06 -10.34 12.93
C TYR A 952 -20.20 -9.40 12.55
N PHE A 953 -20.86 -9.73 11.44
CA PHE A 953 -22.02 -8.96 10.98
C PHE A 953 -22.94 -9.89 10.20
N ALA A 954 -24.20 -9.48 10.10
CA ALA A 954 -25.20 -10.30 9.41
C ALA A 954 -26.34 -9.40 8.93
N TYR A 955 -27.10 -9.92 7.97
CA TYR A 955 -28.25 -9.23 7.42
C TYR A 955 -29.49 -9.60 8.22
N ILE A 956 -30.09 -8.61 8.89
CA ILE A 956 -31.30 -8.79 9.68
C ILE A 956 -32.33 -7.78 9.23
N CYS A 957 -33.57 -8.24 9.05
CA CYS A 957 -34.67 -7.45 8.53
C CYS A 957 -35.87 -7.59 9.45
N PRO A 958 -36.83 -6.66 9.35
CA PRO A 958 -38.06 -6.79 10.15
C PRO A 958 -38.77 -8.11 9.85
N ALA A 959 -39.34 -8.70 10.91
CA ALA A 959 -39.94 -10.01 10.79
C ALA A 959 -41.21 -10.00 9.94
N ASN A 960 -41.98 -8.91 10.01
CA ASN A 960 -43.23 -8.82 9.27
C ASN A 960 -43.03 -8.79 7.76
N VAL A 961 -41.81 -8.53 7.29
CA VAL A 961 -41.53 -8.48 5.85
C VAL A 961 -41.60 -9.89 5.28
N PRO A 962 -42.42 -10.13 4.26
CA PRO A 962 -42.47 -11.47 3.66
C PRO A 962 -41.31 -11.71 2.70
N TRP A 963 -41.34 -12.83 1.98
CA TRP A 963 -40.31 -13.12 1.00
C TRP A 963 -40.25 -12.00 -0.06
N THR A 964 -39.03 -11.54 -0.35
CA THR A 964 -38.81 -10.45 -1.28
C THR A 964 -38.25 -11.00 -2.58
N LYS A 965 -38.90 -10.66 -3.70
CA LYS A 965 -38.45 -11.12 -5.00
C LYS A 965 -37.26 -10.31 -5.50
N LYS A 966 -37.43 -8.99 -5.59
CA LYS A 966 -36.39 -8.09 -6.09
C LYS A 966 -35.70 -7.43 -4.91
N LEU A 967 -34.40 -7.69 -4.77
CA LEU A 967 -33.60 -7.11 -3.70
C LEU A 967 -33.06 -5.76 -4.15
N VAL A 968 -33.30 -4.73 -3.34
CA VAL A 968 -32.91 -3.36 -3.70
C VAL A 968 -31.68 -2.95 -2.91
N ASN A 969 -31.80 -2.93 -1.58
CA ASN A 969 -30.73 -2.50 -0.69
C ASN A 969 -30.32 -3.67 0.19
N ILE A 970 -29.00 -3.89 0.30
CA ILE A 970 -28.45 -5.01 1.05
C ILE A 970 -27.58 -4.54 2.21
N LYS A 971 -26.71 -3.55 1.96
CA LYS A 971 -25.79 -3.09 3.01
C LYS A 971 -26.51 -2.39 4.14
N THR A 972 -27.69 -1.81 3.88
CA THR A 972 -28.42 -1.12 4.94
C THR A 972 -28.93 -2.06 6.02
N TYR A 973 -29.01 -3.36 5.72
CA TYR A 973 -29.50 -4.35 6.67
C TYR A 973 -28.38 -4.99 7.48
N GLU A 974 -27.13 -4.61 7.24
CA GLU A 974 -26.02 -5.21 7.97
C GLU A 974 -25.99 -4.68 9.41
N THR A 975 -25.88 -5.60 10.37
CA THR A 975 -25.70 -5.25 11.77
C THR A 975 -24.63 -6.13 12.37
N ILE A 976 -23.89 -5.57 13.33
CA ILE A 976 -22.74 -6.23 13.93
C ILE A 976 -23.20 -7.06 15.12
N ILE A 977 -22.92 -8.35 15.08
CA ILE A 977 -23.28 -9.27 16.16
C ILE A 977 -22.00 -9.50 16.96
N ASP A 978 -21.75 -8.63 17.95
CA ASP A 978 -20.48 -8.71 18.66
C ASP A 978 -20.33 -9.99 19.47
N ARG A 979 -21.06 -10.11 20.58
CA ARG A 979 -21.05 -11.35 21.36
C ARG A 979 -22.40 -11.74 21.95
N SER A 980 -23.37 -10.84 22.04
CA SER A 980 -24.58 -11.15 22.80
C SER A 980 -25.85 -10.59 22.15
N PHE A 981 -25.82 -10.29 20.85
CA PHE A 981 -27.01 -9.77 20.19
C PHE A 981 -28.12 -10.82 20.19
N LYS A 982 -29.33 -10.38 20.49
CA LYS A 982 -30.50 -11.26 20.57
C LYS A 982 -31.43 -10.94 19.41
N LEU A 983 -31.77 -11.96 18.63
CA LEU A 983 -32.73 -11.80 17.54
C LEU A 983 -34.13 -11.68 18.13
N GLY A 984 -34.68 -10.46 18.13
CA GLY A 984 -35.96 -10.21 18.74
C GLY A 984 -37.12 -10.74 17.92
N SER A 985 -38.32 -10.52 18.45
CA SER A 985 -39.53 -10.96 17.75
C SER A 985 -39.70 -10.23 16.43
N ASN A 986 -39.40 -8.93 16.40
CA ASN A 986 -39.53 -8.14 15.19
C ASN A 986 -38.38 -8.31 14.22
N GLN A 987 -37.26 -8.89 14.66
CA GLN A 987 -36.06 -9.02 13.83
C GLN A 987 -35.89 -10.47 13.40
N ARG A 988 -35.52 -10.67 12.14
CA ARG A 988 -35.31 -12.01 11.60
C ARG A 988 -34.14 -11.99 10.64
N ILE A 989 -33.56 -13.17 10.40
CA ILE A 989 -32.48 -13.29 9.46
C ILE A 989 -33.02 -13.10 8.04
N PHE A 990 -32.38 -12.22 7.28
CA PHE A 990 -32.81 -11.93 5.91
C PHE A 990 -32.25 -13.04 5.02
N TYR A 991 -33.00 -14.15 4.97
CA TYR A 991 -32.53 -15.35 4.29
C TYR A 991 -32.41 -15.17 2.78
N GLU A 992 -32.98 -14.10 2.23
CA GLU A 992 -33.03 -13.95 0.78
C GLU A 992 -31.63 -13.87 0.18
N VAL A 993 -30.72 -13.11 0.80
CA VAL A 993 -29.39 -12.95 0.23
C VAL A 993 -28.64 -14.28 0.23
N TYR A 994 -28.69 -15.00 1.35
CA TYR A 994 -27.99 -16.28 1.44
C TYR A 994 -28.57 -17.28 0.45
N PHE A 995 -29.90 -17.34 0.34
CA PHE A 995 -30.52 -18.27 -0.59
C PHE A 995 -30.17 -17.92 -2.03
N LYS A 996 -30.15 -16.62 -2.37
CA LYS A 996 -29.79 -16.21 -3.72
C LYS A 996 -28.35 -16.58 -4.04
N ARG A 997 -27.43 -16.35 -3.10
CA ARG A 997 -26.03 -16.70 -3.34
C ARG A 997 -25.86 -18.21 -3.50
N LEU A 998 -26.53 -18.99 -2.66
CA LEU A 998 -26.45 -20.45 -2.76
C LEU A 998 -26.99 -20.94 -4.10
N THR A 999 -28.15 -20.43 -4.50
CA THR A 999 -28.75 -20.83 -5.76
C THR A 999 -27.88 -20.43 -6.95
N SER A 1000 -27.30 -19.23 -6.90
CA SER A 1000 -26.43 -18.77 -7.96
C SER A 1000 -25.19 -19.66 -8.08
N GLU A 1001 -24.63 -20.07 -6.94
CA GLU A 1001 -23.47 -20.95 -6.99
C GLU A 1001 -23.84 -22.31 -7.55
N ILE A 1002 -24.99 -22.85 -7.15
CA ILE A 1002 -25.39 -24.18 -7.60
C ILE A 1002 -25.71 -24.19 -9.09
N VAL A 1003 -26.33 -23.12 -9.59
CA VAL A 1003 -26.74 -23.08 -10.99
C VAL A 1003 -25.53 -23.20 -11.91
N ASN A 1004 -24.44 -22.51 -11.59
CA ASN A 1004 -23.26 -22.54 -12.45
C ASN A 1004 -22.62 -23.92 -12.53
N LEU A 1005 -22.93 -24.81 -11.57
CA LEU A 1005 -22.36 -26.16 -11.61
C LEU A 1005 -23.03 -27.03 -12.67
N LEU A 1006 -24.33 -26.82 -12.91
CA LEU A 1006 -25.09 -27.67 -13.80
C LEU A 1006 -24.83 -27.30 -15.27
N ASP A 1007 -25.25 -28.18 -16.17
CA ASP A 1007 -25.06 -28.02 -17.60
C ASP A 1007 -26.25 -27.37 -18.30
N ASN A 1008 -27.45 -27.92 -18.10
CA ASN A 1008 -28.64 -27.34 -18.72
C ASN A 1008 -28.90 -25.95 -18.15
N LYS A 1009 -29.35 -25.04 -19.01
CA LYS A 1009 -29.51 -23.64 -18.64
C LYS A 1009 -30.96 -23.18 -18.57
N VAL A 1010 -31.79 -23.54 -19.55
CA VAL A 1010 -33.14 -22.97 -19.65
C VAL A 1010 -33.91 -23.18 -18.35
N LEU A 1011 -33.85 -24.40 -17.81
CA LEU A 1011 -34.50 -24.65 -16.53
C LEU A 1011 -33.88 -23.85 -15.40
N CYS A 1012 -32.57 -23.58 -15.48
CA CYS A 1012 -31.91 -22.81 -14.43
C CYS A 1012 -32.40 -21.37 -14.41
N ILE A 1013 -32.44 -20.71 -15.58
CA ILE A 1013 -32.97 -19.35 -15.65
C ILE A 1013 -34.44 -19.33 -15.27
N SER A 1014 -35.20 -20.36 -15.68
CA SER A 1014 -36.61 -20.41 -15.31
C SER A 1014 -36.79 -20.47 -13.80
N PHE A 1015 -36.01 -21.33 -13.14
CA PHE A 1015 -36.11 -21.45 -11.68
C PHE A 1015 -35.64 -20.17 -10.99
N PHE A 1016 -34.58 -19.55 -11.49
CA PHE A 1016 -34.10 -18.32 -10.89
C PHE A 1016 -35.14 -17.20 -11.01
N GLN A 1017 -35.80 -17.13 -12.17
CA GLN A 1017 -36.87 -16.14 -12.35
C GLN A 1017 -38.05 -16.44 -11.44
N ARG A 1018 -38.42 -17.71 -11.30
CA ARG A 1018 -39.58 -18.05 -10.48
C ARG A 1018 -39.32 -17.79 -9.01
N MET A 1019 -38.19 -18.26 -8.49
CA MET A 1019 -37.92 -18.16 -7.06
C MET A 1019 -37.55 -16.74 -6.65
N PHE A 1020 -36.73 -16.06 -7.45
CA PHE A 1020 -36.24 -14.73 -7.10
C PHE A 1020 -36.70 -13.66 -8.08
N GLY A 1021 -36.49 -13.87 -9.38
CA GLY A 1021 -36.91 -12.89 -10.36
C GLY A 1021 -35.77 -12.07 -10.93
N SER A 1022 -34.65 -12.74 -11.21
CA SER A 1022 -33.49 -12.10 -11.81
C SER A 1022 -32.87 -13.05 -12.82
N ARG A 1023 -31.79 -12.60 -13.45
CA ARG A 1023 -31.09 -13.40 -14.45
C ARG A 1023 -29.83 -13.99 -13.83
N PRO A 1024 -29.72 -15.31 -13.71
CA PRO A 1024 -28.52 -15.92 -13.09
C PRO A 1024 -27.33 -15.80 -14.03
N THR A 1025 -26.27 -15.14 -13.53
CA THR A 1025 -25.05 -14.99 -14.31
C THR A 1025 -24.34 -16.33 -14.45
N PHE A 1026 -23.79 -16.58 -15.63
CA PHE A 1026 -23.09 -17.82 -15.93
C PHE A 1026 -21.61 -17.54 -16.16
N TYR A 1027 -20.78 -18.51 -15.77
CA TYR A 1027 -19.34 -18.39 -15.94
C TYR A 1027 -18.92 -18.71 -17.38
N MET B 24 -26.00 29.72 23.32
CA MET B 24 -25.68 30.32 24.61
C MET B 24 -26.48 29.67 25.72
N ASN B 25 -27.00 28.48 25.45
CA ASN B 25 -27.78 27.74 26.44
C ASN B 25 -26.85 27.04 27.42
N SER B 26 -27.44 26.32 28.38
CA SER B 26 -26.66 25.62 29.38
C SER B 26 -27.46 24.42 29.91
N VAL B 27 -26.72 23.44 30.41
CA VAL B 27 -27.31 22.26 31.04
C VAL B 27 -26.57 22.01 32.34
N THR B 28 -27.24 21.32 33.26
CA THR B 28 -26.71 21.08 34.60
C THR B 28 -26.48 19.59 34.84
N ILE B 29 -25.48 19.30 35.67
CA ILE B 29 -25.14 17.94 36.06
C ILE B 29 -24.98 17.89 37.58
N SER B 30 -24.79 16.66 38.08
CA SER B 30 -24.67 16.46 39.55
C SER B 30 -23.23 16.52 40.03
N HIS B 31 -22.38 17.40 39.48
CA HIS B 31 -20.94 17.44 39.88
C HIS B 31 -20.43 18.88 39.91
N ALA B 32 -19.63 19.23 40.91
CA ALA B 32 -19.15 20.62 41.11
C ALA B 32 -19.27 21.54 39.88
N PRO B 33 -18.51 21.41 38.77
CA PRO B 33 -18.60 22.40 37.69
C PRO B 33 -20.07 22.63 37.34
N TYR B 34 -20.83 21.59 36.99
CA TYR B 34 -22.25 21.75 36.52
C TYR B 34 -22.50 23.14 35.91
N THR B 35 -21.55 23.69 35.16
CA THR B 35 -21.72 25.00 34.49
C THR B 35 -21.49 24.78 33.00
N ILE B 36 -22.41 24.07 32.35
CA ILE B 36 -22.20 23.72 30.91
C ILE B 36 -22.85 24.77 30.00
N THR B 37 -22.43 26.03 30.09
CA THR B 37 -22.88 27.02 29.12
C THR B 37 -22.28 26.75 27.76
N TYR B 38 -23.15 26.45 26.79
CA TYR B 38 -22.71 26.04 25.46
C TYR B 38 -23.56 26.74 24.40
N HIS B 39 -22.99 26.85 23.20
CA HIS B 39 -23.66 27.48 22.07
C HIS B 39 -24.46 26.44 21.28
N ASP B 40 -25.39 26.94 20.47
CA ASP B 40 -26.26 26.07 19.69
C ASP B 40 -25.51 25.25 18.66
N ASP B 41 -24.36 25.73 18.18
CA ASP B 41 -23.59 24.98 17.20
C ASP B 41 -22.75 23.88 17.84
N TRP B 42 -22.72 23.79 19.17
CA TRP B 42 -22.10 22.69 19.89
C TRP B 42 -23.11 21.64 20.32
N GLU B 43 -24.28 21.61 19.67
CA GLU B 43 -25.38 20.77 20.16
C GLU B 43 -25.07 19.29 20.18
N PRO B 44 -24.55 18.66 19.10
CA PRO B 44 -24.34 17.20 19.17
C PRO B 44 -23.07 16.83 19.90
N VAL B 45 -22.81 17.47 21.03
CA VAL B 45 -21.65 17.18 21.86
C VAL B 45 -22.09 16.95 23.30
N MET B 46 -22.87 17.89 23.84
CA MET B 46 -23.23 17.87 25.25
C MET B 46 -24.01 16.61 25.61
N SER B 47 -24.91 16.16 24.71
CA SER B 47 -25.77 15.03 25.01
C SER B 47 -24.99 13.75 25.27
N GLN B 48 -23.73 13.68 24.84
CA GLN B 48 -22.84 12.57 25.16
C GLN B 48 -21.78 12.95 26.17
N LEU B 49 -21.37 14.22 26.19
CA LEU B 49 -20.40 14.68 27.18
C LEU B 49 -20.94 14.55 28.60
N VAL B 50 -22.26 14.64 28.76
CA VAL B 50 -22.85 14.50 30.09
C VAL B 50 -22.56 13.11 30.66
N GLU B 51 -22.77 12.06 29.86
CA GLU B 51 -22.48 10.71 30.32
C GLU B 51 -20.98 10.47 30.40
N PHE B 52 -20.20 11.05 29.47
CA PHE B 52 -18.76 10.84 29.49
C PHE B 52 -18.11 11.50 30.70
N TYR B 53 -18.73 12.53 31.26
CA TYR B 53 -18.18 13.25 32.40
C TYR B 53 -18.77 12.84 33.74
N ASN B 54 -20.01 12.31 33.75
CA ASN B 54 -20.62 11.92 35.02
C ASN B 54 -19.85 10.78 35.67
N GLU B 55 -19.41 9.80 34.89
CA GLU B 55 -18.74 8.63 35.46
C GLU B 55 -17.34 8.95 35.96
N VAL B 56 -16.80 10.12 35.61
CA VAL B 56 -15.43 10.47 35.96
C VAL B 56 -15.34 11.67 36.91
N ALA B 57 -16.41 12.46 37.04
CA ALA B 57 -16.33 13.66 37.87
C ALA B 57 -16.11 13.32 39.34
N SER B 58 -16.67 12.21 39.82
CA SER B 58 -16.54 11.86 41.23
C SER B 58 -15.07 11.67 41.62
N TRP B 59 -14.30 11.00 40.77
CA TRP B 59 -12.87 10.84 41.01
C TRP B 59 -12.06 12.06 40.58
N LEU B 60 -12.58 12.87 39.66
CA LEU B 60 -11.85 14.05 39.23
C LEU B 60 -11.86 15.16 40.28
N LEU B 61 -13.00 15.34 40.96
CA LEU B 61 -13.17 16.43 41.91
C LEU B 61 -12.63 16.11 43.29
N ARG B 62 -12.13 14.89 43.53
CA ARG B 62 -11.57 14.54 44.82
C ARG B 62 -10.18 15.14 45.03
N ASP B 63 -9.53 15.61 43.97
CA ASP B 63 -8.21 16.20 44.04
C ASP B 63 -8.30 17.67 43.68
N GLU B 64 -7.24 18.41 44.03
CA GLU B 64 -7.16 19.84 43.76
C GLU B 64 -6.31 20.04 42.49
N THR B 65 -6.88 20.73 41.52
CA THR B 65 -6.27 20.92 40.21
C THR B 65 -5.69 22.32 40.07
N SER B 66 -5.06 22.58 38.91
CA SER B 66 -4.63 23.94 38.67
C SER B 66 -5.17 24.54 37.36
N PRO B 67 -6.41 24.24 36.97
CA PRO B 67 -7.27 25.28 36.42
C PRO B 67 -8.21 25.76 37.51
N ILE B 68 -8.99 26.80 37.24
CA ILE B 68 -10.13 27.10 38.11
C ILE B 68 -11.23 26.08 37.84
N PRO B 69 -11.80 25.45 38.86
CA PRO B 69 -12.80 24.41 38.60
C PRO B 69 -13.98 24.88 37.77
N ASP B 70 -14.39 26.15 37.93
CA ASP B 70 -15.46 26.68 37.09
C ASP B 70 -15.01 26.91 35.65
N LYS B 71 -13.70 26.89 35.39
CA LYS B 71 -13.18 27.09 34.04
C LYS B 71 -12.92 25.74 33.38
N PHE B 72 -14.01 25.01 33.14
CA PHE B 72 -13.96 23.76 32.39
C PHE B 72 -14.68 23.87 31.05
N PHE B 73 -15.97 24.19 31.07
CA PHE B 73 -16.75 24.36 29.85
C PHE B 73 -16.93 25.85 29.54
N ILE B 74 -15.82 26.53 29.26
CA ILE B 74 -15.85 27.94 28.95
C ILE B 74 -15.64 28.23 27.47
N GLN B 75 -14.89 27.39 26.76
CA GLN B 75 -14.70 27.56 25.33
C GLN B 75 -15.73 26.81 24.50
N LEU B 76 -16.68 26.13 25.15
CA LEU B 76 -17.72 25.39 24.45
C LEU B 76 -18.94 26.24 24.14
N LYS B 77 -18.96 27.50 24.58
CA LYS B 77 -20.03 28.42 24.23
C LYS B 77 -19.67 29.37 23.10
N GLN B 78 -18.41 29.36 22.66
CA GLN B 78 -17.98 30.18 21.54
C GLN B 78 -18.42 29.56 20.22
N PRO B 79 -18.67 30.38 19.20
CA PRO B 79 -19.01 29.83 17.87
C PRO B 79 -17.75 29.26 17.20
N LEU B 80 -17.78 27.96 16.92
CA LEU B 80 -16.63 27.30 16.32
C LEU B 80 -16.62 27.37 14.81
N ARG B 81 -17.75 27.67 14.17
CA ARG B 81 -17.79 27.83 12.72
C ARG B 81 -17.45 29.26 12.31
N ASN B 82 -16.36 29.78 12.88
CA ASN B 82 -15.84 31.10 12.52
C ASN B 82 -14.34 30.99 12.35
N LYS B 83 -13.72 30.03 13.05
CA LYS B 83 -12.29 29.82 13.00
C LYS B 83 -11.93 28.90 11.84
N ARG B 84 -10.73 29.12 11.30
CA ARG B 84 -10.21 28.29 10.21
C ARG B 84 -8.99 27.48 10.61
N VAL B 85 -8.22 27.95 11.58
CA VAL B 85 -7.05 27.24 12.09
C VAL B 85 -7.19 27.12 13.61
N CYS B 86 -6.87 25.94 14.14
CA CYS B 86 -6.96 25.68 15.56
C CYS B 86 -5.59 25.27 16.09
N VAL B 87 -5.11 26.01 17.09
CA VAL B 87 -3.86 25.66 17.77
C VAL B 87 -4.21 24.90 19.05
N CYS B 88 -3.58 23.75 19.24
CA CYS B 88 -3.96 22.81 20.28
C CYS B 88 -2.82 22.59 21.25
N GLY B 89 -3.11 22.73 22.54
CA GLY B 89 -2.17 22.39 23.59
C GLY B 89 -2.51 21.06 24.22
N ILE B 90 -1.51 20.44 24.84
CA ILE B 90 -1.67 19.10 25.43
C ILE B 90 -2.03 19.22 26.90
N ASP B 91 -1.58 20.29 27.55
CA ASP B 91 -1.79 20.41 28.99
C ASP B 91 -1.65 21.86 29.42
N PRO B 92 -2.55 22.37 30.25
CA PRO B 92 -2.37 23.71 30.82
C PRO B 92 -1.09 23.81 31.63
N TYR B 93 -0.79 25.02 32.07
CA TYR B 93 0.45 25.28 32.79
C TYR B 93 0.48 24.47 34.08
N PRO B 94 1.57 23.76 34.38
CA PRO B 94 1.65 23.05 35.66
C PRO B 94 1.56 23.97 36.87
N LYS B 95 1.97 25.22 36.72
CA LYS B 95 1.87 26.23 37.78
C LYS B 95 0.82 27.25 37.37
N ASP B 96 -0.11 27.53 38.28
CA ASP B 96 -1.20 28.46 38.04
C ASP B 96 -2.04 28.05 36.83
N GLY B 97 -2.75 28.99 36.25
CA GLY B 97 -3.59 28.71 35.09
C GLY B 97 -4.82 29.62 35.11
N THR B 98 -5.30 29.93 33.91
CA THR B 98 -6.44 30.84 33.74
C THR B 98 -7.69 30.11 33.28
N GLY B 99 -7.59 29.27 32.26
CA GLY B 99 -8.75 28.56 31.74
C GLY B 99 -8.75 28.48 30.22
N VAL B 100 -8.02 29.38 29.58
CA VAL B 100 -7.88 29.37 28.12
C VAL B 100 -6.42 29.14 27.78
N PRO B 101 -6.12 28.35 26.76
CA PRO B 101 -4.72 28.01 26.47
C PRO B 101 -3.92 29.20 25.98
N PHE B 102 -2.62 29.18 26.31
CA PHE B 102 -1.66 30.16 25.81
C PHE B 102 -2.08 31.60 26.12
N GLU B 103 -2.62 31.81 27.32
CA GLU B 103 -2.97 33.16 27.78
C GLU B 103 -2.53 33.31 29.23
N SER B 104 -1.77 34.37 29.50
CA SER B 104 -1.27 34.66 30.84
C SER B 104 -0.92 36.13 30.97
N PRO B 105 -1.83 36.96 31.51
CA PRO B 105 -1.47 38.38 31.69
C PRO B 105 -0.60 38.59 32.92
N ASN B 106 0.37 37.71 33.10
CA ASN B 106 1.41 37.83 34.12
C ASN B 106 2.73 37.36 33.50
N PHE B 107 3.01 37.88 32.30
CA PHE B 107 3.98 37.30 31.38
C PHE B 107 5.31 36.95 32.03
N THR B 108 5.57 35.65 32.21
CA THR B 108 6.84 35.15 32.72
C THR B 108 7.34 33.89 32.03
N LYS B 109 6.47 33.11 31.40
CA LYS B 109 6.80 31.73 31.03
C LYS B 109 7.67 31.67 29.78
N LYS B 110 8.44 30.58 29.69
CA LYS B 110 9.37 30.41 28.57
C LYS B 110 8.67 30.04 27.28
N SER B 111 7.66 29.17 27.36
CA SER B 111 6.96 28.73 26.15
C SER B 111 6.27 29.89 25.46
N ILE B 112 5.57 30.73 26.22
CA ILE B 112 4.90 31.88 25.63
C ILE B 112 5.92 32.89 25.11
N LYS B 113 7.07 33.01 25.79
CA LYS B 113 8.14 33.89 25.29
C LYS B 113 8.63 33.42 23.93
N GLU B 114 8.88 32.12 23.79
CA GLU B 114 9.37 31.59 22.52
C GLU B 114 8.30 31.67 21.43
N ILE B 115 7.03 31.51 21.80
CA ILE B 115 5.96 31.69 20.82
C ILE B 115 5.90 33.15 20.37
N ALA B 116 6.02 34.08 21.30
CA ALA B 116 5.88 35.50 20.96
C ALA B 116 7.06 36.03 20.17
N SER B 117 8.27 35.56 20.45
CA SER B 117 9.46 36.09 19.79
C SER B 117 9.43 35.81 18.29
N SER B 118 9.17 34.55 17.92
CA SER B 118 9.20 34.15 16.52
C SER B 118 8.04 34.69 15.71
N ILE B 119 7.02 35.26 16.36
CA ILE B 119 5.89 35.83 15.64
C ILE B 119 6.01 37.34 15.60
N SER B 120 6.66 37.91 16.63
CA SER B 120 6.99 39.33 16.59
C SER B 120 8.05 39.62 15.55
N ARG B 121 9.01 38.69 15.38
CA ARG B 121 9.97 38.85 14.29
C ARG B 121 9.28 38.78 12.93
N LEU B 122 8.33 37.87 12.78
CA LEU B 122 7.63 37.72 11.50
C LEU B 122 6.78 38.93 11.19
N THR B 123 5.95 39.36 12.15
CA THR B 123 5.03 40.46 11.90
C THR B 123 5.77 41.78 11.76
N GLY B 124 6.74 42.04 12.63
CA GLY B 124 7.47 43.28 12.63
C GLY B 124 7.15 44.23 13.77
N VAL B 125 6.55 43.75 14.85
CA VAL B 125 6.21 44.57 16.01
C VAL B 125 7.18 44.23 17.13
N ILE B 126 7.85 45.24 17.67
CA ILE B 126 8.82 45.04 18.73
C ILE B 126 8.28 45.47 20.09
N ASP B 127 7.29 46.36 20.14
CA ASP B 127 6.72 46.83 21.39
C ASP B 127 5.40 46.11 21.65
N TYR B 128 5.35 45.35 22.74
CA TYR B 128 4.14 44.61 23.10
C TYR B 128 4.19 44.28 24.58
N LYS B 129 3.02 43.96 25.13
CA LYS B 129 2.86 43.59 26.53
C LYS B 129 2.15 42.25 26.65
N GLY B 130 2.60 41.27 25.88
CA GLY B 130 1.94 39.99 25.76
C GLY B 130 1.26 39.83 24.42
N TYR B 131 0.75 38.62 24.19
CA TYR B 131 0.09 38.30 22.94
C TYR B 131 -1.40 38.03 23.09
N ASN B 132 -1.79 37.10 23.98
CA ASN B 132 -3.20 36.75 24.19
C ASN B 132 -3.83 36.26 22.88
N LEU B 133 -3.33 35.10 22.44
CA LEU B 133 -3.70 34.54 21.13
C LEU B 133 -5.19 34.24 21.02
N ASN B 134 -5.90 34.13 22.15
CA ASN B 134 -7.33 33.80 22.10
C ASN B 134 -8.13 34.86 21.37
N ILE B 135 -7.80 36.15 21.59
CA ILE B 135 -8.60 37.23 21.05
C ILE B 135 -8.53 37.32 19.53
N ILE B 136 -7.55 36.64 18.90
CA ILE B 136 -7.43 36.70 17.45
C ILE B 136 -8.62 36.02 16.80
N ASP B 137 -9.25 36.72 15.86
CA ASP B 137 -10.34 36.13 15.10
C ASP B 137 -9.80 35.15 14.06
N GLY B 138 -10.53 34.05 13.85
CA GLY B 138 -10.14 33.03 12.92
C GLY B 138 -9.27 31.93 13.49
N VAL B 139 -8.82 32.06 14.73
CA VAL B 139 -8.03 31.03 15.40
C VAL B 139 -8.57 30.86 16.81
N ILE B 140 -8.46 29.64 17.34
CA ILE B 140 -8.90 29.35 18.69
C ILE B 140 -7.85 28.49 19.40
N PRO B 141 -7.38 28.89 20.58
CA PRO B 141 -6.47 28.03 21.34
C PRO B 141 -7.23 26.89 22.01
N TRP B 142 -6.67 25.69 21.91
CA TRP B 142 -7.32 24.49 22.43
C TRP B 142 -6.38 23.75 23.36
N ASN B 143 -6.92 23.23 24.46
CA ASN B 143 -6.20 22.38 25.39
C ASN B 143 -6.78 20.98 25.30
N TYR B 144 -5.94 20.00 24.98
CA TYR B 144 -6.41 18.63 24.86
C TYR B 144 -6.94 18.12 26.20
N TYR B 145 -6.14 18.24 27.25
CA TYR B 145 -6.56 17.86 28.59
C TYR B 145 -7.07 19.09 29.30
N LEU B 146 -8.35 19.07 29.66
CA LEU B 146 -9.05 20.24 30.22
C LEU B 146 -8.71 20.51 31.67
N SER B 147 -7.75 19.77 32.25
CA SER B 147 -7.38 19.99 33.65
C SER B 147 -5.95 19.51 33.87
N CYS B 148 -5.36 20.00 34.95
CA CYS B 148 -3.98 19.68 35.30
C CYS B 148 -3.88 19.61 36.83
N LYS B 149 -2.66 19.65 37.34
CA LYS B 149 -2.43 19.65 38.78
C LYS B 149 -1.20 20.50 39.07
N LEU B 150 -1.12 20.99 40.31
CA LEU B 150 0.00 21.82 40.73
C LEU B 150 1.28 20.98 40.75
N GLY B 151 2.34 21.53 40.17
CA GLY B 151 3.66 20.91 40.25
C GLY B 151 3.99 19.93 39.15
N GLU B 152 3.03 19.09 38.77
CA GLU B 152 3.26 18.04 37.79
C GLU B 152 2.31 18.19 36.62
N THR B 153 2.77 17.76 35.45
CA THR B 153 2.02 17.84 34.21
C THR B 153 1.56 16.46 33.77
N LYS B 154 0.51 16.45 32.94
CA LYS B 154 -0.06 15.22 32.40
C LYS B 154 -0.47 14.26 33.51
N SER B 155 -0.99 14.81 34.60
CA SER B 155 -1.46 14.03 35.74
C SER B 155 -2.96 13.82 35.73
N HIS B 156 -3.64 14.19 34.64
CA HIS B 156 -5.08 14.00 34.53
C HIS B 156 -5.46 13.47 33.15
N ALA B 157 -4.60 12.65 32.54
CA ALA B 157 -4.85 12.15 31.20
C ALA B 157 -6.00 11.15 31.18
N ILE B 158 -6.05 10.26 32.17
CA ILE B 158 -7.07 9.21 32.18
C ILE B 158 -8.46 9.80 32.36
N TYR B 159 -8.59 10.87 33.15
CA TYR B 159 -9.90 11.45 33.40
C TYR B 159 -10.47 12.15 32.18
N TRP B 160 -9.64 12.48 31.19
CA TRP B 160 -10.07 13.33 30.07
C TRP B 160 -9.85 12.71 28.70
N ASP B 161 -9.41 11.44 28.63
CA ASP B 161 -8.99 10.89 27.35
C ASP B 161 -10.13 10.82 26.34
N LYS B 162 -11.26 10.22 26.73
CA LYS B 162 -12.38 10.09 25.81
C LYS B 162 -13.06 11.42 25.56
N ILE B 163 -13.15 12.26 26.59
CA ILE B 163 -13.70 13.60 26.42
C ILE B 163 -12.85 14.40 25.44
N SER B 164 -11.53 14.33 25.60
CA SER B 164 -10.63 15.02 24.68
C SER B 164 -10.79 14.49 23.26
N LYS B 165 -10.91 13.17 23.11
CA LYS B 165 -11.11 12.58 21.80
C LYS B 165 -12.36 13.13 21.13
N LEU B 166 -13.49 13.11 21.85
CA LEU B 166 -14.75 13.58 21.27
C LEU B 166 -14.69 15.07 20.94
N LEU B 167 -14.15 15.88 21.85
CA LEU B 167 -14.07 17.32 21.61
C LEU B 167 -13.18 17.65 20.43
N LEU B 168 -12.02 16.99 20.33
CA LEU B 168 -11.13 17.23 19.20
C LEU B 168 -11.77 16.77 17.90
N GLN B 169 -12.50 15.66 17.91
CA GLN B 169 -13.19 15.22 16.71
C GLN B 169 -14.21 16.26 16.25
N HIS B 170 -15.01 16.79 17.20
CA HIS B 170 -16.00 17.78 16.82
C HIS B 170 -15.35 19.06 16.31
N ILE B 171 -14.27 19.51 16.94
CA ILE B 171 -13.59 20.71 16.49
C ILE B 171 -12.98 20.50 15.11
N THR B 172 -12.39 19.33 14.88
CA THR B 172 -11.81 19.01 13.58
C THR B 172 -12.87 18.97 12.50
N LYS B 173 -14.06 18.46 12.82
CA LYS B 173 -15.12 18.34 11.83
C LYS B 173 -15.52 19.70 11.25
N HIS B 174 -15.28 20.80 11.97
CA HIS B 174 -15.70 22.12 11.52
C HIS B 174 -14.55 22.96 10.96
N VAL B 175 -13.36 22.88 11.54
CA VAL B 175 -12.23 23.68 11.08
C VAL B 175 -11.60 23.02 9.87
N SER B 176 -10.74 23.76 9.16
CA SER B 176 -10.07 23.25 7.97
C SER B 176 -8.65 22.77 8.22
N VAL B 177 -7.93 23.40 9.16
CA VAL B 177 -6.56 23.04 9.47
C VAL B 177 -6.38 23.06 10.97
N LEU B 178 -5.65 22.08 11.50
CA LEU B 178 -5.40 21.95 12.93
C LEU B 178 -3.90 21.98 13.20
N TYR B 179 -3.51 22.75 14.21
CA TYR B 179 -2.12 22.91 14.61
C TYR B 179 -1.93 22.41 16.03
N CYS B 180 -0.94 21.54 16.24
CA CYS B 180 -0.69 20.95 17.53
C CYS B 180 0.77 21.12 17.92
N LEU B 181 1.02 21.22 19.23
CA LEU B 181 2.35 21.42 19.77
C LEU B 181 2.82 20.12 20.41
N GLY B 182 3.99 19.64 19.98
CA GLY B 182 4.56 18.42 20.53
C GLY B 182 4.59 17.28 19.54
N LYS B 183 5.79 16.91 19.10
CA LYS B 183 5.92 15.87 18.09
C LYS B 183 5.57 14.50 18.69
N THR B 184 6.29 14.08 19.72
CA THR B 184 6.00 12.79 20.34
C THR B 184 4.70 12.84 21.15
N ASP B 185 4.32 14.02 21.65
CA ASP B 185 3.10 14.12 22.44
C ASP B 185 1.85 13.99 21.58
N PHE B 186 1.92 14.43 20.32
CA PHE B 186 0.81 14.29 19.38
C PHE B 186 1.15 13.33 18.24
N SER B 187 2.03 12.37 18.50
CA SER B 187 2.49 11.45 17.47
C SER B 187 1.41 10.46 17.04
N ASN B 188 0.32 10.33 17.80
CA ASN B 188 -0.75 9.39 17.50
C ASN B 188 -2.08 10.11 17.33
N ILE B 189 -2.06 11.24 16.62
CA ILE B 189 -3.28 12.01 16.40
C ILE B 189 -4.03 11.60 15.15
N ARG B 190 -3.36 10.97 14.17
CA ARG B 190 -4.04 10.55 12.96
C ARG B 190 -5.08 9.47 13.26
N ALA B 191 -4.72 8.49 14.10
CA ALA B 191 -5.67 7.47 14.50
C ALA B 191 -6.69 7.99 15.51
N LYS B 192 -6.40 9.12 16.15
CA LYS B 192 -7.33 9.68 17.13
C LYS B 192 -8.58 10.25 16.45
N LEU B 193 -8.45 10.66 15.19
CA LEU B 193 -9.56 11.23 14.41
C LEU B 193 -9.87 10.32 13.23
N GLU B 194 -11.15 10.19 12.91
CA GLU B 194 -11.57 9.36 11.78
C GLU B 194 -11.75 10.15 10.50
N SER B 195 -11.99 11.46 10.59
CA SER B 195 -12.18 12.30 9.41
C SER B 195 -10.86 12.94 9.02
N PRO B 196 -10.37 12.73 7.79
CA PRO B 196 -9.12 13.36 7.39
C PRO B 196 -9.21 14.88 7.43
N VAL B 197 -8.07 15.51 7.78
CA VAL B 197 -8.01 16.95 7.95
C VAL B 197 -6.55 17.36 7.78
N THR B 198 -6.33 18.63 7.46
CA THR B 198 -4.98 19.18 7.39
C THR B 198 -4.45 19.39 8.81
N THR B 199 -3.39 18.67 9.15
CA THR B 199 -2.86 18.69 10.51
C THR B 199 -1.36 19.02 10.47
N ILE B 200 -0.95 19.97 11.31
CA ILE B 200 0.45 20.30 11.50
C ILE B 200 0.80 20.03 12.96
N VAL B 201 1.82 19.20 13.18
CA VAL B 201 2.31 18.88 14.51
C VAL B 201 3.66 19.56 14.67
N GLY B 202 3.73 20.54 15.56
CA GLY B 202 4.93 21.32 15.76
C GLY B 202 5.67 20.95 17.03
N TYR B 203 6.96 21.28 17.05
CA TYR B 203 7.79 21.00 18.21
C TYR B 203 7.41 21.90 19.37
N HIS B 204 7.42 21.34 20.58
CA HIS B 204 7.11 22.12 21.76
C HIS B 204 8.19 23.17 21.99
N PRO B 205 7.81 24.40 22.40
CA PRO B 205 8.80 25.48 22.63
C PRO B 205 9.44 25.42 24.01
N ALA B 206 9.85 24.22 24.42
CA ALA B 206 10.63 24.06 25.64
C ALA B 206 11.73 23.01 25.52
N ALA B 207 11.94 22.43 24.33
CA ALA B 207 12.93 21.38 24.15
C ALA B 207 14.34 21.97 24.13
N ARG B 208 15.32 21.09 24.28
CA ARG B 208 16.71 21.50 24.26
C ARG B 208 17.11 22.00 22.88
N ASP B 209 17.93 23.04 22.84
CA ASP B 209 18.42 23.70 21.64
C ASP B 209 17.41 24.69 21.04
N HIS B 210 16.22 24.82 21.62
CA HIS B 210 15.19 25.75 21.15
C HIS B 210 14.86 25.50 19.68
N GLN B 211 14.34 24.30 19.42
CA GLN B 211 14.00 23.92 18.06
C GLN B 211 12.84 24.72 17.49
N PHE B 212 12.00 25.29 18.36
CA PHE B 212 10.86 26.09 17.90
C PHE B 212 11.30 27.30 17.07
N GLU B 213 12.55 27.75 17.24
CA GLU B 213 13.05 28.83 16.40
C GLU B 213 13.09 28.43 14.93
N LYS B 214 13.51 27.20 14.65
CA LYS B 214 13.53 26.67 13.29
C LYS B 214 12.14 26.31 12.78
N ASP B 215 11.15 26.22 13.66
CA ASP B 215 9.79 25.83 13.27
C ASP B 215 9.15 26.94 12.44
N ARG B 216 9.06 26.73 11.13
CA ARG B 216 8.39 27.65 10.24
C ARG B 216 7.01 27.07 9.91
N SER B 217 6.06 27.29 10.82
CA SER B 217 4.73 26.72 10.71
C SER B 217 3.63 27.74 10.52
N PHE B 218 3.79 28.96 11.05
CA PHE B 218 2.75 29.98 10.87
C PHE B 218 2.61 30.34 9.40
N GLU B 219 3.73 30.49 8.69
CA GLU B 219 3.66 30.69 7.25
C GLU B 219 2.98 29.50 6.58
N ILE B 220 3.27 28.28 7.05
CA ILE B 220 2.67 27.08 6.47
C ILE B 220 1.16 27.12 6.62
N ILE B 221 0.66 27.41 7.83
CA ILE B 221 -0.78 27.40 8.04
C ILE B 221 -1.44 28.52 7.25
N ASN B 222 -0.81 29.70 7.20
CA ASN B 222 -1.38 30.79 6.41
C ASN B 222 -1.51 30.40 4.94
N VAL B 223 -0.41 29.96 4.33
CA VAL B 223 -0.44 29.62 2.91
C VAL B 223 -1.36 28.45 2.66
N LEU B 224 -1.55 27.57 3.65
CA LEU B 224 -2.57 26.53 3.53
C LEU B 224 -3.98 27.12 3.48
N LEU B 225 -4.24 28.16 4.29
CA LEU B 225 -5.52 28.85 4.19
C LEU B 225 -5.74 29.46 2.81
N GLU B 226 -4.71 30.11 2.24
CA GLU B 226 -4.92 30.60 0.87
C GLU B 226 -5.06 29.47 -0.14
N LEU B 227 -4.34 28.36 0.05
CA LEU B 227 -4.45 27.25 -0.89
C LEU B 227 -5.82 26.58 -0.83
N ASP B 228 -6.47 26.63 0.32
CA ASP B 228 -7.82 26.07 0.49
C ASP B 228 -8.89 27.15 0.37
N ASN B 229 -8.65 28.11 -0.54
CA ASN B 229 -9.53 29.24 -0.88
C ASN B 229 -10.30 29.78 0.32
N LYS B 230 -9.59 29.99 1.43
CA LYS B 230 -10.15 30.56 2.64
C LYS B 230 -9.57 31.95 2.87
N THR B 231 -10.33 32.79 3.56
CA THR B 231 -9.91 34.16 3.80
C THR B 231 -8.64 34.17 4.64
N PRO B 232 -7.60 34.89 4.22
CA PRO B 232 -6.39 35.01 5.05
C PRO B 232 -6.72 35.65 6.39
N ILE B 233 -6.04 35.20 7.43
CA ILE B 233 -6.27 35.66 8.79
C ILE B 233 -5.09 36.53 9.22
N ASN B 234 -5.37 37.78 9.54
CA ASN B 234 -4.33 38.66 10.07
C ASN B 234 -3.85 38.13 11.43
N TRP B 235 -2.53 38.18 11.63
CA TRP B 235 -1.92 37.55 12.79
C TRP B 235 -1.50 38.52 13.87
N ALA B 236 -1.20 39.77 13.53
CA ALA B 236 -0.79 40.78 14.51
C ALA B 236 -1.98 41.45 15.19
N GLN B 237 -3.21 41.07 14.84
CA GLN B 237 -4.38 41.70 15.44
C GLN B 237 -4.44 41.47 16.94
N GLY B 238 -4.00 40.29 17.40
CA GLY B 238 -4.15 39.92 18.79
C GLY B 238 -3.24 40.66 19.75
N PHE B 239 -2.23 41.37 19.23
CA PHE B 239 -1.31 42.08 20.10
C PHE B 239 -2.04 43.05 21.01
N ILE B 240 -1.66 43.07 22.28
CA ILE B 240 -2.31 43.89 23.31
C ILE B 240 -1.34 44.96 23.76
N TYR B 241 -1.79 46.21 23.76
CA TYR B 241 -0.96 47.34 24.16
C TYR B 241 -1.51 48.01 25.41
N THR C 2 6.03 22.62 7.56
CA THR C 2 6.96 22.54 8.68
C THR C 2 8.30 23.17 8.32
N SER C 3 9.00 22.56 7.37
CA SER C 3 10.30 23.05 6.94
C SER C 3 10.16 24.01 5.77
N SER C 4 11.29 24.64 5.41
CA SER C 4 11.29 25.58 4.29
C SER C 4 11.05 24.87 2.97
N ALA C 5 11.59 23.66 2.81
CA ALA C 5 11.41 22.93 1.55
C ALA C 5 9.95 22.61 1.30
N ASP C 6 9.23 22.17 2.33
CA ASP C 6 7.80 21.91 2.19
C ASP C 6 7.04 23.18 1.83
N LEU C 7 7.40 24.31 2.46
CA LEU C 7 6.75 25.57 2.16
C LEU C 7 6.96 25.95 0.69
N THR C 8 8.19 25.83 0.20
CA THR C 8 8.46 26.15 -1.20
C THR C 8 7.70 25.21 -2.13
N ASN C 9 7.69 23.92 -1.82
CA ASN C 9 7.00 22.96 -2.67
C ASN C 9 5.51 23.26 -2.76
N LEU C 10 4.87 23.51 -1.62
CA LEU C 10 3.44 23.73 -1.64
C LEU C 10 3.07 25.11 -2.18
N LYS C 11 3.94 26.12 -2.02
CA LYS C 11 3.66 27.40 -2.66
C LYS C 11 3.84 27.33 -4.16
N GLU C 12 4.79 26.50 -4.64
CA GLU C 12 4.86 26.24 -6.08
C GLU C 12 3.62 25.51 -6.56
N LEU C 13 3.10 24.59 -5.73
CA LEU C 13 1.83 23.94 -6.06
C LEU C 13 0.70 24.95 -6.17
N LEU C 14 0.64 25.90 -5.25
CA LEU C 14 -0.39 26.93 -5.32
C LEU C 14 -0.23 27.79 -6.57
N SER C 15 1.01 28.15 -6.91
CA SER C 15 1.25 28.94 -8.12
C SER C 15 0.83 28.17 -9.36
N LEU C 16 1.12 26.87 -9.41
CA LEU C 16 0.67 26.05 -10.53
C LEU C 16 -0.86 25.96 -10.58
N TYR C 17 -1.49 25.90 -9.41
CA TYR C 17 -2.95 25.88 -9.37
C TYR C 17 -3.54 27.19 -9.89
N LYS C 18 -2.86 28.30 -9.65
CA LYS C 18 -3.34 29.59 -10.15
C LYS C 18 -3.44 29.59 -11.67
N SER C 19 -2.43 29.06 -12.35
CA SER C 19 -2.43 28.93 -13.80
C SER C 19 -2.62 27.45 -14.13
N LEU C 20 -3.88 27.02 -14.17
CA LEU C 20 -4.24 25.64 -14.43
C LEU C 20 -4.59 25.37 -15.88
N ARG C 21 -5.33 26.27 -16.53
CA ARG C 21 -5.66 26.10 -17.93
C ARG C 21 -4.44 26.20 -18.83
N PHE C 22 -3.39 26.90 -18.37
CA PHE C 22 -2.19 27.11 -19.18
C PHE C 22 -1.12 26.07 -18.80
N SER C 23 -1.42 24.82 -19.09
CA SER C 23 -0.57 23.71 -18.67
C SER C 23 -0.41 22.72 -19.80
N ASP C 24 0.68 21.96 -19.72
CA ASP C 24 0.97 20.86 -20.63
C ASP C 24 1.18 19.58 -19.81
N SER C 25 1.61 18.51 -20.49
CA SER C 25 1.71 17.21 -19.84
C SER C 25 2.68 17.25 -18.66
N VAL C 26 3.84 17.89 -18.85
CA VAL C 26 4.83 17.95 -17.79
C VAL C 26 4.29 18.70 -16.58
N ALA C 27 3.64 19.84 -16.83
CA ALA C 27 3.10 20.64 -15.73
C ALA C 27 1.96 19.93 -15.03
N ILE C 28 1.12 19.21 -15.78
CA ILE C 28 0.05 18.42 -15.16
C ILE C 28 0.65 17.33 -14.28
N GLU C 29 1.69 16.66 -14.76
CA GLU C 29 2.32 15.61 -13.96
C GLU C 29 2.93 16.19 -12.69
N LYS C 30 3.60 17.34 -12.79
CA LYS C 30 4.17 17.97 -11.61
C LYS C 30 3.08 18.39 -10.63
N TYR C 31 1.98 18.95 -11.13
CA TYR C 31 0.89 19.35 -10.26
C TYR C 31 0.28 18.15 -9.55
N ASN C 32 0.08 17.05 -10.28
CA ASN C 32 -0.45 15.84 -9.67
C ASN C 32 0.49 15.28 -8.61
N SER C 33 1.80 15.27 -8.90
CA SER C 33 2.77 14.76 -7.93
C SER C 33 2.79 15.62 -6.67
N LEU C 34 2.76 16.94 -6.83
CA LEU C 34 2.74 17.83 -5.67
C LEU C 34 1.45 17.70 -4.88
N VAL C 35 0.31 17.52 -5.55
CA VAL C 35 -0.95 17.30 -4.85
C VAL C 35 -0.90 15.99 -4.06
N GLU C 36 -0.34 14.94 -4.67
CA GLU C 36 -0.20 13.67 -3.95
C GLU C 36 0.68 13.82 -2.72
N TRP C 37 1.82 14.50 -2.87
CA TRP C 37 2.71 14.71 -1.73
C TRP C 37 2.01 15.50 -0.63
N GLY C 38 1.28 16.56 -1.00
CA GLY C 38 0.60 17.36 -0.01
C GLY C 38 -0.49 16.59 0.72
N THR C 39 -1.29 15.81 -0.01
CA THR C 39 -2.37 15.07 0.63
C THR C 39 -1.83 13.89 1.43
N SER C 40 -0.65 13.38 1.09
CA SER C 40 -0.03 12.34 1.90
C SER C 40 0.56 12.92 3.18
N THR C 41 1.21 14.08 3.10
CA THR C 41 1.85 14.66 4.27
C THR C 41 0.83 15.25 5.24
N TYR C 42 -0.16 15.98 4.72
CA TYR C 42 -1.09 16.72 5.56
C TYR C 42 -2.46 16.04 5.67
N TRP C 43 -2.62 14.84 5.12
CA TRP C 43 -3.82 14.03 5.28
C TRP C 43 -5.04 14.63 4.59
N LYS C 44 -4.91 15.83 4.03
CA LYS C 44 -6.01 16.49 3.36
C LYS C 44 -5.49 17.71 2.62
N ILE C 45 -6.03 17.95 1.43
CA ILE C 45 -5.67 19.10 0.61
C ILE C 45 -6.95 19.65 -0.03
N GLY C 46 -7.06 20.97 -0.08
CA GLY C 46 -8.25 21.60 -0.61
C GLY C 46 -8.48 21.38 -2.09
N VAL C 47 -7.43 21.07 -2.84
CA VAL C 47 -7.53 20.86 -4.28
C VAL C 47 -7.38 19.36 -4.57
N GLN C 48 -7.92 18.94 -5.71
CA GLN C 48 -7.93 17.55 -6.13
C GLN C 48 -7.15 17.39 -7.44
N LYS C 49 -7.21 16.19 -7.99
CA LYS C 49 -6.49 15.87 -9.23
C LYS C 49 -7.32 16.25 -10.45
N VAL C 50 -6.62 16.66 -11.50
CA VAL C 50 -7.24 17.00 -12.77
C VAL C 50 -6.53 16.23 -13.87
N THR C 51 -7.28 15.76 -14.87
CA THR C 51 -6.70 14.97 -15.95
C THR C 51 -7.11 15.50 -17.32
N ASN C 52 -8.28 16.13 -17.41
CA ASN C 52 -8.74 16.65 -18.69
C ASN C 52 -8.10 17.99 -19.02
N VAL C 53 -8.35 19.00 -18.19
CA VAL C 53 -7.77 20.34 -18.32
C VAL C 53 -8.02 20.89 -19.72
N GLU C 54 -9.23 21.37 -19.97
CA GLU C 54 -9.56 22.00 -21.24
C GLU C 54 -9.01 23.42 -21.26
N THR C 55 -8.33 23.77 -22.34
CA THR C 55 -7.71 25.08 -22.47
C THR C 55 -8.77 26.11 -22.85
N SER C 56 -9.00 27.09 -21.98
CA SER C 56 -9.99 28.13 -22.19
C SER C 56 -9.35 29.50 -22.07
N ILE C 57 -9.70 30.40 -22.99
CA ILE C 57 -9.21 31.77 -22.98
C ILE C 57 -10.33 32.79 -22.82
N SER C 58 -11.59 32.37 -22.92
CA SER C 58 -12.72 33.30 -22.90
C SER C 58 -12.87 34.03 -21.56
N ASP C 59 -12.20 33.58 -20.50
CA ASP C 59 -12.31 34.27 -19.23
C ASP C 59 -11.59 35.61 -19.23
N TYR C 60 -10.68 35.84 -20.18
CA TYR C 60 -9.97 37.10 -20.30
C TYR C 60 -10.46 37.96 -21.46
N TYR C 61 -11.43 37.49 -22.23
CA TYR C 61 -11.95 38.22 -23.38
C TYR C 61 -13.47 38.27 -23.31
N ASP C 62 -14.03 39.42 -23.64
CA ASP C 62 -15.48 39.59 -23.61
C ASP C 62 -16.11 38.90 -24.82
N GLU C 63 -17.43 38.97 -24.90
CA GLU C 63 -18.15 38.41 -26.04
C GLU C 63 -17.84 39.22 -27.30
N VAL C 64 -17.89 38.55 -28.45
CA VAL C 64 -17.62 39.21 -29.72
C VAL C 64 -18.70 40.24 -30.01
N LYS C 65 -18.30 41.31 -30.70
CA LYS C 65 -19.20 42.41 -31.05
C LYS C 65 -19.31 42.48 -32.57
N ASN C 66 -20.54 42.56 -33.06
CA ASN C 66 -20.83 42.65 -34.48
C ASN C 66 -21.81 43.77 -34.77
N LYS C 67 -21.68 44.88 -34.04
CA LYS C 67 -22.58 46.01 -34.14
C LYS C 67 -21.82 47.27 -33.74
N PRO C 68 -22.08 48.40 -34.40
CA PRO C 68 -21.45 49.66 -33.97
C PRO C 68 -21.80 49.98 -32.52
N PHE C 69 -20.82 50.50 -31.78
CA PHE C 69 -20.96 50.65 -30.34
C PHE C 69 -20.27 51.91 -29.86
N ASN C 70 -20.79 52.48 -28.77
CA ASN C 70 -20.27 53.74 -28.23
C ASN C 70 -19.14 53.48 -27.25
N ILE C 71 -18.07 54.27 -27.37
CA ILE C 71 -16.89 54.13 -26.53
C ILE C 71 -16.38 55.51 -26.12
N ASP C 72 -15.76 55.57 -24.95
CA ASP C 72 -15.07 56.76 -24.44
C ASP C 72 -14.04 56.48 -23.32
N PRO C 73 -13.99 55.31 -22.66
CA PRO C 73 -12.98 55.14 -21.60
C PRO C 73 -11.55 55.17 -22.15
N GLY C 74 -10.72 55.98 -21.51
CA GLY C 74 -9.28 55.91 -21.64
C GLY C 74 -8.69 56.00 -23.04
N TYR C 75 -7.44 55.53 -23.17
CA TYR C 75 -6.74 55.44 -24.44
C TYR C 75 -7.23 54.23 -25.24
N TYR C 76 -6.81 54.17 -26.50
CA TYR C 76 -7.35 53.19 -27.45
C TYR C 76 -6.23 52.54 -28.26
N ILE C 77 -5.23 52.00 -27.56
CA ILE C 77 -4.20 51.18 -28.21
C ILE C 77 -4.89 50.10 -29.02
N PHE C 78 -4.62 50.08 -30.32
CA PHE C 78 -5.30 49.20 -31.25
C PHE C 78 -4.41 48.01 -31.59
N LEU C 79 -5.00 46.82 -31.60
CA LEU C 79 -4.27 45.58 -31.87
C LEU C 79 -5.12 44.65 -32.71
N PRO C 80 -4.69 44.32 -33.93
CA PRO C 80 -5.47 43.43 -34.78
C PRO C 80 -5.31 41.97 -34.38
N VAL C 81 -6.22 41.15 -34.90
CA VAL C 81 -6.22 39.70 -34.67
C VAL C 81 -6.01 39.02 -36.01
N TYR C 82 -5.04 38.11 -36.08
CA TYR C 82 -4.69 37.42 -37.31
C TYR C 82 -5.57 36.19 -37.49
N PHE C 83 -5.54 35.66 -38.71
CA PHE C 83 -6.30 34.47 -39.07
C PHE C 83 -5.37 33.27 -39.13
N GLY C 84 -5.70 32.23 -38.38
CA GLY C 84 -4.90 31.02 -38.35
C GLY C 84 -4.95 30.38 -36.99
N SER C 85 -4.14 29.33 -36.84
CA SER C 85 -4.07 28.61 -35.57
C SER C 85 -3.45 29.49 -34.49
N VAL C 86 -3.92 29.32 -33.26
CA VAL C 86 -3.49 30.12 -32.12
C VAL C 86 -2.80 29.21 -31.11
N PHE C 87 -1.65 29.64 -30.62
CA PHE C 87 -0.84 28.85 -29.69
C PHE C 87 -0.51 29.69 -28.46
N ILE C 88 -0.34 28.99 -27.34
CA ILE C 88 -0.14 29.61 -26.03
C ILE C 88 1.19 29.13 -25.46
N TYR C 89 1.97 30.06 -24.93
CA TYR C 89 3.25 29.81 -24.26
C TYR C 89 3.10 30.34 -22.83
N SER C 90 2.69 29.47 -21.91
CA SER C 90 2.46 29.87 -20.53
C SER C 90 3.75 30.32 -19.84
N LYS C 91 4.67 29.38 -19.62
CA LYS C 91 5.97 29.71 -19.04
C LYS C 91 6.93 28.55 -19.30
N GLY C 92 7.92 28.78 -20.16
CA GLY C 92 8.92 27.77 -20.43
C GLY C 92 8.37 26.45 -20.93
N LYS C 93 7.35 26.50 -21.77
CA LYS C 93 6.69 25.28 -22.26
C LYS C 93 6.61 25.28 -23.78
N ASN C 94 5.86 24.33 -24.33
CA ASN C 94 5.65 24.25 -25.76
C ASN C 94 4.44 25.10 -26.13
N MET C 95 3.99 25.00 -27.39
CA MET C 95 2.82 25.72 -27.85
C MET C 95 1.57 24.86 -27.65
N VAL C 96 0.58 25.42 -26.96
CA VAL C 96 -0.66 24.72 -26.66
C VAL C 96 -1.74 25.24 -27.61
N GLU C 97 -2.39 24.32 -28.32
CA GLU C 97 -3.46 24.68 -29.23
C GLU C 97 -4.77 24.84 -28.47
N LEU C 98 -5.67 25.66 -29.03
CA LEU C 98 -6.95 25.92 -28.40
C LEU C 98 -7.76 24.63 -28.26
N GLY C 99 -8.32 24.42 -27.07
CA GLY C 99 -9.07 23.21 -26.81
C GLY C 99 -8.20 22.05 -26.40
N SER C 100 -7.90 21.15 -27.33
CA SER C 100 -7.00 20.05 -27.05
C SER C 100 -5.60 20.56 -26.77
N GLY C 101 -4.96 20.01 -25.74
CA GLY C 101 -3.64 20.45 -25.36
C GLY C 101 -2.53 19.85 -26.20
N ASN C 102 -2.56 20.11 -27.51
CA ASN C 102 -1.54 19.61 -28.40
C ASN C 102 -0.21 20.32 -28.14
N SER C 103 0.88 19.58 -28.31
CA SER C 103 2.23 20.10 -28.11
C SER C 103 2.87 20.31 -29.48
N PHE C 104 2.85 21.56 -29.95
CA PHE C 104 3.43 21.88 -31.25
C PHE C 104 4.95 21.83 -31.18
N GLN C 105 5.57 21.55 -32.33
CA GLN C 105 7.03 21.42 -32.42
C GLN C 105 7.59 22.76 -32.88
N ILE C 106 8.16 23.51 -31.94
CA ILE C 106 8.79 24.80 -32.28
C ILE C 106 10.09 24.53 -33.03
N PRO C 107 10.37 25.26 -34.12
CA PRO C 107 11.64 25.03 -34.85
C PRO C 107 12.87 25.23 -33.97
N ASP C 108 13.04 26.45 -33.44
CA ASP C 108 14.18 26.78 -32.59
C ASP C 108 14.12 28.22 -32.12
N GLU C 109 14.12 29.17 -33.06
CA GLU C 109 14.26 30.58 -32.72
C GLU C 109 13.04 31.11 -31.97
N ILE C 110 11.85 30.61 -32.29
CA ILE C 110 10.64 31.10 -31.63
C ILE C 110 10.64 30.75 -30.16
N ARG C 111 11.07 29.52 -29.82
CA ARG C 111 11.13 29.11 -28.42
C ARG C 111 12.13 29.95 -27.64
N SER C 112 13.30 30.20 -28.22
CA SER C 112 14.29 31.04 -27.55
C SER C 112 13.78 32.46 -27.37
N ALA C 113 13.11 33.01 -28.38
CA ALA C 113 12.54 34.34 -28.27
C ALA C 113 11.48 34.40 -27.18
N CYS C 114 10.63 33.38 -27.10
CA CYS C 114 9.62 33.34 -26.04
C CYS C 114 10.26 33.27 -24.66
N ASN C 115 11.30 32.43 -24.52
CA ASN C 115 11.99 32.32 -23.24
C ASN C 115 12.63 33.64 -22.83
N LYS C 116 13.28 34.32 -23.78
CA LYS C 116 13.92 35.60 -23.48
C LYS C 116 12.91 36.68 -23.17
N VAL C 117 11.75 36.67 -23.84
CA VAL C 117 10.71 37.65 -23.57
C VAL C 117 10.14 37.43 -22.17
N LEU C 118 9.85 36.17 -21.83
CA LEU C 118 9.22 35.88 -20.54
C LEU C 118 10.19 35.98 -19.37
N ASP C 119 11.49 35.80 -19.61
CA ASP C 119 12.46 35.87 -18.52
C ASP C 119 12.60 37.29 -17.95
N SER C 120 12.13 38.30 -18.69
CA SER C 120 12.30 39.68 -18.24
C SER C 120 11.56 39.95 -16.93
N ASP C 121 10.34 39.45 -16.81
CA ASP C 121 9.52 39.71 -15.63
C ASP C 121 8.64 38.50 -15.37
N ASN C 122 7.68 38.65 -14.46
CA ASN C 122 6.75 37.59 -14.12
C ASN C 122 5.30 38.03 -14.15
N GLY C 123 5.01 39.27 -14.55
CA GLY C 123 3.65 39.77 -14.57
C GLY C 123 2.85 39.41 -15.81
N ILE C 124 3.48 38.77 -16.80
CA ILE C 124 2.77 38.39 -18.01
C ILE C 124 2.06 37.07 -17.78
N ASP C 125 0.78 37.02 -18.14
CA ASP C 125 -0.01 35.80 -17.94
C ASP C 125 0.46 34.68 -18.86
N PHE C 126 0.61 34.96 -20.15
CA PHE C 126 1.15 34.02 -21.11
C PHE C 126 1.52 34.77 -22.37
N LEU C 127 2.02 34.04 -23.36
CA LEU C 127 2.38 34.61 -24.66
C LEU C 127 1.52 33.96 -25.74
N ARG C 128 0.89 34.78 -26.57
CA ARG C 128 -0.01 34.30 -27.60
C ARG C 128 0.64 34.45 -28.97
N PHE C 129 0.60 33.38 -29.76
CA PHE C 129 1.18 33.37 -31.09
C PHE C 129 0.15 32.86 -32.10
N VAL C 130 0.32 33.27 -33.35
CA VAL C 130 -0.55 32.82 -34.44
C VAL C 130 0.33 32.33 -35.58
N LEU C 131 0.03 31.13 -36.08
CA LEU C 131 0.76 30.51 -37.17
C LEU C 131 -0.13 30.46 -38.41
N LEU C 132 0.40 30.94 -39.53
CA LEU C 132 -0.33 30.97 -40.80
C LEU C 132 0.65 30.74 -41.93
N ASN C 133 0.50 29.62 -42.63
CA ASN C 133 1.34 29.28 -43.77
C ASN C 133 2.82 29.25 -43.39
N ASN C 134 3.12 28.55 -42.30
CA ASN C 134 4.48 28.32 -41.82
C ASN C 134 5.19 29.65 -41.53
N ARG C 135 4.54 30.47 -40.70
CA ARG C 135 5.16 31.72 -40.23
C ARG C 135 4.46 32.13 -38.94
N TRP C 136 5.20 32.83 -38.08
CA TRP C 136 4.66 33.26 -36.80
C TRP C 136 4.41 34.77 -36.82
N ILE C 137 3.59 35.21 -35.86
CA ILE C 137 3.26 36.62 -35.71
C ILE C 137 2.98 36.90 -34.24
N MET C 138 3.23 38.14 -33.82
CA MET C 138 3.03 38.55 -32.44
C MET C 138 1.55 38.85 -32.22
N GLU C 139 0.88 38.01 -31.44
CA GLU C 139 -0.53 38.19 -31.12
C GLU C 139 -0.66 38.99 -29.83
N ASP C 140 -1.85 39.00 -29.25
CA ASP C 140 -2.11 39.75 -28.04
C ASP C 140 -1.19 39.31 -26.90
N ALA C 141 -0.63 40.28 -26.19
CA ALA C 141 0.28 40.03 -25.07
C ALA C 141 -0.43 40.45 -23.78
N ILE C 142 -1.16 39.50 -23.20
CA ILE C 142 -1.82 39.76 -21.92
C ILE C 142 -0.77 39.86 -20.83
N SER C 143 -0.92 40.86 -19.96
CA SER C 143 0.03 41.08 -18.88
C SER C 143 -0.65 41.88 -17.78
N LYS C 144 -0.33 41.55 -16.53
CA LYS C 144 -0.88 42.26 -15.38
C LYS C 144 0.08 43.31 -14.82
N TYR C 145 1.26 43.47 -15.42
CA TYR C 145 2.24 44.44 -14.92
C TYR C 145 2.56 45.51 -15.94
N GLN C 146 2.91 45.13 -17.17
CA GLN C 146 3.23 46.08 -18.22
C GLN C 146 2.07 46.20 -19.20
N SER C 147 1.98 47.38 -19.83
CA SER C 147 1.10 47.53 -20.98
C SER C 147 1.71 46.80 -22.18
N PRO C 148 0.87 46.24 -23.07
CA PRO C 148 1.40 45.39 -24.14
C PRO C 148 2.32 46.11 -25.13
N VAL C 149 2.39 47.44 -25.09
CA VAL C 149 3.19 48.18 -26.06
C VAL C 149 4.67 47.83 -25.92
N ASN C 150 5.17 47.84 -24.69
CA ASN C 150 6.59 47.56 -24.50
C ASN C 150 6.91 46.08 -24.71
N ILE C 151 5.97 45.18 -24.40
CA ILE C 151 6.16 43.78 -24.77
C ILE C 151 6.30 43.65 -26.28
N PHE C 152 5.43 44.34 -27.03
CA PHE C 152 5.51 44.31 -28.49
C PHE C 152 6.85 44.84 -28.98
N LYS C 153 7.31 45.95 -28.39
CA LYS C 153 8.56 46.56 -28.82
C LYS C 153 9.74 45.63 -28.56
N LEU C 154 9.80 45.04 -27.35
CA LEU C 154 10.91 44.16 -27.03
C LEU C 154 10.87 42.89 -27.88
N ALA C 155 9.67 42.35 -28.12
CA ALA C 155 9.56 41.18 -28.98
C ALA C 155 10.02 41.50 -30.40
N SER C 156 9.67 42.69 -30.90
CA SER C 156 10.11 43.09 -32.23
C SER C 156 11.63 43.22 -32.29
N GLU C 157 12.24 43.80 -31.26
CA GLU C 157 13.69 43.98 -31.29
C GLU C 157 14.46 42.70 -31.00
N TYR C 158 13.81 41.69 -30.40
CA TYR C 158 14.50 40.41 -30.20
C TYR C 158 14.71 39.66 -31.49
N GLY C 159 13.81 39.82 -32.46
CA GLY C 159 13.98 39.16 -33.75
C GLY C 159 12.70 38.67 -34.41
N LEU C 160 11.60 38.63 -33.66
CA LEU C 160 10.33 38.24 -34.25
C LEU C 160 9.56 39.48 -34.72
N ASN C 161 8.56 39.25 -35.55
CA ASN C 161 7.77 40.32 -36.15
C ASN C 161 6.52 40.62 -35.32
N ILE C 162 6.15 41.90 -35.26
CA ILE C 162 5.00 42.34 -34.49
C ILE C 162 4.12 43.23 -35.37
N PRO C 163 2.83 43.33 -35.09
CA PRO C 163 1.99 44.32 -35.78
C PRO C 163 2.18 45.71 -35.18
N ASN C 164 1.85 46.72 -35.99
CA ASN C 164 1.94 48.10 -35.54
C ASN C 164 0.79 48.43 -34.60
N TYR C 165 1.02 49.44 -33.76
CA TYR C 165 0.04 49.87 -32.77
C TYR C 165 -0.22 51.37 -32.91
N LEU C 166 -1.45 51.77 -32.63
CA LEU C 166 -1.84 53.18 -32.69
C LEU C 166 -2.65 53.52 -31.45
N GLU C 167 -2.32 54.65 -30.81
CA GLU C 167 -3.02 55.12 -29.63
C GLU C 167 -3.74 56.42 -29.96
N ILE C 168 -5.04 56.47 -29.64
CA ILE C 168 -5.85 57.66 -29.85
C ILE C 168 -6.73 57.87 -28.62
N GLU C 169 -6.93 59.12 -28.24
CA GLU C 169 -7.78 59.48 -27.11
C GLU C 169 -9.12 59.99 -27.63
N ILE C 170 -10.20 59.40 -27.13
CA ILE C 170 -11.56 59.74 -27.54
C ILE C 170 -12.27 60.38 -26.35
N GLU C 171 -12.82 61.58 -26.57
CA GLU C 171 -13.41 62.34 -25.48
C GLU C 171 -14.82 61.82 -25.15
N GLU C 172 -15.74 61.93 -26.10
CA GLU C 172 -17.11 61.53 -25.88
C GLU C 172 -17.33 60.07 -26.30
N ASP C 173 -18.55 59.58 -26.10
CA ASP C 173 -18.87 58.18 -26.44
C ASP C 173 -19.11 58.07 -27.95
N THR C 174 -18.00 58.15 -28.68
CA THR C 174 -18.07 58.05 -30.14
C THR C 174 -18.55 56.66 -30.55
N LEU C 175 -19.32 56.61 -31.64
CA LEU C 175 -19.91 55.38 -32.13
C LEU C 175 -18.95 54.72 -33.13
N PHE C 176 -18.15 53.78 -32.63
CA PHE C 176 -17.33 52.97 -33.52
C PHE C 176 -18.22 52.17 -34.46
N ASP C 177 -17.89 52.23 -35.76
CA ASP C 177 -18.72 51.69 -36.82
C ASP C 177 -17.81 50.96 -37.81
N ASP C 178 -18.37 50.60 -38.97
CA ASP C 178 -17.59 49.93 -40.01
C ASP C 178 -16.50 50.85 -40.56
N GLU C 179 -16.82 52.14 -40.73
CA GLU C 179 -15.88 53.06 -41.37
C GLU C 179 -14.61 53.22 -40.53
N LEU C 180 -14.75 53.34 -39.21
CA LEU C 180 -13.57 53.44 -38.36
C LEU C 180 -12.73 52.17 -38.41
N TYR C 181 -13.38 51.01 -38.42
CA TYR C 181 -12.67 49.74 -38.54
C TYR C 181 -11.87 49.69 -39.83
N SER C 182 -12.50 50.07 -40.95
CA SER C 182 -11.80 50.05 -42.23
C SER C 182 -10.64 51.05 -42.25
N ILE C 183 -10.86 52.24 -41.70
CA ILE C 183 -9.80 53.25 -41.69
C ILE C 183 -8.60 52.78 -40.87
N MET C 184 -8.86 52.20 -39.70
CA MET C 184 -7.75 51.77 -38.85
C MET C 184 -7.06 50.54 -39.41
N GLU C 185 -7.79 49.64 -40.08
CA GLU C 185 -7.12 48.50 -40.70
C GLU C 185 -6.32 48.92 -41.92
N ARG C 186 -6.76 49.97 -42.64
CA ARG C 186 -5.93 50.53 -43.69
C ARG C 186 -4.67 51.18 -43.13
N SER C 187 -4.82 51.92 -42.02
CA SER C 187 -3.65 52.54 -41.40
C SER C 187 -2.69 51.51 -40.83
N PHE C 188 -3.20 50.32 -40.48
CA PHE C 188 -2.32 49.25 -40.00
C PHE C 188 -1.40 48.72 -41.08
N ASP C 189 -1.67 49.01 -42.35
CA ASP C 189 -1.01 48.35 -43.47
C ASP C 189 -1.13 46.84 -43.28
N ASP C 190 -0.01 46.17 -43.02
CA ASP C 190 0.01 44.79 -42.55
C ASP C 190 -0.78 43.87 -43.50
N THR C 191 -0.21 43.73 -44.69
CA THR C 191 -0.84 43.00 -45.81
C THR C 191 -1.24 41.57 -45.46
N PHE C 192 -0.76 41.05 -44.33
CA PHE C 192 -1.13 39.71 -43.92
C PHE C 192 -2.63 39.65 -43.65
N PRO C 193 -3.29 38.55 -44.01
CA PRO C 193 -4.77 38.51 -43.93
C PRO C 193 -5.29 38.40 -42.51
N LYS C 194 -5.36 39.53 -41.81
CA LYS C 194 -5.93 39.56 -40.47
C LYS C 194 -7.46 39.56 -40.55
N ILE C 195 -8.08 38.89 -39.59
CA ILE C 195 -9.53 38.70 -39.58
C ILE C 195 -10.21 39.69 -38.63
N SER C 196 -9.70 39.85 -37.42
CA SER C 196 -10.35 40.67 -36.40
C SER C 196 -9.35 41.68 -35.84
N ILE C 197 -9.87 42.55 -34.98
CA ILE C 197 -9.06 43.55 -34.28
C ILE C 197 -9.52 43.59 -32.82
N SER C 198 -8.57 43.49 -31.89
CA SER C 198 -8.85 43.45 -30.46
C SER C 198 -8.06 44.56 -29.78
N TYR C 199 -8.72 45.66 -29.46
CA TYR C 199 -8.10 46.79 -28.79
C TYR C 199 -8.13 46.61 -27.27
N ILE C 200 -7.09 47.08 -26.60
CA ILE C 200 -6.98 46.96 -25.17
C ILE C 200 -7.66 48.15 -24.50
N LYS C 201 -7.93 48.02 -23.21
CA LYS C 201 -8.51 49.09 -22.41
C LYS C 201 -7.62 49.32 -21.19
N LEU C 202 -7.17 50.55 -21.02
CA LEU C 202 -6.31 50.88 -19.89
C LEU C 202 -7.10 50.78 -18.58
N GLY C 203 -6.46 50.21 -17.58
CA GLY C 203 -7.12 49.98 -16.29
C GLY C 203 -7.88 48.67 -16.22
N GLU C 204 -8.72 48.40 -17.22
CA GLU C 204 -9.47 47.16 -17.27
C GLU C 204 -8.56 46.03 -17.72
N LEU C 205 -8.37 45.04 -16.85
CA LEU C 205 -7.48 43.92 -17.16
C LEU C 205 -7.98 43.12 -18.35
N LYS C 206 -9.29 42.86 -18.40
CA LYS C 206 -9.87 42.06 -19.47
C LYS C 206 -9.77 42.80 -20.80
N ARG C 207 -9.51 42.04 -21.87
CA ARG C 207 -9.46 42.58 -23.22
C ARG C 207 -10.78 42.34 -23.94
N GLN C 208 -10.94 43.02 -25.07
CA GLN C 208 -12.16 42.94 -25.86
C GLN C 208 -11.82 42.67 -27.32
N VAL C 209 -12.71 41.93 -27.98
CA VAL C 209 -12.55 41.55 -29.38
C VAL C 209 -13.77 42.01 -30.16
N VAL C 210 -13.53 42.58 -31.34
CA VAL C 210 -14.60 43.06 -32.21
C VAL C 210 -14.26 42.72 -33.66
N ASP C 211 -15.28 42.32 -34.41
CA ASP C 211 -15.11 42.04 -35.83
C ASP C 211 -16.46 42.17 -36.52
N PHE C 212 -16.45 42.70 -37.74
CA PHE C 212 -17.66 42.93 -38.52
C PHE C 212 -17.57 42.16 -39.82
N PHE C 213 -18.62 41.39 -40.14
CA PHE C 213 -18.62 40.56 -41.32
C PHE C 213 -20.04 40.45 -41.88
N LYS C 214 -20.12 40.07 -43.15
CA LYS C 214 -21.38 39.89 -43.84
C LYS C 214 -21.44 38.49 -44.42
N PHE C 215 -22.55 37.79 -44.18
CA PHE C 215 -22.72 36.45 -44.71
C PHE C 215 -22.87 36.47 -46.22
N SER C 216 -22.36 35.43 -46.87
CA SER C 216 -22.45 35.32 -48.33
C SER C 216 -22.47 33.85 -48.72
N PHE C 217 -22.97 33.59 -49.92
CA PHE C 217 -23.01 32.24 -50.49
C PHE C 217 -22.34 32.28 -51.85
N MET C 218 -21.42 31.35 -52.09
CA MET C 218 -20.64 31.32 -53.33
C MET C 218 -20.60 29.90 -53.86
N TYR C 219 -19.83 29.71 -54.94
CA TYR C 219 -19.74 28.46 -55.66
C TYR C 219 -18.29 28.00 -55.70
N ILE C 220 -18.09 26.68 -55.71
CA ILE C 220 -16.77 26.08 -55.68
C ILE C 220 -16.35 25.71 -57.10
N GLU C 221 -15.19 26.21 -57.52
CA GLU C 221 -14.66 25.93 -58.86
C GLU C 221 -13.65 24.79 -58.85
N SER C 222 -12.58 24.93 -58.05
CA SER C 222 -11.56 23.90 -57.96
C SER C 222 -10.78 24.08 -56.68
N ILE C 223 -10.07 23.02 -56.28
CA ILE C 223 -9.18 23.04 -55.13
C ILE C 223 -7.77 22.74 -55.63
N LYS C 224 -6.82 23.59 -55.27
CA LYS C 224 -5.46 23.46 -55.76
C LYS C 224 -4.47 23.74 -54.63
N VAL C 225 -3.30 23.13 -54.73
CA VAL C 225 -2.23 23.32 -53.76
C VAL C 225 -1.27 24.38 -54.26
N ASP C 226 -0.72 25.15 -53.33
CA ASP C 226 0.23 26.20 -53.64
C ASP C 226 1.47 26.03 -52.78
N ARG C 227 2.63 26.25 -53.40
CA ARG C 227 3.90 26.07 -52.71
C ARG C 227 4.20 27.25 -51.79
N ILE C 228 4.49 26.96 -50.53
CA ILE C 228 4.83 27.99 -49.55
C ILE C 228 6.11 27.60 -48.84
N GLY C 229 6.84 26.65 -49.41
CA GLY C 229 8.08 26.20 -48.81
C GLY C 229 8.58 24.95 -49.50
N ASP C 230 9.60 24.34 -48.89
CA ASP C 230 10.21 23.13 -49.42
C ASP C 230 9.34 21.93 -49.04
N ASN C 231 8.47 21.52 -49.97
CA ASN C 231 7.53 20.41 -49.81
C ASN C 231 6.43 20.72 -48.81
N ILE C 232 6.14 21.99 -48.54
CA ILE C 232 4.97 22.40 -47.77
C ILE C 232 4.01 23.07 -48.74
N PHE C 233 2.79 22.53 -48.83
CA PHE C 233 1.76 23.03 -49.74
C PHE C 233 0.54 23.45 -48.94
N ILE C 234 -0.11 24.52 -49.39
CA ILE C 234 -1.30 25.06 -48.75
C ILE C 234 -2.47 24.92 -49.73
N PRO C 235 -3.63 24.44 -49.28
CA PRO C 235 -4.79 24.37 -50.17
C PRO C 235 -5.40 25.75 -50.41
N SER C 236 -6.09 25.87 -51.54
CA SER C 236 -6.78 27.10 -51.89
C SER C 236 -7.86 26.79 -52.91
N VAL C 237 -8.82 27.71 -53.02
CA VAL C 237 -9.93 27.59 -53.95
C VAL C 237 -10.07 28.90 -54.73
N ILE C 238 -10.80 28.82 -55.84
CA ILE C 238 -11.03 29.98 -56.70
C ILE C 238 -12.52 30.07 -57.01
N THR C 239 -12.94 31.26 -57.43
CA THR C 239 -14.32 31.54 -57.81
C THR C 239 -14.38 31.93 -59.28
N LYS C 240 -15.60 32.22 -59.75
CA LYS C 240 -15.79 32.65 -61.13
C LYS C 240 -15.07 33.96 -61.41
N SER C 241 -15.16 34.91 -60.48
CA SER C 241 -14.53 36.21 -60.64
C SER C 241 -13.06 36.22 -60.25
N GLY C 242 -12.54 35.11 -59.77
CA GLY C 242 -11.14 35.02 -59.36
C GLY C 242 -10.89 35.32 -57.91
N LYS C 243 -11.94 35.45 -57.09
CA LYS C 243 -11.75 35.72 -55.68
C LYS C 243 -11.10 34.53 -54.98
N LYS C 244 -10.26 34.83 -54.00
CA LYS C 244 -9.53 33.82 -53.23
C LYS C 244 -10.14 33.68 -51.85
N ILE C 245 -10.47 32.45 -51.47
CA ILE C 245 -11.01 32.15 -50.15
C ILE C 245 -9.92 31.44 -49.36
N LEU C 246 -9.42 32.10 -48.31
CA LEU C 246 -8.33 31.55 -47.53
C LEU C 246 -8.81 30.43 -46.62
N VAL C 247 -7.99 29.40 -46.49
CA VAL C 247 -8.24 28.29 -45.57
C VAL C 247 -7.09 28.23 -44.59
N LYS C 248 -7.43 28.18 -43.29
CA LYS C 248 -6.39 28.23 -42.25
C LYS C 248 -5.48 27.00 -42.31
N ASP C 249 -6.05 25.82 -42.53
CA ASP C 249 -5.26 24.59 -42.53
C ASP C 249 -6.09 23.49 -43.17
N VAL C 250 -5.48 22.30 -43.28
CA VAL C 250 -6.16 21.17 -43.90
C VAL C 250 -7.33 20.69 -43.05
N ASP C 251 -7.17 20.72 -41.72
CA ASP C 251 -8.24 20.27 -40.84
C ASP C 251 -9.50 21.09 -41.01
N HIS C 252 -9.36 22.39 -41.32
CA HIS C 252 -10.53 23.21 -41.61
C HIS C 252 -11.27 22.69 -42.83
N LEU C 253 -10.54 22.32 -43.89
CA LEU C 253 -11.17 21.77 -45.08
C LEU C 253 -11.84 20.43 -44.77
N ILE C 254 -11.17 19.59 -43.96
CA ILE C 254 -11.74 18.29 -43.62
C ILE C 254 -13.03 18.45 -42.83
N ARG C 255 -13.05 19.34 -41.84
CA ARG C 255 -14.24 19.53 -41.03
C ARG C 255 -15.35 20.23 -41.81
N SER C 256 -14.99 21.10 -42.76
CA SER C 256 -15.99 21.82 -43.53
C SER C 256 -16.73 20.91 -44.51
N LYS C 257 -16.11 19.80 -44.94
CA LYS C 257 -16.70 18.87 -45.90
C LYS C 257 -17.11 19.58 -47.18
N VAL C 258 -16.20 20.41 -47.70
CA VAL C 258 -16.46 21.14 -48.93
C VAL C 258 -16.53 20.17 -50.10
N ARG C 259 -17.52 20.37 -50.97
CA ARG C 259 -17.75 19.50 -52.11
C ARG C 259 -17.52 20.28 -53.40
N GLU C 260 -16.87 19.63 -54.36
CA GLU C 260 -16.61 20.25 -55.65
C GLU C 260 -17.92 20.47 -56.41
N HIS C 261 -18.01 21.62 -57.09
CA HIS C 261 -19.18 21.98 -57.89
C HIS C 261 -20.45 22.01 -57.04
N THR C 262 -20.32 22.56 -55.84
CA THR C 262 -21.45 22.67 -54.91
C THR C 262 -21.41 24.05 -54.25
N PHE C 263 -22.59 24.62 -54.05
CA PHE C 263 -22.71 25.92 -53.39
C PHE C 263 -22.32 25.80 -51.93
N VAL C 264 -21.61 26.82 -51.42
CA VAL C 264 -21.15 26.84 -50.04
C VAL C 264 -21.43 28.21 -49.45
N LYS C 265 -21.40 28.28 -48.12
CA LYS C 265 -21.54 29.52 -47.38
C LYS C 265 -20.17 29.99 -46.94
N VAL C 266 -19.82 31.22 -47.30
CA VAL C 266 -18.50 31.78 -47.02
C VAL C 266 -18.67 33.18 -46.46
N LYS C 267 -17.98 33.46 -45.36
CA LYS C 267 -18.08 34.75 -44.70
C LYS C 267 -17.24 35.77 -45.47
N LYS C 268 -17.89 36.83 -45.94
CA LYS C 268 -17.27 37.81 -46.82
C LYS C 268 -16.96 39.10 -46.05
N LYS C 269 -15.78 39.65 -46.31
CA LYS C 269 -15.39 40.92 -45.72
C LYS C 269 -14.99 41.92 -46.80
N ASN C 270 -14.51 43.10 -46.39
CA ASN C 270 -14.21 44.14 -47.36
C ASN C 270 -13.00 43.79 -48.24
N THR C 271 -12.00 43.12 -47.68
CA THR C 271 -10.77 42.83 -48.40
C THR C 271 -10.72 41.38 -48.90
N PHE C 272 -10.85 40.41 -47.99
CA PHE C 272 -10.81 39.01 -48.35
C PHE C 272 -11.89 38.27 -47.59
N SER C 273 -12.18 37.04 -48.04
CA SER C 273 -13.27 36.24 -47.50
C SER C 273 -12.74 34.91 -47.01
N ILE C 274 -13.42 34.36 -46.00
CA ILE C 274 -12.99 33.14 -45.32
C ILE C 274 -14.15 32.15 -45.30
N LEU C 275 -13.86 30.89 -45.64
CA LEU C 275 -14.87 29.86 -45.55
C LEU C 275 -15.27 29.64 -44.09
N TYR C 276 -16.55 29.34 -43.88
CA TYR C 276 -17.12 29.18 -42.55
C TYR C 276 -17.23 27.71 -42.19
N ASP C 277 -16.76 27.34 -41.01
CA ASP C 277 -16.79 25.96 -40.55
C ASP C 277 -18.16 25.63 -39.97
N TYR C 278 -18.24 24.48 -39.29
CA TYR C 278 -19.48 24.01 -38.64
C TYR C 278 -20.60 23.86 -39.66
N ASP C 279 -20.39 22.94 -40.60
CA ASP C 279 -21.37 22.64 -41.63
C ASP C 279 -22.59 21.94 -41.04
N THR C 285 -17.95 10.04 -44.05
CA THR C 285 -17.56 11.10 -43.13
C THR C 285 -16.12 11.53 -43.37
N ARG C 286 -15.31 11.46 -42.30
CA ARG C 286 -13.90 11.85 -42.42
C ARG C 286 -13.15 10.93 -43.37
N GLY C 287 -13.42 9.62 -43.30
CA GLY C 287 -12.76 8.69 -44.18
C GLY C 287 -13.07 8.92 -45.65
N GLU C 288 -14.28 9.36 -45.95
CA GLU C 288 -14.66 9.63 -47.33
C GLU C 288 -13.91 10.83 -47.89
N VAL C 289 -13.90 11.94 -47.15
CA VAL C 289 -13.24 13.15 -47.66
C VAL C 289 -11.73 12.96 -47.68
N ILE C 290 -11.16 12.30 -46.67
CA ILE C 290 -9.71 12.15 -46.56
C ILE C 290 -9.14 11.42 -47.77
N LYS C 291 -9.97 10.71 -48.52
CA LYS C 291 -9.54 10.11 -49.78
C LYS C 291 -10.10 10.85 -51.00
N ARG C 292 -11.26 11.49 -50.88
CA ARG C 292 -11.85 12.20 -52.02
C ARG C 292 -10.98 13.39 -52.42
N ILE C 293 -10.60 14.23 -51.45
CA ILE C 293 -9.77 15.38 -51.77
C ILE C 293 -8.39 14.92 -52.27
N ILE C 294 -7.86 13.84 -51.70
CA ILE C 294 -6.58 13.33 -52.18
C ILE C 294 -6.68 12.87 -53.63
N ASP C 295 -7.77 12.17 -53.98
CA ASP C 295 -7.97 11.75 -55.35
C ASP C 295 -8.12 12.95 -56.29
N THR C 296 -8.86 13.97 -55.86
CA THR C 296 -9.08 15.13 -56.72
C THR C 296 -7.79 15.91 -56.96
N ILE C 297 -6.99 16.13 -55.91
CA ILE C 297 -5.79 16.94 -56.07
C ILE C 297 -4.63 16.15 -56.65
N GLY C 298 -4.68 14.83 -56.62
CA GLY C 298 -3.61 14.01 -57.15
C GLY C 298 -3.17 12.90 -56.22
N ARG C 299 -2.90 11.72 -56.80
CA ARG C 299 -2.49 10.58 -55.98
C ARG C 299 -1.13 10.84 -55.34
N ASP C 300 -0.23 11.54 -56.04
CA ASP C 300 1.12 11.79 -55.56
C ASP C 300 1.14 12.94 -54.56
N TYR C 301 0.33 12.78 -53.51
CA TYR C 301 0.24 13.77 -52.44
C TYR C 301 -0.18 13.06 -51.16
N TYR C 302 0.13 13.68 -50.02
CA TYR C 302 -0.33 13.16 -48.74
C TYR C 302 -0.44 14.31 -47.74
N VAL C 303 -1.12 14.03 -46.64
CA VAL C 303 -1.40 15.03 -45.61
C VAL C 303 -0.29 14.96 -44.57
N ASN C 304 0.64 15.90 -44.63
CA ASN C 304 1.71 16.00 -43.65
C ASN C 304 1.21 16.89 -42.52
N GLY C 305 0.52 16.26 -41.57
CA GLY C 305 0.00 16.97 -40.42
C GLY C 305 -0.94 18.11 -40.77
N LYS C 306 -0.47 19.34 -40.60
CA LYS C 306 -1.26 20.52 -40.87
C LYS C 306 -1.22 20.95 -42.33
N TYR C 307 -0.33 20.37 -43.14
CA TYR C 307 -0.18 20.82 -44.52
C TYR C 307 -0.22 19.65 -45.50
N PHE C 308 0.05 19.93 -46.77
CA PHE C 308 0.14 18.91 -47.80
C PHE C 308 1.59 18.75 -48.24
N SER C 309 1.99 17.51 -48.53
CA SER C 309 3.34 17.21 -48.97
C SER C 309 3.28 16.33 -50.21
N LYS C 310 4.29 16.50 -51.07
CA LYS C 310 4.37 15.79 -52.34
C LYS C 310 5.49 14.76 -52.28
N VAL C 311 5.16 13.52 -52.62
CA VAL C 311 6.16 12.45 -52.69
C VAL C 311 6.92 12.58 -54.01
N GLY C 312 8.25 12.63 -53.92
CA GLY C 312 9.09 12.76 -55.09
C GLY C 312 10.38 12.01 -54.92
N ILE C 313 11.47 12.58 -55.43
CA ILE C 313 12.78 11.96 -55.33
C ILE C 313 13.42 12.35 -54.01
N ALA C 314 14.28 11.48 -53.48
CA ALA C 314 14.98 11.73 -52.24
C ALA C 314 16.38 11.16 -52.36
N GLY C 315 17.39 12.02 -52.31
CA GLY C 315 18.78 11.63 -52.46
C GLY C 315 19.71 12.56 -51.74
N LEU C 316 20.83 12.88 -52.38
CA LEU C 316 21.84 13.73 -51.75
C LEU C 316 21.34 15.15 -51.56
N LYS C 317 20.51 15.66 -52.47
CA LYS C 317 20.06 17.04 -52.37
C LYS C 317 19.23 17.27 -51.11
N GLN C 318 18.32 16.33 -50.80
CA GLN C 318 17.49 16.49 -49.60
C GLN C 318 18.34 16.39 -48.34
N LEU C 319 19.30 15.46 -48.31
CA LEU C 319 20.16 15.32 -47.15
C LEU C 319 20.99 16.59 -46.93
N THR C 320 21.52 17.17 -48.00
CA THR C 320 22.29 18.40 -47.88
C THR C 320 21.40 19.56 -47.44
N ASN C 321 20.18 19.63 -47.97
CA ASN C 321 19.27 20.72 -47.59
C ASN C 321 18.89 20.62 -46.11
N LYS C 322 18.59 19.42 -45.62
CA LYS C 322 18.17 19.29 -44.23
C LYS C 322 19.31 19.55 -43.25
N LEU C 323 20.54 19.20 -43.63
CA LEU C 323 21.70 19.44 -42.79
C LEU C 323 22.31 20.83 -42.99
N ASP C 324 21.73 21.64 -43.88
CA ASP C 324 22.20 22.99 -44.17
C ASP C 324 23.66 22.99 -44.61
N ILE C 325 23.94 22.17 -45.62
CA ILE C 325 25.28 22.04 -46.18
C ILE C 325 25.16 22.07 -47.70
N ASN C 326 26.29 22.40 -48.35
CA ASN C 326 26.31 22.51 -49.80
C ASN C 326 26.24 21.13 -50.45
N GLU C 327 25.91 21.12 -51.74
CA GLU C 327 25.80 19.88 -52.49
C GLU C 327 27.17 19.24 -52.67
N CYS C 328 27.18 17.92 -52.79
CA CYS C 328 28.41 17.16 -52.95
C CYS C 328 28.12 15.96 -53.84
N ALA C 329 29.10 15.05 -53.95
CA ALA C 329 28.99 13.91 -54.85
C ALA C 329 29.02 12.57 -54.13
N THR C 330 30.03 12.32 -53.30
CA THR C 330 30.23 11.00 -52.70
C THR C 330 30.16 11.10 -51.18
N VAL C 331 30.36 9.94 -50.54
CA VAL C 331 30.27 9.86 -49.08
C VAL C 331 31.43 10.60 -48.43
N ASP C 332 32.61 10.57 -49.05
CA ASP C 332 33.76 11.26 -48.49
C ASP C 332 33.53 12.76 -48.40
N GLU C 333 32.95 13.35 -49.44
CA GLU C 333 32.60 14.76 -49.38
C GLU C 333 31.55 15.02 -48.31
N LEU C 334 30.59 14.10 -48.16
CA LEU C 334 29.59 14.22 -47.10
C LEU C 334 30.24 14.29 -45.72
N VAL C 335 31.11 13.33 -45.41
CA VAL C 335 31.71 13.30 -44.08
C VAL C 335 32.61 14.51 -43.87
N ASP C 336 33.36 14.92 -44.91
CA ASP C 336 34.21 16.08 -44.77
C ASP C 336 33.39 17.35 -44.49
N GLU C 337 32.31 17.54 -45.24
CA GLU C 337 31.52 18.75 -45.09
C GLU C 337 30.69 18.75 -43.81
N ILE C 338 30.40 17.58 -43.23
CA ILE C 338 29.66 17.57 -41.97
C ILE C 338 30.56 17.47 -40.75
N ASN C 339 31.86 17.20 -40.93
CA ASN C 339 32.80 17.30 -39.83
C ASN C 339 33.61 18.60 -39.86
N LYS C 340 33.54 19.36 -40.94
CA LYS C 340 34.24 20.64 -41.00
C LYS C 340 33.72 21.60 -39.93
N SER C 341 32.41 21.63 -39.73
CA SER C 341 31.79 22.43 -38.69
C SER C 341 31.33 21.50 -37.57
N GLY C 342 31.77 21.79 -36.33
CA GLY C 342 31.45 20.93 -35.22
C GLY C 342 30.04 21.06 -34.71
N THR C 343 29.30 22.07 -35.16
CA THR C 343 27.93 22.27 -34.68
C THR C 343 27.00 21.21 -35.26
N VAL C 344 27.11 20.93 -36.56
CA VAL C 344 26.18 20.00 -37.19
C VAL C 344 26.44 18.57 -36.73
N LYS C 345 27.71 18.19 -36.56
CA LYS C 345 28.03 16.81 -36.20
C LYS C 345 27.53 16.47 -34.80
N ARG C 346 27.56 17.43 -33.88
CA ARG C 346 27.00 17.19 -32.55
C ARG C 346 25.50 16.94 -32.61
N LYS C 347 24.81 17.70 -33.47
CA LYS C 347 23.37 17.49 -33.65
C LYS C 347 23.09 16.13 -34.28
N ILE C 348 23.92 15.72 -35.24
CA ILE C 348 23.75 14.41 -35.86
C ILE C 348 23.97 13.30 -34.84
N LYS C 349 24.99 13.46 -33.98
CA LYS C 349 25.28 12.44 -32.98
C LYS C 349 24.12 12.28 -32.00
N ASN C 350 23.49 13.39 -31.62
CA ASN C 350 22.38 13.35 -30.67
C ASN C 350 21.08 12.83 -31.27
N GLN C 351 21.03 12.62 -32.59
CA GLN C 351 19.83 12.14 -33.26
C GLN C 351 20.08 10.76 -33.86
N SER C 352 19.03 9.95 -33.90
CA SER C 352 19.12 8.60 -34.43
C SER C 352 19.06 8.62 -35.95
N VAL C 353 19.38 7.47 -36.55
CA VAL C 353 19.31 7.33 -38.00
C VAL C 353 17.87 7.37 -38.48
N PHE C 354 16.97 6.70 -37.76
CA PHE C 354 15.57 6.62 -38.18
C PHE C 354 14.93 8.01 -38.17
N ASP C 355 15.10 8.75 -37.07
CA ASP C 355 14.51 10.09 -36.98
C ASP C 355 15.11 11.02 -38.01
N LEU C 356 16.42 10.95 -38.21
CA LEU C 356 17.08 11.83 -39.18
C LEU C 356 16.57 11.56 -40.58
N SER C 357 16.46 10.28 -40.98
CA SER C 357 15.95 9.95 -42.30
C SER C 357 14.49 10.36 -42.45
N ARG C 358 13.68 10.14 -41.40
CA ARG C 358 12.27 10.52 -41.45
C ARG C 358 12.10 12.02 -41.62
N GLU C 359 12.92 12.81 -40.93
CA GLU C 359 12.87 14.26 -41.09
C GLU C 359 13.40 14.68 -42.46
N CYS C 360 14.41 13.98 -42.98
CA CYS C 360 14.94 14.31 -44.30
C CYS C 360 13.89 14.11 -45.38
N LEU C 361 13.11 13.02 -45.29
CA LEU C 361 12.04 12.80 -46.26
C LEU C 361 10.75 13.49 -45.88
N GLY C 362 10.67 14.10 -44.71
CA GLY C 362 9.48 14.84 -44.31
C GLY C 362 8.24 13.98 -44.16
N TYR C 363 8.37 12.79 -43.59
CA TYR C 363 7.22 11.94 -43.35
C TYR C 363 6.51 12.34 -42.07
N PRO C 364 5.23 12.00 -41.94
CA PRO C 364 4.54 12.19 -40.65
C PRO C 364 5.07 11.22 -39.61
N GLU C 365 4.74 11.51 -38.35
CA GLU C 365 5.22 10.67 -37.25
C GLU C 365 4.34 9.43 -37.08
N ALA C 366 3.07 9.63 -36.73
CA ALA C 366 2.21 8.50 -36.38
C ALA C 366 1.95 7.59 -37.58
N ASP C 367 1.67 8.19 -38.75
CA ASP C 367 1.37 7.38 -39.92
C ASP C 367 2.55 6.53 -40.34
N PHE C 368 3.75 7.13 -40.38
CA PHE C 368 4.94 6.37 -40.75
C PHE C 368 5.26 5.30 -39.70
N ILE C 369 5.08 5.63 -38.41
CA ILE C 369 5.35 4.65 -37.37
C ILE C 369 4.42 3.46 -37.50
N THR C 370 3.13 3.70 -37.75
CA THR C 370 2.18 2.61 -37.93
C THR C 370 2.51 1.79 -39.17
N LEU C 371 2.87 2.47 -40.27
CA LEU C 371 3.24 1.75 -41.48
C LEU C 371 4.45 0.85 -41.26
N VAL C 372 5.45 1.36 -40.55
CA VAL C 372 6.64 0.56 -40.25
C VAL C 372 6.27 -0.62 -39.34
N ASN C 373 5.44 -0.38 -38.33
CA ASN C 373 5.03 -1.45 -37.43
C ASN C 373 4.14 -2.47 -38.10
N ASN C 374 3.58 -2.14 -39.26
CA ASN C 374 2.77 -3.09 -40.03
C ASN C 374 3.54 -3.65 -41.22
N MET C 375 4.84 -3.91 -41.04
CA MET C 375 5.70 -4.38 -42.12
C MET C 375 6.65 -5.44 -41.58
N ARG C 376 7.45 -6.00 -42.48
CA ARG C 376 8.53 -6.91 -42.13
C ARG C 376 9.79 -6.51 -42.90
N PHE C 377 10.94 -6.68 -42.25
CA PHE C 377 12.19 -6.21 -42.81
C PHE C 377 13.25 -7.30 -42.65
N LYS C 378 14.23 -7.27 -43.55
CA LYS C 378 15.42 -8.12 -43.49
C LYS C 378 16.63 -7.20 -43.44
N ILE C 379 17.30 -7.17 -42.30
CA ILE C 379 18.36 -6.20 -42.02
C ILE C 379 19.67 -6.94 -41.85
N GLU C 380 20.69 -6.49 -42.58
CA GLU C 380 22.04 -7.04 -42.47
C GLU C 380 23.04 -5.89 -42.41
N ASN C 381 24.04 -6.05 -41.53
CA ASN C 381 25.07 -5.03 -41.34
C ASN C 381 24.46 -3.67 -40.99
N CYS C 382 23.40 -3.69 -40.18
CA CYS C 382 22.68 -2.49 -39.76
C CYS C 382 22.15 -1.70 -40.96
N LYS C 383 21.81 -2.41 -42.04
CA LYS C 383 21.29 -1.78 -43.25
C LYS C 383 20.10 -2.59 -43.75
N VAL C 384 19.19 -1.91 -44.44
CA VAL C 384 17.96 -2.52 -44.95
C VAL C 384 18.18 -2.95 -46.39
N VAL C 385 17.86 -4.21 -46.68
CA VAL C 385 17.97 -4.73 -48.04
C VAL C 385 16.65 -5.28 -48.57
N ASN C 386 15.72 -5.67 -47.72
CA ASN C 386 14.45 -6.22 -48.16
C ASN C 386 13.35 -5.82 -47.20
N PHE C 387 12.21 -5.40 -47.74
CA PHE C 387 11.05 -5.05 -46.94
C PHE C 387 9.79 -5.58 -47.61
N ASN C 388 8.78 -5.84 -46.79
CA ASN C 388 7.52 -6.37 -47.30
C ASN C 388 6.39 -5.99 -46.37
N ILE C 389 5.17 -6.11 -46.88
CA ILE C 389 3.96 -5.77 -46.14
C ILE C 389 3.39 -7.04 -45.52
N GLU C 390 3.07 -6.97 -44.24
CA GLU C 390 2.45 -8.10 -43.55
C GLU C 390 0.95 -7.90 -43.35
N ASN C 391 0.48 -6.67 -43.20
CA ASN C 391 -0.94 -6.37 -43.06
C ASN C 391 -1.31 -5.30 -44.08
N THR C 392 -2.31 -5.60 -44.90
CA THR C 392 -2.76 -4.68 -45.94
C THR C 392 -3.90 -3.78 -45.48
N ASN C 393 -4.38 -3.96 -44.25
CA ASN C 393 -5.46 -3.10 -43.74
C ASN C 393 -4.98 -1.65 -43.63
N CYS C 394 -3.77 -1.45 -43.10
CA CYS C 394 -3.23 -0.10 -42.97
C CYS C 394 -3.03 0.57 -44.33
N LEU C 395 -2.95 -0.22 -45.41
CA LEU C 395 -2.83 0.33 -46.74
C LEU C 395 -4.14 0.98 -47.22
N ASN C 396 -5.24 0.81 -46.47
CA ASN C 396 -6.49 1.45 -46.86
C ASN C 396 -6.38 2.97 -46.84
N ASN C 397 -5.64 3.50 -45.87
CA ASN C 397 -5.44 4.94 -45.78
C ASN C 397 -4.64 5.42 -46.98
N PRO C 398 -5.12 6.40 -47.75
CA PRO C 398 -4.36 6.87 -48.92
C PRO C 398 -3.00 7.43 -48.57
N SER C 399 -2.86 8.07 -47.41
CA SER C 399 -1.57 8.60 -47.00
C SER C 399 -0.55 7.49 -46.80
N ILE C 400 -0.99 6.36 -46.23
CA ILE C 400 -0.09 5.23 -46.03
C ILE C 400 0.38 4.67 -47.36
N GLU C 401 -0.53 4.55 -48.32
CA GLU C 401 -0.15 4.08 -49.65
C GLU C 401 0.83 5.06 -50.32
N THR C 402 0.57 6.36 -50.21
CA THR C 402 1.45 7.34 -50.81
C THR C 402 2.84 7.29 -50.21
N ILE C 403 2.92 7.12 -48.88
CA ILE C 403 4.22 7.02 -48.23
C ILE C 403 4.93 5.73 -48.64
N TYR C 404 4.19 4.61 -48.68
CA TYR C 404 4.79 3.32 -49.00
C TYR C 404 5.24 3.23 -50.45
N GLY C 405 4.63 4.01 -51.34
CA GLY C 405 5.03 3.98 -52.74
C GLY C 405 6.47 4.39 -52.99
N ASN C 406 7.06 5.15 -52.07
CA ASN C 406 8.43 5.63 -52.21
C ASN C 406 9.30 5.14 -51.07
N PHE C 407 9.16 3.86 -50.71
CA PHE C 407 9.98 3.30 -49.64
C PHE C 407 11.42 3.05 -50.09
N ASN C 408 11.65 2.92 -51.39
CA ASN C 408 13.01 2.71 -51.89
C ASN C 408 13.89 3.91 -51.60
N GLN C 409 13.38 5.12 -51.82
CA GLN C 409 14.15 6.32 -51.50
C GLN C 409 14.42 6.41 -50.00
N PHE C 410 13.44 6.05 -49.18
CA PHE C 410 13.63 6.08 -47.73
C PHE C 410 14.72 5.10 -47.31
N VAL C 411 14.70 3.88 -47.86
CA VAL C 411 15.71 2.91 -47.44
C VAL C 411 17.09 3.29 -47.97
N SER C 412 17.15 3.92 -49.16
CA SER C 412 18.44 4.42 -49.64
C SER C 412 18.99 5.49 -48.73
N ILE C 413 18.14 6.44 -48.32
CA ILE C 413 18.58 7.49 -47.40
C ILE C 413 18.99 6.88 -46.06
N PHE C 414 18.23 5.89 -45.58
CA PHE C 414 18.55 5.24 -44.32
C PHE C 414 19.91 4.56 -44.37
N ASN C 415 20.18 3.84 -45.47
CA ASN C 415 21.46 3.18 -45.62
C ASN C 415 22.61 4.18 -45.72
N THR C 416 22.40 5.27 -46.47
CA THR C 416 23.45 6.28 -46.59
C THR C 416 23.75 6.92 -45.24
N VAL C 417 22.71 7.25 -44.47
CA VAL C 417 22.92 7.88 -43.16
C VAL C 417 23.60 6.90 -42.21
N THR C 418 23.21 5.63 -42.25
CA THR C 418 23.86 4.63 -41.40
C THR C 418 25.34 4.49 -41.77
N ASP C 419 25.64 4.46 -43.07
CA ASP C 419 27.03 4.31 -43.49
C ASP C 419 27.86 5.52 -43.08
N VAL C 420 27.32 6.73 -43.21
CA VAL C 420 28.09 7.91 -42.85
C VAL C 420 28.25 8.00 -41.33
N LYS C 421 27.22 7.62 -40.57
CA LYS C 421 27.33 7.65 -39.12
C LYS C 421 28.28 6.56 -38.61
N LYS C 422 28.46 5.49 -39.38
CA LYS C 422 29.48 4.50 -39.02
C LYS C 422 30.87 5.10 -38.97
N ARG C 423 31.12 6.19 -39.71
CA ARG C 423 32.40 6.86 -39.68
C ARG C 423 32.41 8.13 -38.83
N LEU C 424 31.27 8.81 -38.67
CA LEU C 424 31.23 9.96 -37.78
C LEU C 424 31.32 9.57 -36.31
N PHE C 425 30.92 8.34 -35.98
CA PHE C 425 30.89 7.86 -34.60
C PHE C 425 30.05 8.78 -33.70
#